data_9JNK
#
_entry.id   9JNK
#
loop_
_entity.id
_entity.type
_entity.pdbx_description
1 polymer 'DNA topoisomerase large subunit,DNA topoisomerase small subunit'
2 polymer 'DNA topoisomerase medium subunit'
3 polymer 'DNA (25-MER)'
4 polymer 'DNA (25-MER)'
#
loop_
_entity_poly.entity_id
_entity_poly.type
_entity_poly.pdbx_seq_one_letter_code
_entity_poly.pdbx_strand_id
1 'polypeptide(L)'
;MIKNEIKILSDIEHIKKRSGMYIGSSANETHERFMFGKWESVQYVPGLVKLIDEIIDNSVDEGIRTKFKFANKINVTIKN
NQVTVEDNGRGIPQAMVKTPTGEEIPGPVAAWTIPKAGGNFGDDKERVTGGMNGVGSSLTNIFSVMFVGETGDGQNNIVV
RCSNGMENKSWEDIPGKWKGTRVTFIPDFMSFETNELSQVYLDITLDRLQTLAVVYPDIQFTFNGKKVQGNFKKYARQYD
EHAIVQEQENCSIAVGRSPDGFRQLTYVNNIHTKNGGHHIDCAMDDICEDLIPQIKRKFKIDVTKARVKECLTIVMFVRD
MKNMRLIRQTKERLTSPFGEIRSHIQLDAKKISRDILNNEAILMPIIEAALARKLAAEKAAETKAAKKASKAKVHKHIKA
NLCGKDADTTLFLTEGDSAIGYLIDVRDKELHGGYPLRGKVLNSWGMSYADMLKNKELFDICAITGLVLGEKAFEEKEDG
EWFTFELNGDTIIVNENDEVQINGKWITVGELRKNLMKFVKIDSSSVDMKKYKLQNNVRRSIKSSSMNYANVAIMTDADH
DGLGSIYPSLLGFFSNWPELFEQGRIRFVKTPVIIAQVGKKQEWFYTVAEYESAKDALPKHSIRYIKGLGSLEKSEYREM
IQNPVYDVVKLPENWKELFEMLMGDNADLRKEWMSQHHHHHH
;
A,B
2 'polypeptide(L)'
;MQLNNRDLKSIIDNEALAYAMYTVENRAIPNMIDGFKPVQRFVIARALDLARGNKDKFHKLASIAGGVADLGYHHGENSA
QDAGALMANTWNNNFPLLDGQGNFGSRTVQKAAASRYIFARVSKNFYNVYKDTEYAPVHQDKEHIPPAFYLPIIPTVLLN
GVSGIATGYATYILPHSVSSVKKAVLQALQGKKVTKPKVEFPEFRGEVVEIDGQYEIRGTYKFTSRTQMHITEIPYKYDR
ETYVSKILDPLENKGFITWDDACGEHGFGFKVKFRKEYSLSDNEEERHAKIMKDFGLIERRSQNITVINEKGKLQVYDNV
VDLIKDFVEVRKTYVQKRIDNKIKETESAFRLAFAKAHFIKKVISGEIVVQGKTRKELTEELSKIDMYSSYVDKLVGMNI
FHMTSDEAKKLAEEAKAKKEENEYWKTTDVVTEYTKDLEEIKHHHHHHHHHH
;
C,D
3 'polydeoxyribonucleotide'
;(DT)(DA)(DT)(DA)(DT)(DA)(DT)(DA)(DT)(DA)(DT)(DA)(DT)(DA)(DT)(DA)(DT)(DA)(DT)(DA)
(DT)(DA)(DT)(DA)(DT)
;
E
4 'polydeoxyribonucleotide'
;(DA)(DT)(DA)(DT)(DA)(DT)(DA)(DT)(DA)(DT)(DA)(DT)(DA)(DT)(DA)(DT)(DA)(DT)(DA)(DT)
(DA)(DT)(DA)(DT)(DA)
;
F
#
loop_
_chem_comp.id
_chem_comp.type
_chem_comp.name
_chem_comp.formula
DA DNA linking 2'-DEOXYADENOSINE-5'-MONOPHOSPHATE 'C10 H14 N5 O6 P'
DT DNA linking THYMIDINE-5'-MONOPHOSPHATE 'C10 H15 N2 O8 P'
#
# COMPACT_ATOMS: atom_id res chain seq x y z
N ALA A 392 -29.40 -35.18 6.86
CA ALA A 392 -27.99 -35.33 6.59
C ALA A 392 -27.15 -34.54 7.59
N LYS A 393 -25.90 -34.24 7.21
CA LYS A 393 -24.98 -33.50 8.06
C LYS A 393 -24.46 -32.31 7.29
N VAL A 394 -24.51 -31.14 7.93
CA VAL A 394 -23.91 -29.94 7.36
C VAL A 394 -22.48 -29.81 7.87
N HIS A 395 -21.55 -29.55 6.95
CA HIS A 395 -20.14 -29.63 7.29
C HIS A 395 -19.72 -28.47 8.20
N LYS A 396 -19.84 -27.23 7.73
CA LYS A 396 -19.38 -26.08 8.48
C LYS A 396 -20.27 -25.75 9.67
N HIS A 397 -21.45 -26.37 9.77
CA HIS A 397 -22.33 -26.13 10.91
C HIS A 397 -21.73 -26.70 12.18
N ILE A 398 -21.88 -25.96 13.28
CA ILE A 398 -21.43 -26.40 14.59
C ILE A 398 -22.68 -26.65 15.43
N LYS A 399 -23.07 -27.91 15.54
CA LYS A 399 -24.32 -28.26 16.20
C LYS A 399 -24.23 -28.04 17.69
N ALA A 400 -25.26 -27.41 18.26
CA ALA A 400 -25.36 -27.24 19.69
C ALA A 400 -25.83 -28.54 20.34
N ASN A 401 -25.44 -28.72 21.61
CA ASN A 401 -25.77 -29.96 22.30
C ASN A 401 -27.28 -30.13 22.46
N LEU A 402 -27.99 -29.06 22.79
CA LEU A 402 -29.43 -29.10 22.97
C LEU A 402 -30.20 -28.81 21.69
N CYS A 403 -29.52 -28.68 20.56
CA CYS A 403 -30.20 -28.38 19.30
C CYS A 403 -31.19 -29.48 18.96
N GLY A 404 -32.40 -29.08 18.58
CA GLY A 404 -33.47 -30.02 18.29
C GLY A 404 -34.38 -30.34 19.46
N LYS A 405 -34.04 -29.88 20.66
CA LYS A 405 -34.84 -30.12 21.84
C LYS A 405 -35.66 -28.88 22.17
N ASP A 406 -36.34 -28.93 23.32
CA ASP A 406 -37.12 -27.79 23.81
C ASP A 406 -36.24 -26.92 24.71
N ALA A 407 -35.24 -26.30 24.09
CA ALA A 407 -34.29 -25.46 24.80
C ALA A 407 -34.10 -24.17 24.02
N ASP A 408 -33.68 -23.13 24.74
CA ASP A 408 -33.48 -21.82 24.14
C ASP A 408 -32.18 -21.78 23.34
N THR A 409 -32.12 -22.53 22.25
CA THR A 409 -30.93 -22.59 21.43
C THR A 409 -30.80 -21.33 20.57
N THR A 410 -29.64 -21.19 19.93
CA THR A 410 -29.37 -20.05 19.07
C THR A 410 -28.44 -20.49 17.96
N LEU A 411 -28.64 -19.96 16.76
CA LEU A 411 -27.75 -20.19 15.63
C LEU A 411 -27.17 -18.86 15.19
N PHE A 412 -25.86 -18.84 14.94
CA PHE A 412 -25.15 -17.62 14.60
C PHE A 412 -24.69 -17.70 13.15
N LEU A 413 -25.27 -16.86 12.30
CA LEU A 413 -24.88 -16.79 10.90
C LEU A 413 -23.76 -15.77 10.76
N THR A 414 -22.59 -16.13 11.28
CA THR A 414 -21.45 -15.24 11.28
C THR A 414 -20.93 -15.02 9.86
N GLU A 415 -20.49 -13.80 9.59
CA GLU A 415 -19.91 -13.46 8.29
C GLU A 415 -18.44 -13.87 8.28
N GLY A 416 -18.10 -14.82 7.43
CA GLY A 416 -16.73 -15.27 7.33
C GLY A 416 -16.47 -16.53 8.14
N ASP A 417 -15.44 -17.27 7.76
CA ASP A 417 -15.06 -18.48 8.44
C ASP A 417 -14.04 -18.25 9.55
N SER A 418 -13.48 -17.05 9.65
CA SER A 418 -12.48 -16.79 10.67
C SER A 418 -13.10 -16.64 12.05
N ALA A 419 -14.22 -15.93 12.15
CA ALA A 419 -14.87 -15.70 13.44
C ALA A 419 -15.56 -16.93 13.98
N ILE A 420 -15.74 -17.97 13.16
CA ILE A 420 -16.36 -19.19 13.66
C ILE A 420 -15.44 -19.87 14.66
N GLY A 421 -14.12 -19.68 14.52
CA GLY A 421 -13.21 -20.20 15.53
C GLY A 421 -13.36 -19.51 16.87
N TYR A 422 -13.51 -18.18 16.86
CA TYR A 422 -13.80 -17.46 18.09
C TYR A 422 -15.12 -17.92 18.68
N LEU A 423 -16.12 -18.17 17.83
CA LEU A 423 -17.38 -18.69 18.32
C LEU A 423 -17.20 -20.04 19.00
N ILE A 424 -16.42 -20.93 18.38
CA ILE A 424 -16.14 -22.23 19.00
C ILE A 424 -15.51 -22.04 20.36
N ASP A 425 -14.55 -21.11 20.46
CA ASP A 425 -13.86 -20.89 21.71
C ASP A 425 -14.78 -20.33 22.79
N VAL A 426 -15.72 -19.45 22.44
CA VAL A 426 -16.47 -18.69 23.44
C VAL A 426 -17.92 -19.13 23.58
N ARG A 427 -18.45 -19.94 22.66
CA ARG A 427 -19.86 -20.26 22.69
C ARG A 427 -20.21 -21.14 23.89
N ASP A 428 -21.46 -21.07 24.31
CA ASP A 428 -22.03 -22.02 25.26
C ASP A 428 -22.35 -23.29 24.48
N LYS A 429 -21.64 -24.38 24.81
CA LYS A 429 -21.76 -25.60 24.03
C LYS A 429 -23.18 -26.14 24.03
N GLU A 430 -23.93 -25.91 25.10
CA GLU A 430 -25.27 -26.48 25.21
C GLU A 430 -26.26 -25.78 24.28
N LEU A 431 -26.24 -24.44 24.27
CA LEU A 431 -27.27 -23.64 23.61
C LEU A 431 -26.84 -23.10 22.26
N HIS A 432 -25.75 -22.32 22.22
CA HIS A 432 -25.38 -21.63 20.99
C HIS A 432 -24.84 -22.61 19.95
N GLY A 433 -25.26 -22.44 18.72
CA GLY A 433 -24.76 -23.18 17.58
C GLY A 433 -23.77 -22.35 16.79
N GLY A 434 -23.89 -22.41 15.47
CA GLY A 434 -23.04 -21.60 14.63
C GLY A 434 -22.94 -22.08 13.19
N TYR A 435 -22.69 -21.14 12.28
CA TYR A 435 -22.50 -21.43 10.86
C TYR A 435 -21.87 -20.23 10.19
N PRO A 436 -20.84 -20.41 9.38
CA PRO A 436 -20.16 -19.26 8.77
C PRO A 436 -20.73 -18.90 7.41
N LEU A 437 -20.78 -17.60 7.12
CA LEU A 437 -21.19 -17.08 5.82
C LEU A 437 -19.97 -16.44 5.16
N ARG A 438 -19.48 -17.07 4.10
CA ARG A 438 -18.21 -16.69 3.48
C ARG A 438 -18.41 -15.91 2.18
N GLY A 439 -19.47 -15.13 2.07
CA GLY A 439 -19.75 -14.47 0.81
C GLY A 439 -20.46 -13.14 0.88
N LYS A 440 -21.35 -12.92 -0.08
CA LYS A 440 -21.99 -11.62 -0.30
C LYS A 440 -23.50 -11.76 -0.32
N VAL A 441 -24.19 -10.72 -0.80
CA VAL A 441 -25.65 -10.68 -0.90
C VAL A 441 -26.18 -12.00 -1.42
N LEU A 442 -27.14 -12.57 -0.71
CA LEU A 442 -27.67 -13.90 -1.01
C LEU A 442 -28.92 -13.85 -1.89
N ASN A 443 -29.34 -12.65 -2.32
CA ASN A 443 -30.50 -12.46 -3.20
C ASN A 443 -31.71 -13.07 -2.50
N SER A 444 -32.40 -14.03 -3.12
CA SER A 444 -33.54 -14.80 -2.63
C SER A 444 -34.84 -13.98 -2.62
N TRP A 445 -34.79 -12.68 -2.94
CA TRP A 445 -36.03 -11.93 -3.04
C TRP A 445 -36.72 -12.19 -4.36
N GLY A 446 -35.99 -12.71 -5.36
CA GLY A 446 -36.58 -13.07 -6.62
C GLY A 446 -37.42 -14.34 -6.58
N MET A 447 -37.53 -14.97 -5.41
CA MET A 447 -38.31 -16.18 -5.22
C MET A 447 -37.75 -17.31 -6.08
N SER A 448 -38.63 -18.06 -6.74
CA SER A 448 -38.21 -19.23 -7.52
C SER A 448 -37.47 -20.21 -6.61
N TYR A 449 -38.20 -20.80 -5.67
CA TYR A 449 -37.67 -21.68 -4.62
C TYR A 449 -36.56 -22.58 -5.13
N ALA A 450 -36.76 -23.21 -6.28
CA ALA A 450 -35.74 -24.08 -6.86
C ALA A 450 -34.48 -23.31 -7.24
N ASP A 451 -34.65 -22.13 -7.85
CA ASP A 451 -33.50 -21.35 -8.28
C ASP A 451 -32.66 -20.88 -7.11
N MET A 452 -33.30 -20.45 -6.03
CA MET A 452 -32.58 -19.98 -4.86
C MET A 452 -32.19 -21.11 -3.92
N LEU A 453 -32.68 -22.32 -4.15
CA LEU A 453 -32.13 -23.48 -3.47
C LEU A 453 -30.83 -23.97 -4.09
N LYS A 454 -30.45 -23.41 -5.25
CA LYS A 454 -29.15 -23.73 -5.84
C LYS A 454 -28.02 -23.19 -4.98
N ASN A 455 -28.24 -22.06 -4.31
CA ASN A 455 -27.20 -21.46 -3.47
C ASN A 455 -26.89 -22.39 -2.30
N LYS A 456 -25.60 -22.68 -2.11
CA LYS A 456 -25.19 -23.62 -1.08
C LYS A 456 -25.51 -23.08 0.32
N GLU A 457 -25.27 -21.79 0.55
CA GLU A 457 -25.49 -21.23 1.88
C GLU A 457 -26.97 -21.30 2.27
N LEU A 458 -27.87 -21.00 1.33
CA LEU A 458 -29.29 -21.07 1.63
C LEU A 458 -29.73 -22.49 1.95
N PHE A 459 -29.25 -23.47 1.16
CA PHE A 459 -29.58 -24.85 1.42
C PHE A 459 -29.06 -25.31 2.78
N ASP A 460 -27.83 -24.92 3.12
CA ASP A 460 -27.27 -25.30 4.41
C ASP A 460 -28.03 -24.65 5.56
N ILE A 461 -28.44 -23.40 5.39
CA ILE A 461 -29.23 -22.72 6.43
C ILE A 461 -30.56 -23.45 6.62
N CYS A 462 -31.20 -23.84 5.52
CA CYS A 462 -32.45 -24.58 5.62
C CYS A 462 -32.25 -25.92 6.32
N ALA A 463 -31.14 -26.61 6.01
CA ALA A 463 -30.87 -27.89 6.65
C ALA A 463 -30.60 -27.73 8.14
N ILE A 464 -29.88 -26.68 8.53
CA ILE A 464 -29.51 -26.48 9.92
C ILE A 464 -30.73 -26.07 10.75
N THR A 465 -31.36 -24.96 10.36
CA THR A 465 -32.46 -24.41 11.14
C THR A 465 -33.70 -25.31 11.14
N GLY A 466 -33.77 -26.27 10.23
CA GLY A 466 -34.99 -27.04 10.06
C GLY A 466 -36.04 -26.37 9.22
N LEU A 467 -35.77 -25.17 8.72
CA LEU A 467 -36.74 -24.45 7.91
C LEU A 467 -36.87 -25.09 6.54
N VAL A 468 -38.10 -25.12 6.03
CA VAL A 468 -38.38 -25.55 4.67
C VAL A 468 -39.26 -24.50 4.01
N LEU A 469 -38.92 -24.15 2.78
CA LEU A 469 -39.61 -23.06 2.09
C LEU A 469 -41.04 -23.47 1.73
N GLY A 470 -41.96 -22.52 1.81
CA GLY A 470 -43.34 -22.76 1.48
C GLY A 470 -44.18 -23.37 2.58
N GLU A 471 -43.57 -23.73 3.71
CA GLU A 471 -44.28 -24.33 4.82
C GLU A 471 -44.05 -23.50 6.07
N LYS A 472 -45.11 -23.33 6.86
CA LYS A 472 -45.00 -22.55 8.09
C LYS A 472 -43.93 -23.15 9.01
N ALA A 473 -43.14 -22.28 9.63
CA ALA A 473 -42.04 -22.73 10.47
C ALA A 473 -42.54 -23.56 11.64
N PHE A 474 -43.66 -23.15 12.24
CA PHE A 474 -44.20 -23.86 13.38
C PHE A 474 -45.71 -23.65 13.43
N GLU A 475 -46.39 -24.55 14.12
CA GLU A 475 -47.83 -24.49 14.29
C GLU A 475 -48.16 -23.97 15.69
N GLU A 476 -48.93 -22.89 15.75
CA GLU A 476 -49.24 -22.26 17.01
C GLU A 476 -50.30 -23.05 17.78
N LYS A 477 -50.34 -22.82 19.08
CA LYS A 477 -51.32 -23.48 19.94
C LYS A 477 -52.73 -23.00 19.61
N GLU A 478 -53.70 -23.90 19.74
CA GLU A 478 -55.09 -23.56 19.48
C GLU A 478 -55.58 -22.53 20.49
N ASP A 479 -56.43 -21.63 20.01
CA ASP A 479 -56.95 -20.56 20.86
C ASP A 479 -57.86 -21.13 21.95
N GLY A 480 -57.68 -20.64 23.17
CA GLY A 480 -58.48 -21.09 24.29
C GLY A 480 -59.14 -19.95 25.05
N GLU A 481 -58.86 -19.85 26.35
CA GLU A 481 -59.42 -18.80 27.18
C GLU A 481 -58.49 -17.60 27.19
N TRP A 482 -59.08 -16.41 27.12
CA TRP A 482 -58.33 -15.17 27.08
C TRP A 482 -58.34 -14.49 28.45
N PHE A 483 -57.21 -13.91 28.83
CA PHE A 483 -57.06 -13.26 30.11
C PHE A 483 -56.39 -11.90 29.94
N THR A 484 -56.77 -10.96 30.80
CA THR A 484 -56.20 -9.62 30.81
C THR A 484 -55.58 -9.34 32.18
N PHE A 485 -54.47 -8.61 32.17
CA PHE A 485 -53.80 -8.24 33.41
C PHE A 485 -53.14 -6.88 33.23
N GLU A 486 -52.88 -6.21 34.36
CA GLU A 486 -52.20 -4.93 34.37
C GLU A 486 -50.71 -5.18 34.55
N LEU A 487 -49.94 -5.04 33.48
CA LEU A 487 -48.50 -5.28 33.49
C LEU A 487 -47.79 -3.93 33.47
N ASN A 488 -47.14 -3.60 34.58
CA ASN A 488 -46.40 -2.34 34.73
C ASN A 488 -47.31 -1.15 34.44
N GLY A 489 -48.54 -1.21 34.92
CA GLY A 489 -49.51 -0.16 34.70
C GLY A 489 -50.17 -0.16 33.33
N ASP A 490 -49.86 -1.15 32.48
CA ASP A 490 -50.43 -1.23 31.15
C ASP A 490 -51.36 -2.43 31.06
N THR A 491 -52.58 -2.19 30.58
CA THR A 491 -53.53 -3.28 30.40
C THR A 491 -53.14 -4.11 29.18
N ILE A 492 -52.90 -5.40 29.40
CA ILE A 492 -52.48 -6.31 28.35
C ILE A 492 -53.46 -7.48 28.30
N ILE A 493 -54.01 -7.74 27.12
CA ILE A 493 -54.95 -8.83 26.90
C ILE A 493 -54.20 -9.99 26.25
N VAL A 494 -54.20 -11.15 26.92
CA VAL A 494 -53.53 -12.33 26.44
C VAL A 494 -54.52 -13.50 26.44
N ASN A 495 -54.01 -14.67 26.07
CA ASN A 495 -54.77 -15.91 26.07
C ASN A 495 -54.00 -16.92 26.90
N GLU A 496 -54.70 -17.95 27.38
CA GLU A 496 -54.15 -18.88 28.36
C GLU A 496 -52.88 -19.60 27.88
N ASN A 497 -52.51 -19.50 26.61
CA ASN A 497 -51.34 -20.21 26.09
C ASN A 497 -50.47 -19.30 25.22
N ASP A 498 -50.15 -18.11 25.72
CA ASP A 498 -49.13 -17.27 25.08
C ASP A 498 -47.89 -17.18 25.96
N GLU A 499 -46.93 -16.37 25.52
CA GLU A 499 -45.71 -16.10 26.26
C GLU A 499 -45.52 -14.60 26.35
N VAL A 500 -45.03 -14.14 27.51
CA VAL A 500 -44.88 -12.72 27.80
C VAL A 500 -43.41 -12.41 28.00
N GLN A 501 -42.92 -11.38 27.30
CA GLN A 501 -41.52 -10.96 27.40
C GLN A 501 -41.37 -9.98 28.56
N ILE A 502 -40.78 -10.45 29.65
CA ILE A 502 -40.57 -9.64 30.85
C ILE A 502 -39.09 -9.60 31.15
N ASN A 503 -38.52 -8.39 31.17
CA ASN A 503 -37.12 -8.18 31.53
C ASN A 503 -36.17 -9.04 30.69
N GLY A 504 -36.47 -9.13 29.39
CA GLY A 504 -35.63 -9.89 28.49
C GLY A 504 -35.83 -11.39 28.52
N LYS A 505 -36.82 -11.88 29.27
CA LYS A 505 -37.10 -13.31 29.37
C LYS A 505 -38.56 -13.55 29.00
N TRP A 506 -38.81 -14.69 28.37
CA TRP A 506 -40.15 -15.08 27.93
C TRP A 506 -40.75 -16.04 28.95
N ILE A 507 -41.91 -15.69 29.50
CA ILE A 507 -42.54 -16.45 30.57
C ILE A 507 -43.91 -16.91 30.10
N THR A 508 -44.25 -18.16 30.40
CA THR A 508 -45.54 -18.71 30.02
C THR A 508 -46.67 -18.05 30.81
N VAL A 509 -47.88 -18.13 30.24
CA VAL A 509 -49.06 -17.57 30.91
C VAL A 509 -49.34 -18.33 32.20
N GLY A 510 -49.20 -19.66 32.16
CA GLY A 510 -49.43 -20.44 33.36
C GLY A 510 -48.46 -20.10 34.48
N GLU A 511 -47.20 -19.85 34.13
CA GLU A 511 -46.22 -19.44 35.13
C GLU A 511 -46.60 -18.12 35.78
N LEU A 512 -47.04 -17.15 34.97
CA LEU A 512 -47.47 -15.87 35.50
C LEU A 512 -48.69 -16.03 36.40
N ARG A 513 -49.63 -16.90 36.01
CA ARG A 513 -50.79 -17.16 36.85
C ARG A 513 -50.37 -17.78 38.18
N LYS A 514 -49.42 -18.71 38.16
CA LYS A 514 -48.92 -19.33 39.37
C LYS A 514 -48.07 -18.38 40.21
N ASN A 515 -47.70 -17.22 39.68
CA ASN A 515 -46.86 -16.25 40.39
C ASN A 515 -47.67 -15.19 41.11
N LEU A 516 -48.89 -15.53 41.55
CA LEU A 516 -49.75 -14.63 42.31
C LEU A 516 -50.00 -13.32 41.56
N MET A 517 -50.28 -13.43 40.26
CA MET A 517 -50.62 -12.28 39.44
C MET A 517 -52.11 -12.34 39.12
N LYS A 518 -52.78 -11.20 39.27
CA LYS A 518 -54.22 -11.15 39.01
C LYS A 518 -54.51 -11.28 37.52
N PHE A 519 -55.44 -12.17 37.18
CA PHE A 519 -55.84 -12.41 35.80
C PHE A 519 -57.35 -12.25 35.71
N VAL A 520 -57.80 -11.52 34.69
CA VAL A 520 -59.22 -11.22 34.50
C VAL A 520 -59.71 -12.03 33.29
N LYS A 521 -60.69 -12.89 33.53
CA LYS A 521 -61.26 -13.69 32.45
C LYS A 521 -62.17 -12.82 31.59
N ILE A 522 -61.98 -12.89 30.28
CA ILE A 522 -62.72 -12.09 29.32
C ILE A 522 -63.18 -13.00 28.18
N ASP A 523 -64.44 -12.87 27.78
CA ASP A 523 -64.97 -13.68 26.70
C ASP A 523 -64.21 -13.41 25.40
N SER A 524 -64.06 -14.47 24.59
CA SER A 524 -63.27 -14.35 23.36
C SER A 524 -63.88 -13.35 22.40
N SER A 525 -65.22 -13.32 22.31
CA SER A 525 -65.89 -12.37 21.43
C SER A 525 -65.69 -10.92 21.87
N SER A 526 -65.34 -10.70 23.13
CA SER A 526 -65.12 -9.35 23.65
C SER A 526 -63.64 -8.97 23.70
N VAL A 527 -62.77 -9.76 23.08
CA VAL A 527 -61.34 -9.49 23.06
C VAL A 527 -61.00 -8.73 21.79
N ASP A 528 -60.29 -7.61 21.93
CA ASP A 528 -59.89 -6.79 20.80
C ASP A 528 -58.68 -7.45 20.13
N MET A 529 -58.91 -8.05 18.96
CA MET A 529 -57.81 -8.69 18.24
C MET A 529 -56.82 -7.66 17.69
N LYS A 530 -57.29 -6.47 17.32
CA LYS A 530 -56.38 -5.44 16.85
C LYS A 530 -55.43 -5.00 17.95
N LYS A 531 -55.95 -4.83 19.17
CA LYS A 531 -55.07 -4.51 20.30
C LYS A 531 -54.12 -5.66 20.61
N TYR A 532 -54.61 -6.90 20.54
CA TYR A 532 -53.77 -8.05 20.85
C TYR A 532 -52.62 -8.19 19.86
N LYS A 533 -52.89 -7.96 18.58
CA LYS A 533 -51.85 -8.10 17.56
C LYS A 533 -50.76 -7.04 17.71
N LEU A 534 -51.12 -5.86 18.22
CA LEU A 534 -50.16 -4.76 18.37
C LEU A 534 -49.22 -4.96 19.55
N GLN A 535 -49.55 -5.84 20.49
CA GLN A 535 -48.72 -6.06 21.67
C GLN A 535 -47.46 -6.80 21.27
N ASN A 536 -46.31 -6.13 21.40
CA ASN A 536 -45.02 -6.72 21.04
C ASN A 536 -44.41 -7.54 22.17
N ASN A 537 -44.98 -7.50 23.37
CA ASN A 537 -44.45 -8.24 24.51
C ASN A 537 -45.17 -9.57 24.71
N VAL A 538 -46.11 -9.93 23.85
CA VAL A 538 -46.88 -11.16 23.98
C VAL A 538 -46.72 -11.96 22.70
N ARG A 539 -46.36 -13.24 22.84
CA ARG A 539 -46.23 -14.13 21.70
C ARG A 539 -46.90 -15.46 22.02
N ARG A 540 -47.52 -16.05 21.01
CA ARG A 540 -48.23 -17.32 21.20
C ARG A 540 -47.23 -18.46 21.47
N SER A 541 -47.61 -19.34 22.39
CA SER A 541 -46.77 -20.50 22.69
C SER A 541 -46.80 -21.49 21.52
N ILE A 542 -45.64 -22.06 21.24
CA ILE A 542 -45.50 -22.99 20.10
C ILE A 542 -46.01 -24.36 20.53
N LYS A 543 -46.97 -24.90 19.79
CA LYS A 543 -47.48 -26.24 20.07
C LYS A 543 -46.52 -27.30 19.57
N SER A 544 -46.29 -27.32 18.25
CA SER A 544 -45.33 -28.23 17.63
C SER A 544 -44.43 -27.42 16.71
N SER A 545 -43.12 -27.63 16.83
CA SER A 545 -42.14 -26.87 16.06
C SER A 545 -41.20 -27.83 15.35
N SER A 546 -40.94 -27.57 14.07
CA SER A 546 -39.92 -28.27 13.32
C SER A 546 -38.57 -27.56 13.36
N MET A 547 -38.50 -26.39 13.98
CA MET A 547 -37.26 -25.63 14.05
C MET A 547 -36.25 -26.35 14.94
N ASN A 548 -35.00 -26.45 14.47
CA ASN A 548 -33.95 -27.02 15.30
C ASN A 548 -33.49 -26.03 16.36
N TYR A 549 -33.50 -24.74 16.04
CA TYR A 549 -33.04 -23.69 16.95
C TYR A 549 -34.21 -22.79 17.32
N ALA A 550 -34.23 -22.37 18.58
CA ALA A 550 -35.28 -21.48 19.06
C ALA A 550 -35.07 -20.04 18.61
N ASN A 551 -33.86 -19.67 18.17
CA ASN A 551 -33.58 -18.34 17.68
C ASN A 551 -32.56 -18.43 16.55
N VAL A 552 -32.41 -17.32 15.83
CA VAL A 552 -31.34 -17.15 14.86
C VAL A 552 -30.75 -15.77 15.06
N ALA A 553 -29.44 -15.71 15.27
CA ALA A 553 -28.75 -14.46 15.59
C ALA A 553 -27.78 -14.14 14.45
N ILE A 554 -28.07 -13.08 13.69
CA ILE A 554 -27.16 -12.67 12.62
C ILE A 554 -25.97 -11.93 13.21
N MET A 555 -24.85 -11.99 12.49
CA MET A 555 -23.58 -11.50 13.02
C MET A 555 -22.71 -11.09 11.83
N THR A 556 -22.65 -9.79 11.53
CA THR A 556 -21.97 -9.29 10.35
C THR A 556 -20.99 -8.19 10.76
N ASP A 557 -20.18 -7.76 9.80
CA ASP A 557 -19.22 -6.69 10.02
C ASP A 557 -19.86 -5.32 9.80
N ALA A 558 -19.38 -4.34 10.54
CA ALA A 558 -19.85 -2.97 10.40
C ALA A 558 -19.33 -2.30 9.14
N ASP A 559 -18.20 -2.74 8.60
CA ASP A 559 -17.69 -2.20 7.34
C ASP A 559 -18.45 -2.70 6.12
N HIS A 560 -19.24 -3.76 6.27
CA HIS A 560 -19.99 -4.34 5.16
C HIS A 560 -21.45 -3.86 5.15
N ASP A 561 -21.70 -2.64 5.62
CA ASP A 561 -23.04 -2.09 5.69
C ASP A 561 -23.22 -1.05 4.60
N GLY A 562 -24.33 -1.14 3.89
CA GLY A 562 -24.59 -0.22 2.78
C GLY A 562 -23.92 -0.59 1.48
N LEU A 563 -22.63 -0.96 1.53
CA LEU A 563 -21.90 -1.37 0.33
C LEU A 563 -22.16 -2.84 0.04
N GLY A 564 -23.44 -3.22 -0.01
CA GLY A 564 -23.79 -4.62 -0.11
C GLY A 564 -23.60 -5.31 1.23
N SER A 565 -24.44 -6.29 1.54
CA SER A 565 -24.37 -6.95 2.84
C SER A 565 -25.12 -8.26 2.76
N ILE A 566 -25.02 -9.04 3.83
CA ILE A 566 -25.86 -10.22 4.01
C ILE A 566 -27.02 -9.96 4.96
N TYR A 567 -26.93 -8.94 5.82
CA TYR A 567 -28.01 -8.66 6.76
C TYR A 567 -29.33 -8.36 6.05
N PRO A 568 -29.41 -7.43 5.08
CA PRO A 568 -30.64 -7.32 4.30
C PRO A 568 -30.95 -8.57 3.49
N SER A 569 -29.92 -9.25 2.98
CA SER A 569 -30.16 -10.47 2.21
C SER A 569 -30.69 -11.60 3.10
N LEU A 570 -30.09 -11.77 4.27
CA LEU A 570 -30.60 -12.77 5.21
C LEU A 570 -32.00 -12.40 5.67
N LEU A 571 -32.28 -11.11 5.83
CA LEU A 571 -33.63 -10.67 6.16
C LEU A 571 -34.62 -11.04 5.06
N GLY A 572 -34.24 -10.80 3.80
CA GLY A 572 -35.10 -11.18 2.70
C GLY A 572 -35.34 -12.67 2.62
N PHE A 573 -34.32 -13.46 2.93
CA PHE A 573 -34.50 -14.91 2.96
C PHE A 573 -35.41 -15.33 4.11
N PHE A 574 -35.21 -14.75 5.30
CA PHE A 574 -36.00 -15.13 6.46
C PHE A 574 -37.44 -14.61 6.39
N SER A 575 -37.71 -13.66 5.51
CA SER A 575 -39.08 -13.17 5.35
C SER A 575 -40.02 -14.24 4.83
N ASN A 576 -39.48 -15.33 4.28
CA ASN A 576 -40.34 -16.41 3.79
C ASN A 576 -41.13 -17.07 4.91
N TRP A 577 -40.74 -16.88 6.16
CA TRP A 577 -41.47 -17.35 7.32
C TRP A 577 -41.71 -16.17 8.25
N PRO A 578 -42.74 -15.37 7.98
CA PRO A 578 -42.98 -14.18 8.82
C PRO A 578 -43.29 -14.52 10.26
N GLU A 579 -43.71 -15.77 10.54
CA GLU A 579 -44.01 -16.15 11.92
C GLU A 579 -42.79 -16.03 12.82
N LEU A 580 -41.59 -16.16 12.26
CA LEU A 580 -40.38 -15.95 13.05
C LEU A 580 -40.31 -14.51 13.54
N PHE A 581 -40.61 -13.55 12.66
CA PHE A 581 -40.55 -12.14 13.06
C PHE A 581 -41.70 -11.78 13.98
N GLU A 582 -42.88 -12.40 13.77
CA GLU A 582 -44.01 -12.12 14.64
C GLU A 582 -43.72 -12.50 16.08
N GLN A 583 -42.93 -13.54 16.30
CA GLN A 583 -42.50 -13.92 17.65
C GLN A 583 -41.14 -13.36 18.01
N GLY A 584 -40.53 -12.55 17.15
CA GLY A 584 -39.23 -12.00 17.42
C GLY A 584 -38.14 -13.05 17.48
N ARG A 585 -38.15 -13.97 16.51
CA ARG A 585 -37.22 -15.09 16.49
C ARG A 585 -35.91 -14.73 15.79
N ILE A 586 -35.99 -14.12 14.61
CA ILE A 586 -34.80 -13.70 13.89
C ILE A 586 -34.25 -12.43 14.53
N ARG A 587 -32.98 -12.47 14.94
CA ARG A 587 -32.37 -11.35 15.64
C ARG A 587 -31.09 -10.91 14.97
N PHE A 588 -30.36 -9.99 15.59
CA PHE A 588 -29.12 -9.46 15.04
C PHE A 588 -28.24 -9.00 16.19
N VAL A 589 -27.07 -9.61 16.33
CA VAL A 589 -26.15 -9.25 17.41
C VAL A 589 -25.51 -7.92 17.06
N LYS A 590 -25.62 -6.96 17.97
CA LYS A 590 -25.12 -5.60 17.75
C LYS A 590 -23.64 -5.57 18.13
N THR A 591 -22.79 -5.61 17.13
CA THR A 591 -21.36 -5.46 17.36
C THR A 591 -21.05 -3.99 17.67
N PRO A 592 -20.34 -3.71 18.76
CA PRO A 592 -19.99 -2.31 19.05
C PRO A 592 -19.16 -1.71 17.93
N VAL A 593 -19.41 -0.43 17.66
CA VAL A 593 -18.64 0.29 16.65
C VAL A 593 -17.35 0.84 17.22
N ILE A 594 -17.39 1.31 18.47
CA ILE A 594 -16.22 1.83 19.16
C ILE A 594 -16.11 1.15 20.51
N ILE A 595 -14.94 0.57 20.79
CA ILE A 595 -14.66 -0.04 22.08
C ILE A 595 -13.63 0.85 22.77
N ALA A 596 -14.02 1.43 23.89
CA ALA A 596 -13.17 2.37 24.63
C ALA A 596 -12.63 1.67 25.87
N GLN A 597 -11.31 1.62 25.98
CA GLN A 597 -10.65 1.01 27.13
C GLN A 597 -10.43 2.08 28.18
N VAL A 598 -11.33 2.17 29.16
CA VAL A 598 -11.21 3.12 30.25
C VAL A 598 -10.42 2.42 31.37
N GLY A 599 -9.10 2.55 31.29
CA GLY A 599 -8.26 1.85 32.25
C GLY A 599 -8.35 0.35 32.05
N LYS A 600 -8.69 -0.36 33.12
CA LYS A 600 -8.87 -1.81 33.06
C LYS A 600 -10.26 -2.22 32.63
N LYS A 601 -11.19 -1.29 32.55
CA LYS A 601 -12.57 -1.58 32.16
C LYS A 601 -12.79 -1.22 30.69
N GLN A 602 -13.96 -1.59 30.18
CA GLN A 602 -14.31 -1.34 28.79
C GLN A 602 -15.73 -0.82 28.70
N GLU A 603 -15.94 0.15 27.81
CA GLU A 603 -17.27 0.65 27.49
C GLU A 603 -17.48 0.53 25.99
N TRP A 604 -18.65 0.03 25.60
CA TRP A 604 -18.96 -0.26 24.21
C TRP A 604 -19.98 0.73 23.68
N PHE A 605 -19.69 1.32 22.53
CA PHE A 605 -20.56 2.29 21.89
C PHE A 605 -20.98 1.73 20.54
N TYR A 606 -22.28 1.55 20.35
CA TYR A 606 -22.80 0.90 19.15
C TYR A 606 -23.02 1.86 18.01
N THR A 607 -22.84 3.16 18.22
CA THR A 607 -22.88 4.16 17.17
C THR A 607 -21.78 5.18 17.43
N VAL A 608 -21.30 5.81 16.36
CA VAL A 608 -20.28 6.83 16.51
C VAL A 608 -20.83 8.04 17.25
N ALA A 609 -22.10 8.38 17.01
CA ALA A 609 -22.69 9.54 17.67
C ALA A 609 -22.73 9.37 19.18
N GLU A 610 -23.02 8.14 19.65
CA GLU A 610 -23.04 7.89 21.09
C GLU A 610 -21.67 8.15 21.71
N TYR A 611 -20.60 7.70 21.05
CA TYR A 611 -19.27 7.96 21.57
C TYR A 611 -18.95 9.45 21.52
N GLU A 612 -19.28 10.12 20.43
CA GLU A 612 -18.99 11.55 20.32
C GLU A 612 -19.69 12.33 21.42
N SER A 613 -20.92 11.93 21.77
CA SER A 613 -21.63 12.59 22.85
C SER A 613 -21.10 12.21 24.22
N ALA A 614 -20.60 10.99 24.39
CA ALA A 614 -20.17 10.49 25.69
C ALA A 614 -18.66 10.50 25.90
N LYS A 615 -17.89 10.95 24.91
CA LYS A 615 -16.44 10.91 25.07
C LYS A 615 -15.95 11.97 26.07
N ASP A 616 -16.62 13.12 26.13
CA ASP A 616 -16.18 14.19 27.02
C ASP A 616 -16.31 13.78 28.49
N ALA A 617 -17.41 13.13 28.84
CA ALA A 617 -17.62 12.71 30.22
C ALA A 617 -16.74 11.52 30.61
N LEU A 618 -16.18 10.81 29.63
CA LEU A 618 -15.34 9.66 29.92
C LEU A 618 -14.00 10.10 30.50
N PRO A 619 -13.37 9.25 31.32
CA PRO A 619 -12.01 9.56 31.79
C PRO A 619 -10.98 9.33 30.70
N LYS A 620 -9.69 9.44 31.04
CA LYS A 620 -8.66 9.18 30.06
C LYS A 620 -8.77 7.75 29.55
N HIS A 621 -8.79 7.61 28.23
CA HIS A 621 -9.11 6.32 27.62
C HIS A 621 -8.54 6.28 26.21
N SER A 622 -8.49 5.07 25.65
CA SER A 622 -8.12 4.83 24.27
C SER A 622 -9.21 4.00 23.62
N ILE A 623 -9.55 4.34 22.38
CA ILE A 623 -10.65 3.69 21.69
C ILE A 623 -10.12 2.91 20.49
N ARG A 624 -10.90 1.92 20.09
CA ARG A 624 -10.60 1.09 18.92
C ARG A 624 -11.84 1.05 18.04
N TYR A 625 -11.67 1.41 16.76
CA TYR A 625 -12.76 1.37 15.81
C TYR A 625 -12.97 -0.09 15.39
N ILE A 626 -14.05 -0.70 15.87
CA ILE A 626 -14.35 -2.08 15.53
C ILE A 626 -15.07 -2.10 14.19
N LYS A 627 -14.29 -2.19 13.11
CA LYS A 627 -14.84 -2.20 11.77
C LYS A 627 -15.31 -3.57 11.32
N GLY A 628 -15.16 -4.58 12.16
CA GLY A 628 -15.60 -5.92 11.81
C GLY A 628 -15.42 -6.84 13.00
N LEU A 629 -15.93 -8.06 12.83
CA LEU A 629 -15.77 -9.06 13.88
C LEU A 629 -14.32 -9.51 14.02
N GLY A 630 -13.54 -9.37 12.95
CA GLY A 630 -12.14 -9.77 13.02
C GLY A 630 -11.32 -8.90 13.96
N SER A 631 -11.73 -7.66 14.15
CA SER A 631 -11.00 -6.74 15.03
C SER A 631 -11.38 -6.90 16.49
N LEU A 632 -12.32 -7.80 16.80
CA LEU A 632 -12.71 -8.07 18.17
C LEU A 632 -11.79 -9.13 18.76
N GLU A 633 -11.24 -8.85 19.94
CA GLU A 633 -10.48 -9.86 20.64
C GLU A 633 -11.41 -10.93 21.19
N LYS A 634 -10.82 -12.07 21.59
CA LYS A 634 -11.63 -13.19 22.03
C LYS A 634 -12.38 -12.87 23.32
N SER A 635 -11.76 -12.12 24.23
CA SER A 635 -12.45 -11.74 25.46
C SER A 635 -13.67 -10.87 25.16
N GLU A 636 -13.52 -9.89 24.26
CA GLU A 636 -14.66 -9.06 23.88
C GLU A 636 -15.71 -9.86 23.12
N TYR A 637 -15.26 -10.80 22.28
CA TYR A 637 -16.21 -11.67 21.58
C TYR A 637 -17.03 -12.49 22.57
N ARG A 638 -16.38 -13.01 23.63
CA ARG A 638 -17.12 -13.74 24.65
C ARG A 638 -18.06 -12.82 25.41
N GLU A 639 -17.60 -11.62 25.77
CA GLU A 639 -18.46 -10.67 26.47
C GLU A 639 -19.65 -10.25 25.64
N MET A 640 -19.54 -10.34 24.31
CA MET A 640 -20.63 -9.99 23.41
C MET A 640 -21.51 -11.17 23.06
N ILE A 641 -21.00 -12.39 23.20
CA ILE A 641 -21.81 -13.59 22.98
C ILE A 641 -22.60 -13.97 24.22
N GLN A 642 -21.95 -13.98 25.39
CA GLN A 642 -22.62 -14.39 26.62
C GLN A 642 -23.57 -13.32 27.15
N ASN A 643 -23.35 -12.07 26.80
CA ASN A 643 -24.22 -10.95 27.19
C ASN A 643 -24.62 -10.20 25.93
N PRO A 644 -25.44 -10.81 25.09
CA PRO A 644 -25.74 -10.22 23.78
C PRO A 644 -26.82 -9.15 23.87
N VAL A 645 -26.74 -8.20 22.94
CA VAL A 645 -27.78 -7.20 22.74
C VAL A 645 -28.36 -7.42 21.35
N TYR A 646 -29.67 -7.61 21.28
CA TYR A 646 -30.33 -8.09 20.08
C TYR A 646 -31.20 -7.00 19.48
N ASP A 647 -30.98 -6.72 18.20
CA ASP A 647 -31.89 -5.87 17.42
C ASP A 647 -32.91 -6.78 16.76
N VAL A 648 -33.92 -7.14 17.55
CA VAL A 648 -34.94 -8.10 17.09
C VAL A 648 -35.74 -7.45 15.98
N VAL A 649 -35.57 -7.94 14.75
CA VAL A 649 -36.24 -7.36 13.60
C VAL A 649 -37.73 -7.64 13.68
N LYS A 650 -38.54 -6.60 13.53
CA LYS A 650 -39.98 -6.71 13.48
C LYS A 650 -40.48 -6.27 12.12
N LEU A 651 -41.27 -7.14 11.48
CA LEU A 651 -41.80 -6.81 10.16
C LEU A 651 -42.87 -5.73 10.27
N PRO A 652 -42.81 -4.70 9.43
CA PRO A 652 -43.86 -3.67 9.43
C PRO A 652 -45.08 -4.20 8.67
N GLU A 653 -46.08 -3.31 8.54
CA GLU A 653 -47.32 -3.69 7.86
C GLU A 653 -47.14 -3.90 6.37
N ASN A 654 -46.00 -3.51 5.80
CA ASN A 654 -45.77 -3.57 4.36
C ASN A 654 -44.40 -4.17 4.07
N TRP A 655 -44.03 -5.24 4.77
CA TRP A 655 -42.74 -5.87 4.54
C TRP A 655 -42.63 -6.43 3.13
N LYS A 656 -43.74 -6.88 2.54
CA LYS A 656 -43.70 -7.42 1.19
C LYS A 656 -43.30 -6.35 0.18
N GLU A 657 -43.56 -5.08 0.49
CA GLU A 657 -43.27 -3.98 -0.42
C GLU A 657 -41.94 -3.30 -0.15
N LEU A 658 -41.45 -3.34 1.09
CA LEU A 658 -40.21 -2.67 1.45
C LEU A 658 -38.96 -3.41 0.98
N PHE A 659 -39.08 -4.68 0.63
CA PHE A 659 -37.92 -5.46 0.18
C PHE A 659 -37.67 -5.34 -1.32
N GLU A 660 -38.59 -4.70 -2.06
CA GLU A 660 -38.40 -4.51 -3.49
C GLU A 660 -37.57 -3.28 -3.83
N MET A 661 -37.63 -2.23 -3.02
CA MET A 661 -36.86 -1.02 -3.30
C MET A 661 -35.37 -1.24 -3.19
N LEU A 662 -34.93 -2.15 -2.32
CA LEU A 662 -33.52 -2.47 -2.19
C LEU A 662 -33.09 -3.56 -3.16
N MET A 663 -33.76 -4.71 -3.13
CA MET A 663 -33.44 -5.85 -3.99
C MET A 663 -34.60 -6.03 -4.96
N GLY A 664 -34.30 -5.95 -6.25
CA GLY A 664 -35.32 -6.10 -7.27
C GLY A 664 -34.76 -6.13 -8.69
N MET B 1 -28.45 -9.15 28.66
CA MET B 1 -29.29 -9.58 27.54
C MET B 1 -30.39 -8.56 27.28
N GLN B 2 -30.22 -7.77 26.22
CA GLN B 2 -31.23 -6.79 25.82
C GLN B 2 -31.92 -7.23 24.53
N LEU B 3 -33.13 -6.76 24.34
CA LEU B 3 -33.95 -7.11 23.19
C LEU B 3 -34.61 -5.84 22.63
N ASN B 4 -33.92 -5.18 21.72
CA ASN B 4 -34.47 -4.01 21.03
C ASN B 4 -35.36 -4.46 19.88
N ASN B 5 -36.17 -3.53 19.37
CA ASN B 5 -37.29 -3.84 18.49
C ASN B 5 -37.19 -3.06 17.19
N ARG B 6 -36.04 -3.13 16.53
CA ARG B 6 -35.89 -2.52 15.21
C ARG B 6 -36.95 -3.05 14.26
N ASP B 7 -37.48 -2.17 13.42
CA ASP B 7 -38.73 -2.43 12.70
C ASP B 7 -38.54 -2.49 11.18
N LEU B 8 -37.33 -2.82 10.71
CA LEU B 8 -37.02 -3.01 9.31
C LEU B 8 -37.13 -1.70 8.51
N LYS B 9 -37.57 -0.63 9.17
CA LYS B 9 -37.50 0.70 8.59
C LYS B 9 -36.26 1.44 9.06
N SER B 10 -35.96 1.38 10.36
CA SER B 10 -34.68 1.82 10.87
C SER B 10 -33.53 0.95 10.37
N ILE B 11 -33.84 -0.22 9.80
CA ILE B 11 -32.83 -1.08 9.21
C ILE B 11 -32.57 -0.64 7.78
N ILE B 12 -33.64 -0.55 6.98
CA ILE B 12 -33.50 -0.20 5.57
C ILE B 12 -32.99 1.23 5.41
N ASP B 13 -33.54 2.16 6.18
CA ASP B 13 -33.12 3.55 6.08
C ASP B 13 -31.67 3.72 6.51
N ASN B 14 -31.26 3.05 7.59
CA ASN B 14 -29.87 3.14 8.03
C ASN B 14 -28.94 2.49 7.01
N GLU B 15 -29.37 1.40 6.38
CA GLU B 15 -28.57 0.78 5.33
C GLU B 15 -28.40 1.72 4.14
N ALA B 16 -29.47 2.42 3.77
CA ALA B 16 -29.37 3.41 2.70
C ALA B 16 -28.63 4.67 3.15
N LEU B 17 -28.69 5.01 4.43
CA LEU B 17 -27.97 6.17 4.95
C LEU B 17 -26.47 5.92 5.00
N ALA B 18 -26.03 4.67 5.17
CA ALA B 18 -24.61 4.35 5.11
C ALA B 18 -24.06 4.34 3.70
N TYR B 19 -24.89 4.07 2.70
CA TYR B 19 -24.51 4.23 1.30
C TYR B 19 -24.46 5.69 0.88
N ALA B 20 -25.00 6.60 1.69
CA ALA B 20 -24.89 8.02 1.42
C ALA B 20 -23.54 8.57 1.85
N MET B 21 -23.13 8.30 3.09
CA MET B 21 -21.82 8.76 3.55
C MET B 21 -20.69 8.14 2.76
N TYR B 22 -20.94 7.02 2.07
CA TYR B 22 -19.94 6.39 1.22
C TYR B 22 -19.84 7.05 -0.15
N THR B 23 -20.85 7.83 -0.55
CA THR B 23 -20.86 8.49 -1.85
C THR B 23 -20.68 10.00 -1.75
N VAL B 24 -20.58 10.56 -0.55
CA VAL B 24 -20.27 11.98 -0.37
C VAL B 24 -18.77 12.20 -0.23
N GLU B 25 -17.98 11.14 -0.21
CA GLU B 25 -16.53 11.23 -0.31
C GLU B 25 -16.01 10.77 -1.65
N ASN B 26 -16.90 10.31 -2.54
CA ASN B 26 -16.52 9.91 -3.90
C ASN B 26 -17.15 10.78 -4.97
N ARG B 27 -17.97 11.76 -4.59
CA ARG B 27 -18.59 12.63 -5.59
C ARG B 27 -17.52 13.47 -6.27
N ALA B 28 -17.53 13.48 -7.60
CA ALA B 28 -16.53 14.18 -8.39
C ALA B 28 -16.93 15.66 -8.52
N ILE B 29 -17.00 16.33 -7.37
CA ILE B 29 -17.36 17.73 -7.30
C ILE B 29 -16.32 18.43 -6.43
N PRO B 30 -15.56 19.38 -6.96
CA PRO B 30 -14.46 19.95 -6.18
C PRO B 30 -14.97 20.87 -5.10
N ASN B 31 -14.28 20.86 -3.96
CA ASN B 31 -14.57 21.84 -2.93
C ASN B 31 -14.28 23.23 -3.47
N MET B 32 -15.14 24.18 -3.11
CA MET B 32 -15.01 25.52 -3.66
C MET B 32 -13.74 26.22 -3.19
N ILE B 33 -13.21 25.81 -2.05
CA ILE B 33 -12.09 26.54 -1.45
C ILE B 33 -10.77 26.07 -2.04
N ASP B 34 -10.42 24.80 -1.81
CA ASP B 34 -9.15 24.26 -2.26
C ASP B 34 -9.19 23.66 -3.66
N GLY B 35 -10.37 23.60 -4.27
CA GLY B 35 -10.47 22.98 -5.57
C GLY B 35 -10.19 21.50 -5.59
N PHE B 36 -10.19 20.85 -4.44
CA PHE B 36 -9.83 19.45 -4.33
C PHE B 36 -11.07 18.58 -4.32
N LYS B 37 -11.07 17.56 -5.16
CA LYS B 37 -11.94 16.43 -4.93
C LYS B 37 -11.35 15.63 -3.76
N PRO B 38 -12.18 14.86 -3.05
CA PRO B 38 -11.66 14.18 -1.86
C PRO B 38 -10.45 13.29 -2.13
N VAL B 39 -10.42 12.60 -3.28
CA VAL B 39 -9.27 11.75 -3.59
C VAL B 39 -8.01 12.60 -3.77
N GLN B 40 -8.15 13.75 -4.45
CA GLN B 40 -7.00 14.64 -4.60
C GLN B 40 -6.55 15.21 -3.27
N ARG B 41 -7.50 15.47 -2.37
CA ARG B 41 -7.14 15.94 -1.03
C ARG B 41 -6.34 14.88 -0.28
N PHE B 42 -6.76 13.61 -0.38
CA PHE B 42 -6.02 12.54 0.27
C PHE B 42 -4.63 12.37 -0.34
N VAL B 43 -4.53 12.48 -1.67
CA VAL B 43 -3.23 12.37 -2.34
C VAL B 43 -2.32 13.51 -1.88
N ILE B 44 -2.84 14.72 -1.79
CA ILE B 44 -2.03 15.86 -1.35
C ILE B 44 -1.60 15.68 0.10
N ALA B 45 -2.49 15.18 0.96
CA ALA B 45 -2.12 14.95 2.35
C ALA B 45 -1.04 13.88 2.46
N ARG B 46 -1.15 12.82 1.66
CA ARG B 46 -0.13 11.77 1.68
C ARG B 46 1.20 12.28 1.16
N ALA B 47 1.19 13.05 0.07
CA ALA B 47 2.43 13.61 -0.45
C ALA B 47 3.03 14.64 0.49
N LEU B 48 2.21 15.29 1.32
CA LEU B 48 2.74 16.17 2.36
C LEU B 48 3.32 15.39 3.53
N ASP B 49 2.71 14.24 3.86
CA ASP B 49 3.28 13.36 4.88
C ASP B 49 4.63 12.83 4.44
N LEU B 50 4.76 12.43 3.17
CA LEU B 50 6.02 11.93 2.65
C LEU B 50 7.05 13.03 2.49
N ALA B 51 6.63 14.28 2.30
CA ALA B 51 7.55 15.39 2.10
C ALA B 51 8.12 15.92 3.41
N ARG B 52 8.06 15.16 4.48
CA ARG B 52 8.60 15.60 5.75
C ARG B 52 10.01 15.18 5.71
N GLY B 53 10.90 16.06 6.05
CA GLY B 53 12.32 15.81 5.89
C GLY B 53 12.82 16.50 4.64
N ASN B 54 13.02 15.73 3.57
CA ASN B 54 13.37 16.29 2.27
C ASN B 54 12.10 16.60 1.51
N LYS B 55 11.82 17.90 1.32
CA LYS B 55 10.65 18.31 0.56
C LYS B 55 10.86 18.13 -0.95
N ASP B 56 12.10 18.03 -1.40
CA ASP B 56 12.43 17.89 -2.81
C ASP B 56 12.60 16.46 -3.26
N LYS B 57 12.36 15.49 -2.38
CA LYS B 57 12.55 14.09 -2.73
C LYS B 57 11.33 13.57 -3.48
N PHE B 58 11.58 12.95 -4.61
CA PHE B 58 10.50 12.42 -5.44
C PHE B 58 10.10 11.04 -4.94
N HIS B 59 8.87 10.90 -4.48
CA HIS B 59 8.34 9.65 -3.98
C HIS B 59 7.58 8.93 -5.08
N LYS B 60 7.67 7.59 -5.05
CA LYS B 60 6.98 6.80 -6.06
C LYS B 60 5.48 7.05 -5.98
N LEU B 61 4.84 7.11 -7.14
CA LEU B 61 3.40 7.29 -7.18
C LEU B 61 2.68 6.10 -6.56
N ALA B 62 3.25 4.91 -6.67
CA ALA B 62 2.66 3.75 -6.02
C ALA B 62 2.66 3.91 -4.51
N SER B 63 3.74 4.45 -3.94
CA SER B 63 3.78 4.71 -2.51
C SER B 63 2.77 5.77 -2.09
N ILE B 64 2.67 6.85 -2.87
CA ILE B 64 1.74 7.92 -2.56
C ILE B 64 0.30 7.40 -2.59
N ALA B 65 -0.02 6.59 -3.59
CA ALA B 65 -1.37 6.06 -3.69
C ALA B 65 -1.66 4.97 -2.67
N GLY B 66 -0.64 4.21 -2.27
CA GLY B 66 -0.84 3.19 -1.25
C GLY B 66 -0.94 3.74 0.15
N GLY B 67 -0.41 4.92 0.39
CA GLY B 67 -0.55 5.50 1.71
C GLY B 67 -1.84 6.25 1.98
N VAL B 68 -2.73 6.38 0.99
CA VAL B 68 -3.95 7.14 1.21
C VAL B 68 -5.01 6.35 1.95
N ALA B 69 -4.95 5.02 1.92
CA ALA B 69 -5.93 4.21 2.62
C ALA B 69 -5.82 4.33 4.13
N ASP B 70 -4.63 4.64 4.65
CA ASP B 70 -4.44 4.85 6.07
C ASP B 70 -4.85 6.25 6.52
N LEU B 71 -5.08 7.17 5.59
CA LEU B 71 -5.52 8.52 5.93
C LEU B 71 -7.04 8.67 5.95
N GLY B 72 -7.78 7.64 5.56
CA GLY B 72 -9.22 7.72 5.61
C GLY B 72 -9.88 7.67 4.24
N TYR B 73 -9.13 7.29 3.22
CA TYR B 73 -9.68 7.15 1.87
C TYR B 73 -10.13 5.69 1.69
N HIS B 74 -11.44 5.50 1.64
CA HIS B 74 -12.02 4.16 1.64
C HIS B 74 -12.19 3.57 0.24
N HIS B 75 -11.75 4.28 -0.80
CA HIS B 75 -11.86 3.78 -2.16
C HIS B 75 -10.53 3.18 -2.60
N GLY B 76 -10.46 2.75 -3.85
CA GLY B 76 -9.33 1.98 -4.30
C GLY B 76 -8.05 2.78 -4.40
N GLU B 77 -6.94 2.04 -4.50
CA GLU B 77 -5.63 2.66 -4.68
C GLU B 77 -5.43 3.17 -6.10
N ASN B 78 -6.15 2.58 -7.07
CA ASN B 78 -6.07 3.05 -8.44
C ASN B 78 -6.64 4.45 -8.59
N SER B 79 -7.66 4.79 -7.81
CA SER B 79 -8.21 6.14 -7.83
C SER B 79 -7.16 7.16 -7.40
N ALA B 80 -6.42 6.86 -6.32
CA ALA B 80 -5.36 7.75 -5.88
C ALA B 80 -4.22 7.81 -6.89
N GLN B 81 -3.90 6.66 -7.50
CA GLN B 81 -2.87 6.64 -8.54
C GLN B 81 -3.23 7.58 -9.68
N ASP B 82 -4.47 7.48 -10.18
CA ASP B 82 -4.88 8.30 -11.31
C ASP B 82 -4.98 9.78 -10.92
N ALA B 83 -5.46 10.06 -9.71
CA ALA B 83 -5.52 11.45 -9.26
C ALA B 83 -4.13 12.07 -9.18
N GLY B 84 -3.15 11.34 -8.62
CA GLY B 84 -1.80 11.85 -8.59
C GLY B 84 -1.21 12.01 -9.98
N ALA B 85 -1.47 11.05 -10.87
CA ALA B 85 -0.93 11.13 -12.22
C ALA B 85 -1.49 12.34 -12.96
N LEU B 86 -2.78 12.62 -12.79
CA LEU B 86 -3.37 13.78 -13.46
C LEU B 86 -2.97 15.10 -12.80
N MET B 87 -2.69 15.09 -11.49
CA MET B 87 -2.29 16.31 -10.82
C MET B 87 -0.84 16.67 -11.09
N ALA B 88 0.02 15.69 -11.31
CA ALA B 88 1.46 15.93 -11.30
C ALA B 88 2.03 16.40 -12.63
N ASN B 89 1.21 16.54 -13.66
CA ASN B 89 1.71 16.99 -14.95
C ASN B 89 1.53 18.50 -15.10
N THR B 90 1.95 19.02 -16.25
CA THR B 90 1.83 20.43 -16.57
C THR B 90 0.93 20.71 -17.76
N TRP B 91 0.73 19.73 -18.65
CA TRP B 91 -0.19 19.94 -19.77
C TRP B 91 -1.62 20.09 -19.30
N ASN B 92 -2.01 19.34 -18.28
CA ASN B 92 -3.39 19.33 -17.81
C ASN B 92 -3.67 20.38 -16.75
N ASN B 93 -2.66 21.03 -16.21
CA ASN B 93 -2.82 21.95 -15.10
C ASN B 93 -2.20 23.29 -15.44
N ASN B 94 -2.98 24.36 -15.26
CA ASN B 94 -2.45 25.71 -15.38
C ASN B 94 -1.59 26.10 -14.19
N PHE B 95 -1.67 25.34 -13.11
CA PHE B 95 -1.02 25.61 -11.84
C PHE B 95 -0.93 24.31 -11.06
N PRO B 96 -0.06 23.39 -11.46
CA PRO B 96 -0.03 22.07 -10.83
C PRO B 96 0.45 22.15 -9.39
N LEU B 97 -0.13 21.28 -8.56
CA LEU B 97 0.23 21.22 -7.15
C LEU B 97 1.09 20.02 -6.81
N LEU B 98 1.29 19.09 -7.75
CA LEU B 98 2.22 17.99 -7.60
C LEU B 98 3.29 18.09 -8.68
N ASP B 99 4.55 17.88 -8.30
CA ASP B 99 5.63 17.82 -9.26
C ASP B 99 5.70 16.44 -9.88
N GLY B 100 6.54 16.29 -10.89
CA GLY B 100 6.63 15.03 -11.61
C GLY B 100 8.05 14.71 -12.02
N GLN B 101 8.36 13.42 -12.03
CA GLN B 101 9.65 12.92 -12.50
C GLN B 101 9.39 11.60 -13.23
N GLY B 102 9.27 11.67 -14.54
CA GLY B 102 8.95 10.52 -15.34
C GLY B 102 7.99 10.91 -16.43
N ASN B 103 7.35 9.91 -17.02
CA ASN B 103 6.41 10.11 -18.11
C ASN B 103 5.01 10.27 -17.52
N PHE B 104 4.59 11.52 -17.35
CA PHE B 104 3.24 11.82 -16.88
C PHE B 104 2.29 12.17 -18.02
N GLY B 105 2.74 12.00 -19.26
CA GLY B 105 1.90 12.28 -20.41
C GLY B 105 2.11 13.67 -20.97
N SER B 106 1.33 13.98 -21.99
CA SER B 106 1.33 15.29 -22.62
C SER B 106 0.01 15.47 -23.32
N ARG B 107 -0.15 16.60 -24.01
CA ARG B 107 -1.35 16.80 -24.81
C ARG B 107 -1.40 15.84 -25.99
N THR B 108 -0.24 15.51 -26.55
CA THR B 108 -0.19 14.57 -27.67
C THR B 108 -0.68 13.19 -27.26
N VAL B 109 -0.11 12.64 -26.18
CA VAL B 109 -0.55 11.37 -25.61
C VAL B 109 -0.83 11.62 -24.14
N GLN B 110 -2.09 11.44 -23.72
CA GLN B 110 -2.55 11.83 -22.40
C GLN B 110 -2.53 10.68 -21.40
N LYS B 111 -1.61 9.73 -21.58
CA LYS B 111 -1.49 8.57 -20.72
C LYS B 111 -0.16 8.62 -19.99
N ALA B 112 -0.21 8.52 -18.67
CA ALA B 112 1.02 8.48 -17.89
C ALA B 112 1.58 7.05 -17.84
N ALA B 113 2.84 6.96 -17.45
CA ALA B 113 3.48 5.65 -17.30
C ALA B 113 2.89 4.91 -16.11
N ALA B 114 3.41 3.72 -15.86
CA ALA B 114 2.97 2.95 -14.70
C ALA B 114 3.34 3.68 -13.42
N SER B 115 2.48 3.58 -12.41
CA SER B 115 2.70 4.30 -11.17
C SER B 115 3.95 3.86 -10.45
N ARG B 116 4.48 2.67 -10.76
CA ARG B 116 5.73 2.23 -10.14
C ARG B 116 6.93 2.95 -10.72
N TYR B 117 6.81 3.50 -11.93
CA TYR B 117 7.93 4.14 -12.59
C TYR B 117 7.97 5.65 -12.36
N ILE B 118 6.82 6.30 -12.33
CA ILE B 118 6.75 7.75 -12.22
C ILE B 118 6.78 8.14 -10.74
N PHE B 119 7.51 9.20 -10.46
CA PHE B 119 7.64 9.76 -9.12
C PHE B 119 6.98 11.13 -9.09
N ALA B 120 6.56 11.54 -7.89
CA ALA B 120 5.87 12.81 -7.74
C ALA B 120 6.12 13.38 -6.35
N ARG B 121 5.97 14.69 -6.24
CA ARG B 121 6.06 15.38 -4.96
C ARG B 121 5.27 16.68 -5.07
N VAL B 122 4.93 17.24 -3.91
CA VAL B 122 4.18 18.50 -3.87
C VAL B 122 5.08 19.62 -4.40
N SER B 123 4.56 20.39 -5.35
CA SER B 123 5.37 21.37 -6.05
C SER B 123 5.50 22.65 -5.22
N LYS B 124 6.31 23.58 -5.73
CA LYS B 124 6.44 24.88 -5.10
C LYS B 124 5.19 25.72 -5.24
N ASN B 125 4.34 25.42 -6.21
CA ASN B 125 3.07 26.11 -6.34
C ASN B 125 2.18 25.86 -5.12
N PHE B 126 2.13 24.60 -4.66
CA PHE B 126 1.32 24.27 -3.49
C PHE B 126 1.76 25.09 -2.29
N TYR B 127 3.06 25.08 -1.97
CA TYR B 127 3.55 25.87 -0.86
C TYR B 127 3.43 27.36 -1.11
N ASN B 128 3.33 27.77 -2.38
CA ASN B 128 3.14 29.18 -2.69
C ASN B 128 1.75 29.65 -2.28
N VAL B 129 0.71 28.90 -2.64
CA VAL B 129 -0.67 29.33 -2.37
C VAL B 129 -1.24 28.64 -1.15
N TYR B 130 -1.07 27.33 -1.03
CA TYR B 130 -1.73 26.58 0.04
C TYR B 130 -1.02 26.85 1.35
N LYS B 131 -1.50 27.84 2.09
CA LYS B 131 -0.96 28.15 3.41
C LYS B 131 -2.05 28.09 4.46
N ASP B 132 -1.71 28.47 5.70
CA ASP B 132 -2.65 28.41 6.83
C ASP B 132 -3.24 27.01 6.98
N THR B 133 -2.46 25.98 6.64
CA THR B 133 -2.94 24.61 6.74
C THR B 133 -3.19 24.20 8.18
N GLU B 134 -2.46 24.78 9.13
CA GLU B 134 -2.69 24.50 10.54
C GLU B 134 -4.04 25.00 11.02
N TYR B 135 -4.67 25.93 10.28
CA TYR B 135 -5.98 26.46 10.62
C TYR B 135 -7.09 25.87 9.75
N ALA B 136 -6.77 24.88 8.93
CA ALA B 136 -7.79 24.25 8.11
C ALA B 136 -8.78 23.50 9.01
N PRO B 137 -10.07 23.50 8.63
CA PRO B 137 -11.08 22.90 9.50
C PRO B 137 -10.87 21.41 9.67
N VAL B 138 -11.10 20.93 10.89
CA VAL B 138 -11.00 19.50 11.17
C VAL B 138 -12.26 18.80 10.70
N HIS B 139 -12.09 17.69 10.00
CA HIS B 139 -13.23 16.95 9.46
C HIS B 139 -14.07 16.36 10.58
N GLN B 140 -15.37 16.24 10.31
CA GLN B 140 -16.27 15.65 11.29
C GLN B 140 -15.94 14.18 11.53
N ASP B 141 -15.63 13.45 10.45
CA ASP B 141 -15.21 12.06 10.57
C ASP B 141 -13.78 12.01 11.11
N LYS B 142 -13.61 11.37 12.26
CA LYS B 142 -12.31 11.33 12.93
C LYS B 142 -11.31 10.42 12.24
N GLU B 143 -11.75 9.60 11.29
CA GLU B 143 -10.84 8.83 10.45
C GLU B 143 -10.39 9.60 9.22
N HIS B 144 -10.90 10.80 9.00
CA HIS B 144 -10.50 11.66 7.89
C HIS B 144 -9.35 12.51 8.38
N ILE B 145 -8.14 11.96 8.28
CA ILE B 145 -6.96 12.68 8.75
C ILE B 145 -6.75 14.00 8.02
N PRO B 146 -6.89 14.08 6.69
CA PRO B 146 -6.82 15.39 6.04
C PRO B 146 -7.95 16.29 6.52
N PRO B 147 -7.74 17.60 6.50
CA PRO B 147 -8.78 18.51 7.00
C PRO B 147 -10.04 18.52 6.15
N ALA B 148 -11.03 19.31 6.54
CA ALA B 148 -12.23 19.42 5.72
C ALA B 148 -11.90 19.97 4.35
N PHE B 149 -11.03 20.97 4.29
CA PHE B 149 -10.46 21.46 3.04
C PHE B 149 -9.18 22.22 3.38
N TYR B 150 -8.32 22.39 2.38
CA TYR B 150 -7.14 23.21 2.55
C TYR B 150 -7.49 24.67 2.31
N LEU B 151 -6.51 25.55 2.43
CA LEU B 151 -6.75 27.00 2.38
C LEU B 151 -5.78 27.67 1.42
N PRO B 152 -6.01 27.58 0.12
CA PRO B 152 -5.24 28.38 -0.82
C PRO B 152 -5.64 29.84 -0.75
N ILE B 153 -4.72 30.72 -1.14
CA ILE B 153 -5.02 32.14 -1.13
C ILE B 153 -5.83 32.58 -2.34
N ILE B 154 -5.86 31.77 -3.39
CA ILE B 154 -6.66 32.07 -4.57
C ILE B 154 -7.54 30.86 -4.89
N PRO B 155 -8.68 31.04 -5.58
CA PRO B 155 -9.57 29.90 -5.83
C PRO B 155 -8.99 28.94 -6.85
N THR B 156 -8.13 28.04 -6.37
CA THR B 156 -7.49 27.04 -7.23
C THR B 156 -8.49 26.17 -7.98
N VAL B 157 -9.78 26.22 -7.61
CA VAL B 157 -10.78 25.45 -8.33
C VAL B 157 -10.91 25.91 -9.78
N LEU B 158 -10.56 27.16 -10.08
CA LEU B 158 -10.64 27.67 -11.44
C LEU B 158 -9.35 27.46 -12.22
N LEU B 159 -8.20 27.43 -11.55
CA LEU B 159 -6.91 27.41 -12.23
C LEU B 159 -6.74 26.17 -13.10
N ASN B 160 -6.71 24.99 -12.47
CA ASN B 160 -6.35 23.78 -13.20
C ASN B 160 -7.46 23.33 -14.12
N GLY B 161 -8.72 23.51 -13.73
CA GLY B 161 -9.84 23.13 -14.58
C GLY B 161 -10.44 21.80 -14.22
N VAL B 162 -11.60 21.81 -13.56
CA VAL B 162 -12.22 20.60 -13.05
C VAL B 162 -13.33 20.16 -13.99
N SER B 163 -13.67 18.88 -13.90
CA SER B 163 -14.78 18.32 -14.67
C SER B 163 -15.20 17.02 -14.00
N GLY B 164 -16.41 17.00 -13.43
CA GLY B 164 -16.89 15.82 -12.76
C GLY B 164 -18.38 15.67 -12.92
N ILE B 165 -18.83 14.41 -12.95
CA ILE B 165 -20.25 14.07 -13.06
C ILE B 165 -20.61 13.18 -11.88
N ALA B 166 -21.57 13.62 -11.09
CA ALA B 166 -22.00 12.92 -9.89
C ALA B 166 -23.41 12.37 -10.09
N THR B 167 -23.97 11.79 -9.02
CA THR B 167 -25.32 11.24 -9.03
C THR B 167 -26.31 12.40 -8.99
N GLY B 168 -26.86 12.75 -10.16
CA GLY B 168 -27.82 13.83 -10.26
C GLY B 168 -27.22 15.22 -10.33
N TYR B 169 -25.89 15.33 -10.33
CA TYR B 169 -25.23 16.62 -10.42
C TYR B 169 -23.99 16.49 -11.29
N ALA B 170 -23.56 17.61 -11.86
CA ALA B 170 -22.37 17.65 -12.69
C ALA B 170 -21.74 19.02 -12.60
N THR B 171 -20.41 19.06 -12.57
CA THR B 171 -19.65 20.30 -12.51
C THR B 171 -18.75 20.40 -13.73
N TYR B 172 -18.47 21.63 -14.15
CA TYR B 172 -17.58 21.88 -15.28
C TYR B 172 -17.06 23.30 -15.17
N ILE B 173 -15.76 23.43 -14.90
CA ILE B 173 -15.11 24.73 -14.79
C ILE B 173 -13.95 24.76 -15.78
N LEU B 174 -13.73 25.91 -16.40
CA LEU B 174 -12.68 26.05 -17.40
C LEU B 174 -11.42 26.63 -16.76
N PRO B 175 -10.24 26.17 -17.17
CA PRO B 175 -9.01 26.64 -16.53
C PRO B 175 -8.78 28.11 -16.80
N HIS B 176 -8.60 28.86 -15.72
CA HIS B 176 -8.37 30.30 -15.77
C HIS B 176 -6.90 30.60 -15.53
N SER B 177 -6.43 31.70 -16.11
CA SER B 177 -5.06 32.12 -15.90
C SER B 177 -4.84 32.46 -14.44
N VAL B 178 -3.62 32.16 -13.95
CA VAL B 178 -3.31 32.45 -12.56
C VAL B 178 -3.25 33.95 -12.33
N SER B 179 -2.71 34.70 -13.29
CA SER B 179 -2.61 36.14 -13.13
C SER B 179 -3.98 36.81 -13.07
N SER B 180 -4.89 36.42 -13.96
CA SER B 180 -6.22 37.02 -13.95
C SER B 180 -6.99 36.65 -12.69
N VAL B 181 -6.86 35.40 -12.24
CA VAL B 181 -7.53 34.98 -11.01
C VAL B 181 -6.99 35.76 -9.82
N LYS B 182 -5.66 35.94 -9.75
CA LYS B 182 -5.08 36.71 -8.65
C LYS B 182 -5.53 38.17 -8.70
N LYS B 183 -5.60 38.75 -9.90
CA LYS B 183 -6.08 40.13 -10.02
C LYS B 183 -7.53 40.25 -9.58
N ALA B 184 -8.38 39.29 -9.98
CA ALA B 184 -9.77 39.31 -9.56
C ALA B 184 -9.88 39.17 -8.04
N VAL B 185 -9.06 38.32 -7.45
CA VAL B 185 -9.06 38.16 -5.99
C VAL B 185 -8.65 39.45 -5.32
N LEU B 186 -7.64 40.12 -5.85
CA LEU B 186 -7.20 41.40 -5.26
C LEU B 186 -8.31 42.45 -5.36
N GLN B 187 -8.98 42.51 -6.51
CA GLN B 187 -10.09 43.44 -6.67
C GLN B 187 -11.21 43.15 -5.69
N ALA B 188 -11.56 41.88 -5.51
CA ALA B 188 -12.60 41.52 -4.55
C ALA B 188 -12.17 41.86 -3.12
N LEU B 189 -10.91 41.58 -2.79
CA LEU B 189 -10.41 41.83 -1.44
C LEU B 189 -10.42 43.31 -1.10
N GLN B 190 -10.00 44.16 -2.04
CA GLN B 190 -9.94 45.59 -1.77
C GLN B 190 -11.28 46.29 -2.01
N GLY B 191 -12.31 45.56 -2.42
CA GLY B 191 -13.62 46.14 -2.60
C GLY B 191 -13.91 46.73 -3.96
N LYS B 192 -13.01 46.57 -4.92
CA LYS B 192 -13.22 47.10 -6.25
C LYS B 192 -14.13 46.18 -7.06
N LYS B 193 -14.62 46.70 -8.19
CA LYS B 193 -15.39 45.88 -9.10
C LYS B 193 -14.51 44.79 -9.69
N VAL B 194 -15.02 43.57 -9.71
CA VAL B 194 -14.26 42.42 -10.17
C VAL B 194 -14.47 42.23 -11.65
N THR B 195 -13.38 42.22 -12.41
CA THR B 195 -13.41 41.89 -13.83
C THR B 195 -13.40 40.37 -13.99
N LYS B 196 -14.13 39.88 -14.98
CA LYS B 196 -14.22 38.45 -15.20
C LYS B 196 -12.84 37.91 -15.54
N PRO B 197 -12.31 36.98 -14.76
CA PRO B 197 -11.00 36.41 -15.08
C PRO B 197 -11.03 35.69 -16.42
N LYS B 198 -10.01 35.93 -17.23
CA LYS B 198 -9.96 35.37 -18.56
C LYS B 198 -9.56 33.90 -18.49
N VAL B 199 -10.07 33.13 -19.45
CA VAL B 199 -9.83 31.69 -19.50
C VAL B 199 -8.65 31.42 -20.42
N GLU B 200 -7.64 30.71 -19.91
CA GLU B 200 -6.52 30.29 -20.74
C GLU B 200 -6.22 28.83 -20.42
N PHE B 201 -5.96 28.07 -21.41
CA PHE B 201 -5.70 26.68 -21.13
C PHE B 201 -4.19 26.44 -21.05
N PRO B 202 -3.76 25.52 -20.19
CA PRO B 202 -2.32 25.29 -20.03
C PRO B 202 -1.70 24.67 -21.27
N GLU B 203 -0.56 25.24 -21.69
CA GLU B 203 0.17 24.80 -22.86
C GLU B 203 -0.74 24.79 -24.10
N PHE B 204 -1.51 25.87 -24.24
CA PHE B 204 -2.40 26.07 -25.37
C PHE B 204 -1.94 27.29 -26.15
N ARG B 205 -1.80 27.15 -27.46
CA ARG B 205 -1.33 28.22 -28.32
C ARG B 205 -2.45 28.87 -29.13
N GLY B 206 -3.67 28.34 -29.05
CA GLY B 206 -4.78 28.88 -29.82
C GLY B 206 -5.39 30.09 -29.13
N GLU B 207 -6.64 30.36 -29.48
CA GLU B 207 -7.36 31.52 -28.96
C GLU B 207 -8.72 31.09 -28.44
N VAL B 208 -9.20 31.82 -27.45
CA VAL B 208 -10.51 31.59 -26.84
C VAL B 208 -11.28 32.90 -26.85
N VAL B 209 -12.55 32.84 -27.28
CA VAL B 209 -13.44 33.99 -27.31
C VAL B 209 -14.76 33.60 -26.66
N GLU B 210 -15.48 34.61 -26.20
CA GLU B 210 -16.73 34.41 -25.47
C GLU B 210 -17.87 35.09 -26.22
N ILE B 211 -18.83 34.30 -26.68
CA ILE B 211 -20.08 34.78 -27.25
C ILE B 211 -21.22 33.97 -26.66
N ASP B 212 -22.33 34.65 -26.35
CA ASP B 212 -23.52 34.07 -25.71
C ASP B 212 -23.17 33.22 -24.49
N GLY B 213 -22.10 33.60 -23.79
CA GLY B 213 -21.66 32.91 -22.59
C GLY B 213 -20.77 31.70 -22.86
N GLN B 214 -21.12 30.92 -23.88
CA GLN B 214 -20.30 29.77 -24.25
C GLN B 214 -18.94 30.24 -24.78
N TYR B 215 -17.93 29.43 -24.55
CA TYR B 215 -16.55 29.73 -24.94
C TYR B 215 -16.24 29.03 -26.26
N GLU B 216 -15.84 29.80 -27.26
CA GLU B 216 -15.39 29.24 -28.52
C GLU B 216 -13.89 29.03 -28.45
N ILE B 217 -13.47 27.78 -28.38
CA ILE B 217 -12.06 27.40 -28.28
C ILE B 217 -11.61 26.97 -29.67
N ARG B 218 -10.80 27.82 -30.30
CA ARG B 218 -10.41 27.63 -31.68
C ARG B 218 -8.93 27.34 -31.77
N GLY B 219 -8.56 26.40 -32.64
CA GLY B 219 -7.17 26.13 -32.95
C GLY B 219 -6.74 26.95 -34.16
N THR B 220 -5.48 27.36 -34.14
CA THR B 220 -4.95 28.20 -35.21
C THR B 220 -4.41 27.33 -36.35
N TYR B 221 -4.25 27.97 -37.50
CA TYR B 221 -3.71 27.31 -38.68
C TYR B 221 -3.15 28.37 -39.61
N LYS B 222 -2.33 27.92 -40.57
CA LYS B 222 -1.70 28.82 -41.52
C LYS B 222 -1.59 28.11 -42.87
N PHE B 223 -1.79 28.89 -43.93
CA PHE B 223 -1.71 28.38 -45.29
C PHE B 223 -0.36 28.68 -45.91
N THR B 224 0.07 27.81 -46.82
CA THR B 224 1.35 27.97 -47.50
C THR B 224 1.26 27.86 -49.01
N SER B 225 0.09 27.53 -49.54
CA SER B 225 -0.12 27.37 -50.98
C SER B 225 -1.62 27.36 -51.22
N ARG B 226 -2.02 27.03 -52.46
CA ARG B 226 -3.44 26.85 -52.75
C ARG B 226 -3.96 25.49 -52.30
N THR B 227 -3.07 24.55 -51.98
CA THR B 227 -3.49 23.24 -51.51
C THR B 227 -2.70 22.75 -50.29
N GLN B 228 -1.77 23.55 -49.77
CA GLN B 228 -0.94 23.16 -48.64
C GLN B 228 -1.21 24.12 -47.48
N MET B 229 -1.57 23.57 -46.33
CA MET B 229 -1.68 24.36 -45.12
C MET B 229 -1.00 23.60 -43.98
N HIS B 230 -0.62 24.36 -42.95
CA HIS B 230 0.05 23.82 -41.78
C HIS B 230 -0.82 24.09 -40.56
N ILE B 231 -1.39 23.03 -39.99
CA ILE B 231 -2.16 23.14 -38.77
C ILE B 231 -1.19 23.24 -37.60
N THR B 232 -1.19 24.38 -36.91
CA THR B 232 -0.22 24.65 -35.87
C THR B 232 -0.81 24.58 -34.47
N GLU B 233 -2.09 24.27 -34.32
CA GLU B 233 -2.72 24.13 -33.01
C GLU B 233 -4.11 23.55 -33.20
N ILE B 234 -4.57 22.80 -32.21
CA ILE B 234 -5.92 22.25 -32.19
C ILE B 234 -6.53 22.53 -30.82
N PRO B 235 -7.87 22.52 -30.72
CA PRO B 235 -8.51 22.81 -29.43
C PRO B 235 -8.04 21.85 -28.34
N TYR B 236 -8.13 22.34 -27.10
CA TYR B 236 -7.59 21.64 -25.96
C TYR B 236 -8.24 20.29 -25.72
N LYS B 237 -9.43 20.05 -26.25
CA LYS B 237 -10.14 18.80 -26.01
C LYS B 237 -9.56 17.62 -26.76
N TYR B 238 -8.63 17.85 -27.69
CA TYR B 238 -8.11 16.80 -28.54
C TYR B 238 -6.77 16.28 -28.03
N ASP B 239 -6.46 15.06 -28.43
CA ASP B 239 -5.12 14.50 -28.38
C ASP B 239 -4.83 13.86 -29.72
N ARG B 240 -3.55 13.57 -29.99
CA ARG B 240 -3.20 12.98 -31.27
C ARG B 240 -3.89 11.66 -31.52
N GLU B 241 -4.30 10.95 -30.47
CA GLU B 241 -4.99 9.68 -30.66
C GLU B 241 -6.40 9.88 -31.19
N THR B 242 -7.10 10.91 -30.71
CA THR B 242 -8.48 11.16 -31.13
C THR B 242 -8.61 12.18 -32.24
N TYR B 243 -7.72 13.17 -32.32
CA TYR B 243 -7.79 14.12 -33.43
C TYR B 243 -7.51 13.43 -34.75
N VAL B 244 -6.55 12.51 -34.77
CA VAL B 244 -6.25 11.78 -36.01
C VAL B 244 -7.39 10.83 -36.35
N SER B 245 -7.94 10.15 -35.34
CA SER B 245 -8.92 9.09 -35.57
C SER B 245 -10.36 9.59 -35.66
N LYS B 246 -10.59 10.89 -35.45
CA LYS B 246 -11.95 11.43 -35.55
C LYS B 246 -12.11 12.50 -36.62
N ILE B 247 -11.01 13.11 -37.09
CA ILE B 247 -11.10 14.14 -38.11
C ILE B 247 -10.24 13.76 -39.31
N LEU B 248 -8.94 13.64 -39.09
CA LEU B 248 -8.02 13.40 -40.20
C LEU B 248 -8.23 12.04 -40.84
N ASP B 249 -8.47 11.00 -40.04
CA ASP B 249 -8.76 9.69 -40.64
C ASP B 249 -10.06 9.69 -41.43
N PRO B 250 -11.19 10.23 -40.93
CA PRO B 250 -12.37 10.32 -41.80
C PRO B 250 -12.14 11.13 -43.07
N LEU B 251 -11.39 12.23 -42.98
CA LEU B 251 -11.14 13.02 -44.19
C LEU B 251 -10.27 12.26 -45.18
N GLU B 252 -9.30 11.49 -44.67
CA GLU B 252 -8.50 10.63 -45.54
C GLU B 252 -9.37 9.55 -46.17
N ASN B 253 -10.29 8.98 -45.40
CA ASN B 253 -11.18 7.94 -45.93
C ASN B 253 -12.07 8.49 -47.02
N LYS B 254 -12.49 9.75 -46.91
CA LYS B 254 -13.30 10.36 -47.95
C LYS B 254 -12.47 10.90 -49.11
N GLY B 255 -11.15 10.78 -49.04
CA GLY B 255 -10.28 11.22 -50.12
C GLY B 255 -10.08 12.72 -50.20
N PHE B 256 -10.51 13.48 -49.20
CA PHE B 256 -10.41 14.93 -49.26
C PHE B 256 -8.96 15.39 -49.21
N ILE B 257 -8.16 14.84 -48.29
CA ILE B 257 -6.84 15.36 -48.01
C ILE B 257 -5.83 14.23 -47.91
N THR B 258 -4.56 14.61 -47.94
CA THR B 258 -3.44 13.73 -47.56
C THR B 258 -2.58 14.50 -46.58
N TRP B 259 -2.32 13.90 -45.42
CA TRP B 259 -1.65 14.60 -44.33
C TRP B 259 -0.48 13.78 -43.81
N ASP B 260 0.47 14.46 -43.19
CA ASP B 260 1.56 13.82 -42.48
C ASP B 260 1.71 14.46 -41.10
N ASP B 261 2.21 13.68 -40.16
CA ASP B 261 2.33 14.14 -38.78
C ASP B 261 3.41 15.19 -38.66
N ALA B 262 3.19 16.15 -37.77
CA ALA B 262 4.19 17.16 -37.46
C ALA B 262 4.28 17.45 -35.97
N CYS B 263 3.67 16.63 -35.12
CA CYS B 263 3.73 16.86 -33.68
C CYS B 263 5.17 16.77 -33.20
N GLY B 264 5.55 17.74 -32.37
CA GLY B 264 6.91 17.80 -31.89
C GLY B 264 7.04 18.28 -30.46
N GLU B 265 8.22 18.80 -30.11
CA GLU B 265 8.43 19.29 -28.75
C GLU B 265 7.53 20.47 -28.43
N HIS B 266 7.29 21.35 -29.41
CA HIS B 266 6.50 22.54 -29.18
C HIS B 266 5.02 22.23 -28.96
N GLY B 267 4.49 21.19 -29.60
CA GLY B 267 3.10 20.85 -29.41
C GLY B 267 2.51 20.01 -30.54
N PHE B 268 1.37 20.43 -31.06
CA PHE B 268 0.70 19.73 -32.13
C PHE B 268 1.15 20.25 -33.49
N GLY B 269 0.75 19.54 -34.54
CA GLY B 269 1.06 19.94 -35.89
C GLY B 269 0.66 18.88 -36.91
N PHE B 270 0.01 19.29 -37.99
CA PHE B 270 -0.43 18.36 -39.03
C PHE B 270 -0.41 19.13 -40.35
N LYS B 271 0.66 18.98 -41.11
CA LYS B 271 0.69 19.56 -42.45
C LYS B 271 -0.25 18.79 -43.36
N VAL B 272 -1.08 19.50 -44.11
CA VAL B 272 -2.17 18.91 -44.88
C VAL B 272 -2.01 19.28 -46.35
N LYS B 273 -2.16 18.29 -47.22
CA LYS B 273 -2.20 18.49 -48.66
C LYS B 273 -3.64 18.35 -49.13
N PHE B 274 -4.09 19.31 -49.95
CA PHE B 274 -5.46 19.33 -50.43
C PHE B 274 -5.53 18.73 -51.84
N ARG B 275 -6.57 17.93 -52.07
CA ARG B 275 -6.78 17.26 -53.34
C ARG B 275 -7.78 18.03 -54.19
N LYS B 276 -7.87 17.64 -55.47
CA LYS B 276 -8.81 18.28 -56.38
C LYS B 276 -10.25 18.01 -55.97
N GLU B 277 -10.51 16.85 -55.37
CA GLU B 277 -11.87 16.51 -54.95
C GLU B 277 -12.37 17.46 -53.87
N TYR B 278 -11.49 17.87 -52.95
CA TYR B 278 -11.85 18.81 -51.90
C TYR B 278 -12.10 20.17 -52.53
N SER B 279 -13.37 20.55 -52.65
CA SER B 279 -13.72 21.81 -53.26
C SER B 279 -13.22 22.98 -52.41
N LEU B 280 -12.66 23.98 -53.07
CA LEU B 280 -12.14 25.17 -52.41
C LEU B 280 -13.03 26.35 -52.74
N SER B 281 -13.54 27.02 -51.71
CA SER B 281 -14.41 28.16 -51.89
C SER B 281 -13.60 29.40 -52.23
N ASP B 282 -14.10 30.17 -53.20
CA ASP B 282 -13.40 31.39 -53.60
C ASP B 282 -13.40 32.42 -52.47
N ASN B 283 -14.52 32.55 -51.76
CA ASN B 283 -14.61 33.51 -50.67
C ASN B 283 -13.72 33.09 -49.52
N GLU B 284 -12.97 34.05 -48.97
CA GLU B 284 -12.04 33.74 -47.89
C GLU B 284 -12.78 33.37 -46.61
N GLU B 285 -13.90 34.05 -46.32
CA GLU B 285 -14.64 33.75 -45.10
C GLU B 285 -15.34 32.40 -45.21
N GLU B 286 -15.87 32.07 -46.39
CA GLU B 286 -16.48 30.76 -46.60
C GLU B 286 -15.45 29.65 -46.47
N ARG B 287 -14.26 29.86 -47.05
CA ARG B 287 -13.19 28.88 -46.93
C ARG B 287 -12.76 28.71 -45.47
N HIS B 288 -12.65 29.81 -44.73
CA HIS B 288 -12.26 29.72 -43.33
C HIS B 288 -13.30 28.98 -42.51
N ALA B 289 -14.59 29.27 -42.75
CA ALA B 289 -15.64 28.54 -42.03
C ALA B 289 -15.64 27.06 -42.39
N LYS B 290 -15.44 26.74 -43.67
CA LYS B 290 -15.40 25.35 -44.08
C LYS B 290 -14.22 24.61 -43.44
N ILE B 291 -13.07 25.28 -43.34
CA ILE B 291 -11.91 24.66 -42.69
C ILE B 291 -12.18 24.46 -41.21
N MET B 292 -12.73 25.48 -40.54
CA MET B 292 -12.97 25.39 -39.10
C MET B 292 -14.02 24.34 -38.76
N LYS B 293 -14.96 24.08 -39.67
CA LYS B 293 -15.97 23.07 -39.41
C LYS B 293 -15.52 21.67 -39.80
N ASP B 294 -14.90 21.52 -40.97
CA ASP B 294 -14.51 20.20 -41.46
C ASP B 294 -13.38 19.61 -40.63
N PHE B 295 -12.44 20.44 -40.19
CA PHE B 295 -11.21 19.97 -39.56
C PHE B 295 -11.27 20.00 -38.04
N GLY B 296 -12.44 20.28 -37.46
CA GLY B 296 -12.59 20.17 -36.01
C GLY B 296 -11.82 21.18 -35.21
N LEU B 297 -11.43 22.30 -35.83
CA LEU B 297 -10.68 23.33 -35.12
C LEU B 297 -11.53 24.15 -34.16
N ILE B 298 -12.85 23.96 -34.16
CA ILE B 298 -13.76 24.74 -33.33
C ILE B 298 -14.30 23.84 -32.23
N GLU B 299 -14.15 24.27 -30.98
CA GLU B 299 -14.74 23.59 -29.84
C GLU B 299 -15.49 24.61 -29.00
N ARG B 300 -16.72 24.29 -28.62
CA ARG B 300 -17.55 25.14 -27.78
C ARG B 300 -17.71 24.47 -26.42
N ARG B 301 -17.38 25.20 -25.36
CA ARG B 301 -17.43 24.68 -24.00
C ARG B 301 -18.35 25.52 -23.15
N SER B 302 -19.24 24.85 -22.41
CA SER B 302 -20.19 25.52 -21.52
C SER B 302 -19.76 25.27 -20.08
N GLN B 303 -19.73 26.34 -19.29
CA GLN B 303 -19.24 26.29 -17.92
C GLN B 303 -20.41 26.08 -16.96
N ASN B 304 -20.29 25.08 -16.09
CA ASN B 304 -21.31 24.74 -15.11
C ASN B 304 -20.62 24.65 -13.75
N ILE B 305 -20.63 25.76 -13.02
CA ILE B 305 -19.89 25.89 -11.77
C ILE B 305 -20.72 25.26 -10.65
N THR B 306 -20.48 23.98 -10.38
CA THR B 306 -21.08 23.27 -9.26
C THR B 306 -19.95 22.93 -8.28
N VAL B 307 -19.89 23.67 -7.18
CA VAL B 307 -18.77 23.58 -6.25
C VAL B 307 -19.31 23.42 -4.83
N ILE B 308 -18.70 22.51 -4.07
CA ILE B 308 -19.05 22.34 -2.67
C ILE B 308 -18.47 23.50 -1.88
N ASN B 309 -19.36 24.28 -1.25
CA ASN B 309 -18.94 25.51 -0.58
C ASN B 309 -18.39 25.19 0.81
N GLU B 310 -18.19 26.22 1.63
CA GLU B 310 -17.58 26.05 2.94
C GLU B 310 -18.45 25.20 3.86
N LYS B 311 -19.77 25.40 3.81
CA LYS B 311 -20.67 24.69 4.70
C LYS B 311 -20.77 23.20 4.40
N GLY B 312 -20.20 22.75 3.29
CA GLY B 312 -20.32 21.36 2.89
C GLY B 312 -21.47 21.05 1.98
N LYS B 313 -22.20 22.06 1.51
CA LYS B 313 -23.34 21.88 0.64
C LYS B 313 -22.94 22.06 -0.81
N LEU B 314 -23.87 21.75 -1.70
CA LEU B 314 -23.67 21.89 -3.14
C LEU B 314 -24.23 23.23 -3.58
N GLN B 315 -23.36 24.13 -4.02
CA GLN B 315 -23.74 25.45 -4.51
C GLN B 315 -23.41 25.57 -5.97
N VAL B 316 -24.37 26.02 -6.77
CA VAL B 316 -24.17 26.27 -8.20
C VAL B 316 -24.10 27.77 -8.40
N TYR B 317 -23.02 28.23 -9.03
CA TYR B 317 -22.78 29.65 -9.22
C TYR B 317 -23.11 30.08 -10.65
N ASP B 318 -23.61 31.29 -10.78
CA ASP B 318 -23.97 31.83 -12.09
C ASP B 318 -22.72 32.14 -12.91
N ASN B 319 -21.79 32.90 -12.33
CA ASN B 319 -20.54 33.24 -12.98
C ASN B 319 -19.41 33.14 -11.96
N VAL B 320 -18.18 33.03 -12.48
CA VAL B 320 -17.02 32.88 -11.62
C VAL B 320 -16.81 34.09 -10.72
N VAL B 321 -17.43 35.22 -11.04
CA VAL B 321 -17.26 36.43 -10.23
C VAL B 321 -17.77 36.20 -8.81
N ASP B 322 -18.97 35.63 -8.68
CA ASP B 322 -19.54 35.40 -7.36
C ASP B 322 -18.79 34.32 -6.60
N LEU B 323 -18.29 33.31 -7.31
CA LEU B 323 -17.40 32.33 -6.67
C LEU B 323 -16.21 33.03 -6.03
N ILE B 324 -15.55 33.91 -6.80
CA ILE B 324 -14.39 34.61 -6.27
C ILE B 324 -14.78 35.48 -5.09
N LYS B 325 -15.95 36.13 -5.15
CA LYS B 325 -16.38 37.00 -4.06
C LYS B 325 -16.58 36.20 -2.77
N ASP B 326 -17.35 35.12 -2.85
CA ASP B 326 -17.63 34.32 -1.65
C ASP B 326 -16.37 33.65 -1.12
N PHE B 327 -15.52 33.15 -2.02
CA PHE B 327 -14.25 32.56 -1.61
C PHE B 327 -13.40 33.59 -0.88
N VAL B 328 -13.34 34.81 -1.42
CA VAL B 328 -12.56 35.86 -0.78
C VAL B 328 -13.12 36.16 0.60
N GLU B 329 -14.45 36.13 0.76
CA GLU B 329 -15.03 36.37 2.07
C GLU B 329 -14.62 35.30 3.08
N VAL B 330 -14.77 34.02 2.73
CA VAL B 330 -14.46 32.96 3.68
C VAL B 330 -12.96 32.88 3.95
N ARG B 331 -12.14 33.08 2.92
CA ARG B 331 -10.70 33.09 3.13
C ARG B 331 -10.27 34.32 3.92
N LYS B 332 -11.02 35.42 3.81
CA LYS B 332 -10.82 36.57 4.68
C LYS B 332 -11.03 36.17 6.14
N THR B 333 -12.11 35.42 6.39
CA THR B 333 -12.35 34.91 7.74
C THR B 333 -11.17 34.09 8.24
N TYR B 334 -10.65 33.18 7.40
CA TYR B 334 -9.57 32.31 7.85
C TYR B 334 -8.26 33.07 8.03
N VAL B 335 -7.99 34.07 7.19
CA VAL B 335 -6.81 34.90 7.38
C VAL B 335 -6.92 35.69 8.67
N GLN B 336 -8.14 36.14 9.02
CA GLN B 336 -8.33 36.82 10.29
C GLN B 336 -8.09 35.88 11.47
N LYS B 337 -8.54 34.63 11.35
CA LYS B 337 -8.26 33.63 12.37
C LYS B 337 -6.76 33.44 12.55
N ARG B 338 -6.03 33.32 11.44
CA ARG B 338 -4.58 33.21 11.51
C ARG B 338 -3.97 34.45 12.15
N ILE B 339 -4.49 35.63 11.83
CA ILE B 339 -3.98 36.87 12.41
C ILE B 339 -4.12 36.85 13.93
N ASP B 340 -5.30 36.45 14.41
CA ASP B 340 -5.53 36.44 15.85
C ASP B 340 -4.63 35.44 16.56
N ASN B 341 -4.53 34.21 16.02
CA ASN B 341 -3.72 33.22 16.69
C ASN B 341 -2.25 33.62 16.66
N LYS B 342 -1.80 34.21 15.55
CA LYS B 342 -0.43 34.69 15.48
C LYS B 342 -0.19 35.85 16.43
N ILE B 343 -1.19 36.70 16.66
CA ILE B 343 -1.06 37.74 17.68
C ILE B 343 -0.79 37.10 19.04
N LYS B 344 -1.63 36.13 19.42
CA LYS B 344 -1.50 35.54 20.75
C LYS B 344 -0.21 34.73 20.88
N GLU B 345 0.25 34.15 19.78
CA GLU B 345 1.48 33.35 19.82
C GLU B 345 2.72 34.24 19.88
N THR B 346 2.76 35.30 19.07
CA THR B 346 3.92 36.17 19.06
C THR B 346 4.00 37.04 20.31
N GLU B 347 2.88 37.32 20.98
CA GLU B 347 2.97 38.01 22.26
C GLU B 347 3.69 37.15 23.30
N SER B 348 3.31 35.87 23.40
CA SER B 348 3.98 34.98 24.33
C SER B 348 5.44 34.78 23.95
N ALA B 349 5.72 34.66 22.65
CA ALA B 349 7.11 34.52 22.21
C ALA B 349 7.93 35.76 22.57
N PHE B 350 7.36 36.94 22.37
CA PHE B 350 8.07 38.17 22.71
C PHE B 350 8.35 38.25 24.21
N ARG B 351 7.36 37.89 25.03
CA ARG B 351 7.58 37.98 26.47
C ARG B 351 8.59 36.94 26.95
N LEU B 352 8.58 35.73 26.35
CA LEU B 352 9.60 34.74 26.66
C LEU B 352 10.98 35.24 26.29
N ALA B 353 11.12 35.84 25.11
CA ALA B 353 12.42 36.37 24.70
C ALA B 353 12.86 37.52 25.59
N PHE B 354 11.92 38.36 26.02
CA PHE B 354 12.26 39.45 26.92
C PHE B 354 12.73 38.93 28.27
N ALA B 355 12.06 37.90 28.80
CA ALA B 355 12.50 37.29 30.04
C ALA B 355 13.88 36.66 29.89
N LYS B 356 14.13 36.00 28.76
CA LYS B 356 15.45 35.43 28.51
C LYS B 356 16.53 36.50 28.49
N ALA B 357 16.27 37.60 27.79
CA ALA B 357 17.24 38.68 27.71
C ALA B 357 17.49 39.29 29.07
N HIS B 358 16.43 39.48 29.88
CA HIS B 358 16.62 40.03 31.21
C HIS B 358 17.42 39.09 32.10
N PHE B 359 17.13 37.78 32.03
CA PHE B 359 17.88 36.83 32.83
C PHE B 359 19.35 36.83 32.45
N ILE B 360 19.65 36.87 31.16
CA ILE B 360 21.04 36.88 30.72
C ILE B 360 21.73 38.15 31.18
N LYS B 361 21.06 39.30 31.02
CA LYS B 361 21.66 40.57 31.43
C LYS B 361 21.85 40.64 32.94
N LYS B 362 21.04 39.92 33.72
CA LYS B 362 21.21 39.89 35.16
C LYS B 362 22.33 38.94 35.59
N VAL B 363 22.42 37.77 34.96
CA VAL B 363 23.48 36.82 35.31
C VAL B 363 24.83 37.27 34.79
N ILE B 364 24.86 38.17 33.80
CA ILE B 364 26.13 38.76 33.40
C ILE B 364 26.72 39.57 34.56
N SER B 365 25.88 40.35 35.23
CA SER B 365 26.32 41.11 36.40
C SER B 365 26.26 40.30 37.68
N GLY B 366 25.79 39.05 37.62
CA GLY B 366 25.72 38.22 38.80
C GLY B 366 24.53 38.45 39.69
N GLU B 367 23.47 39.07 39.18
CA GLU B 367 22.27 39.29 39.98
C GLU B 367 21.63 37.97 40.39
N ILE B 368 21.54 37.03 39.45
CA ILE B 368 21.02 35.69 39.76
C ILE B 368 22.18 34.71 39.69
N VAL B 369 22.82 34.46 40.81
CA VAL B 369 23.96 33.55 40.86
C VAL B 369 23.47 32.12 40.71
N VAL B 370 24.08 31.38 39.78
CA VAL B 370 23.70 29.98 39.56
C VAL B 370 24.58 29.00 40.31
N GLN B 371 25.77 29.41 40.74
CA GLN B 371 26.67 28.52 41.47
C GLN B 371 26.22 28.37 42.92
N GLY B 372 26.64 27.26 43.53
CA GLY B 372 26.41 27.05 44.94
C GLY B 372 24.99 26.70 45.32
N LYS B 373 24.12 26.44 44.35
CA LYS B 373 22.73 26.10 44.60
C LYS B 373 22.37 24.89 43.76
N THR B 374 21.22 24.29 44.07
CA THR B 374 20.74 23.13 43.34
C THR B 374 19.75 23.56 42.26
N ARG B 375 19.50 22.65 41.31
CA ARG B 375 18.53 22.93 40.27
C ARG B 375 17.14 23.14 40.85
N LYS B 376 16.75 22.30 41.82
CA LYS B 376 15.49 22.50 42.51
C LYS B 376 15.50 23.73 43.39
N GLU B 377 16.68 24.17 43.84
CA GLU B 377 16.77 25.40 44.61
C GLU B 377 16.61 26.61 43.71
N LEU B 378 17.23 26.59 42.52
CA LEU B 378 17.16 27.73 41.62
C LEU B 378 15.79 27.87 40.96
N THR B 379 15.12 26.76 40.67
CA THR B 379 13.83 26.83 39.98
C THR B 379 12.80 27.57 40.83
N GLU B 380 12.70 27.23 42.11
CA GLU B 380 11.76 27.92 42.99
C GLU B 380 12.13 29.38 43.17
N GLU B 381 13.43 29.67 43.28
CA GLU B 381 13.88 31.05 43.45
C GLU B 381 13.53 31.89 42.22
N LEU B 382 13.70 31.33 41.03
CA LEU B 382 13.33 32.04 39.82
C LEU B 382 11.82 32.15 39.67
N SER B 383 11.07 31.20 40.23
CA SER B 383 9.62 31.26 40.17
C SER B 383 9.04 32.41 41.01
N LYS B 384 9.83 33.00 41.91
CA LYS B 384 9.35 34.08 42.75
C LYS B 384 9.18 35.39 41.99
N ILE B 385 10.13 35.71 41.11
CA ILE B 385 10.05 36.95 40.34
C ILE B 385 8.93 36.85 39.32
N ASP B 386 8.21 37.96 39.13
CA ASP B 386 6.97 37.93 38.37
C ASP B 386 7.19 37.53 36.91
N MET B 387 8.27 38.03 36.30
CA MET B 387 8.48 37.78 34.87
C MET B 387 8.85 36.35 34.55
N TYR B 388 9.26 35.56 35.55
CA TYR B 388 9.62 34.16 35.34
C TYR B 388 8.56 33.31 36.03
N SER B 389 7.48 33.02 35.30
CA SER B 389 6.38 32.23 35.83
C SER B 389 6.29 30.85 35.18
N SER B 390 6.21 30.80 33.85
CA SER B 390 6.23 29.54 33.12
C SER B 390 7.51 29.38 32.31
N TYR B 391 8.46 30.30 32.45
CA TYR B 391 9.67 30.30 31.65
C TYR B 391 10.88 29.74 32.38
N VAL B 392 10.73 29.32 33.65
CA VAL B 392 11.86 28.85 34.43
C VAL B 392 12.45 27.57 33.82
N ASP B 393 11.59 26.70 33.30
CA ASP B 393 12.08 25.51 32.62
C ASP B 393 12.83 25.84 31.34
N LYS B 394 12.57 27.01 30.75
CA LYS B 394 13.28 27.46 29.57
C LYS B 394 14.29 28.56 29.87
N LEU B 395 14.40 29.00 31.11
CA LEU B 395 15.31 30.09 31.44
C LEU B 395 16.63 29.57 31.98
N VAL B 396 16.58 28.75 33.03
CA VAL B 396 17.71 27.96 33.47
C VAL B 396 17.56 26.60 32.79
N GLY B 397 18.35 26.38 31.75
CA GLY B 397 18.13 25.28 30.84
C GLY B 397 18.44 25.64 29.41
N MET B 398 18.83 26.89 29.21
CA MET B 398 19.37 27.34 27.92
C MET B 398 20.89 27.40 28.01
N ASN B 399 21.53 27.27 26.86
CA ASN B 399 22.95 26.92 26.79
C ASN B 399 23.83 27.98 27.45
N ILE B 400 25.07 27.57 27.75
CA ILE B 400 25.98 28.42 28.52
C ILE B 400 26.44 29.62 27.71
N PHE B 401 26.67 29.43 26.40
CA PHE B 401 27.24 30.51 25.59
C PHE B 401 26.35 31.74 25.56
N HIS B 402 25.07 31.61 25.91
CA HIS B 402 24.20 32.77 26.06
C HIS B 402 24.72 33.73 27.11
N MET B 403 25.54 33.26 28.04
CA MET B 403 26.09 34.10 29.11
C MET B 403 27.40 34.75 28.68
N THR B 404 27.65 34.85 27.38
CA THR B 404 28.78 35.60 26.84
C THR B 404 28.33 37.04 26.60
N SER B 405 29.13 37.82 25.86
CA SER B 405 28.75 39.18 25.52
C SER B 405 28.13 39.30 24.14
N ASP B 406 28.61 38.54 23.16
CA ASP B 406 28.02 38.58 21.82
C ASP B 406 26.61 37.99 21.82
N GLU B 407 26.44 36.82 22.43
CA GLU B 407 25.13 36.17 22.45
C GLU B 407 24.18 36.80 23.45
N ALA B 408 24.67 37.66 24.34
CA ALA B 408 23.79 38.43 25.22
C ALA B 408 23.05 39.54 24.48
N LYS B 409 23.52 39.91 23.29
CA LYS B 409 22.85 40.91 22.47
C LYS B 409 21.94 40.32 21.42
N LYS B 410 22.26 39.13 20.91
CA LYS B 410 21.37 38.45 19.98
C LYS B 410 20.06 38.02 20.64
N LEU B 411 19.99 38.03 21.97
CA LEU B 411 18.73 37.79 22.65
C LEU B 411 17.90 39.06 22.75
N ALA B 412 18.55 40.19 23.03
CA ALA B 412 17.86 41.48 22.98
C ALA B 412 17.40 41.80 21.57
N GLU B 413 18.23 41.46 20.57
CA GLU B 413 17.82 41.64 19.19
C GLU B 413 16.58 40.84 18.86
N GLU B 414 16.52 39.59 19.32
CA GLU B 414 15.33 38.78 19.08
C GLU B 414 14.13 39.27 19.87
N ALA B 415 14.36 39.84 21.06
CA ALA B 415 13.26 40.44 21.81
C ALA B 415 12.66 41.62 21.04
N LYS B 416 13.52 42.49 20.51
CA LYS B 416 13.03 43.61 19.71
C LYS B 416 12.36 43.12 18.44
N ALA B 417 12.91 42.09 17.80
CA ALA B 417 12.29 41.54 16.59
C ALA B 417 10.92 40.97 16.88
N LYS B 418 10.75 40.29 18.01
CA LYS B 418 9.46 39.74 18.36
C LYS B 418 8.47 40.85 18.74
N LYS B 419 8.94 41.91 19.37
CA LYS B 419 8.08 43.07 19.60
C LYS B 419 7.62 43.68 18.27
N GLU B 420 8.52 43.80 17.31
CA GLU B 420 8.16 44.31 15.99
C GLU B 420 7.16 43.40 15.30
N GLU B 421 7.35 42.08 15.42
CA GLU B 421 6.41 41.14 14.82
C GLU B 421 5.04 41.23 15.48
N ASN B 422 5.01 41.43 16.81
CA ASN B 422 3.74 41.65 17.49
C ASN B 422 3.06 42.90 16.97
N GLU B 423 3.82 43.98 16.79
CA GLU B 423 3.24 45.21 16.24
C GLU B 423 2.69 44.96 14.84
N TYR B 424 3.46 44.28 14.00
CA TYR B 424 3.04 44.06 12.62
C TYR B 424 1.80 43.17 12.54
N TRP B 425 1.68 42.17 13.41
CA TRP B 425 0.53 41.29 13.36
C TRP B 425 -0.65 41.79 14.17
N LYS B 426 -0.49 42.84 14.98
CA LYS B 426 -1.61 43.37 15.72
C LYS B 426 -2.07 44.76 15.28
N THR B 427 -1.35 45.43 14.39
CA THR B 427 -1.82 46.67 13.80
C THR B 427 -2.31 46.52 12.37
N THR B 428 -2.21 45.33 11.77
CA THR B 428 -2.65 45.11 10.42
C THR B 428 -3.93 44.28 10.39
N ASP B 429 -4.68 44.44 9.29
CA ASP B 429 -5.96 43.79 9.10
C ASP B 429 -5.81 42.57 8.20
N VAL B 430 -6.92 41.87 8.01
CA VAL B 430 -6.96 40.75 7.08
C VAL B 430 -6.69 41.24 5.67
N VAL B 431 -7.07 42.48 5.35
CA VAL B 431 -6.85 43.02 4.02
C VAL B 431 -5.37 43.08 3.69
N THR B 432 -4.58 43.66 4.60
CA THR B 432 -3.15 43.81 4.34
C THR B 432 -2.45 42.47 4.25
N GLU B 433 -2.78 41.53 5.14
CA GLU B 433 -2.12 40.23 5.11
C GLU B 433 -2.49 39.44 3.87
N TYR B 434 -3.77 39.49 3.47
CA TYR B 434 -4.19 38.82 2.25
C TYR B 434 -3.55 39.46 1.03
N THR B 435 -3.31 40.77 1.06
CA THR B 435 -2.60 41.43 -0.03
C THR B 435 -1.15 40.98 -0.10
N LYS B 436 -0.47 40.92 1.07
CA LYS B 436 0.93 40.51 1.09
C LYS B 436 1.10 39.08 0.59
N ASP B 437 0.22 38.18 1.02
CA ASP B 437 0.28 36.80 0.55
C ASP B 437 -0.02 36.70 -0.94
N LEU B 438 -0.76 37.66 -1.50
CA LEU B 438 -1.10 37.64 -2.91
C LEU B 438 0.05 38.04 -3.82
N GLU B 439 1.05 38.75 -3.28
CA GLU B 439 2.20 39.20 -4.07
C GLU B 439 3.35 38.20 -4.05
N GLU B 440 3.07 36.92 -3.81
CA GLU B 440 4.08 35.87 -3.81
C GLU B 440 3.60 34.68 -4.61
N ILE B 441 2.81 34.94 -5.65
CA ILE B 441 2.29 33.90 -6.53
C ILE B 441 2.95 33.96 -7.91
N LYS B 442 4.15 34.54 -7.99
CA LYS B 442 4.85 34.68 -9.25
C LYS B 442 5.18 33.32 -9.87
N ALA C 392 -2.51 -0.60 -46.44
CA ALA C 392 -3.40 0.18 -45.60
C ALA C 392 -2.59 1.12 -44.69
N LYS C 393 -2.98 1.18 -43.42
CA LYS C 393 -2.31 2.04 -42.46
C LYS C 393 -2.49 1.47 -41.06
N VAL C 394 -1.58 1.84 -40.16
CA VAL C 394 -1.65 1.42 -38.76
C VAL C 394 -1.88 2.64 -37.89
N HIS C 395 -2.80 2.50 -36.93
CA HIS C 395 -3.21 3.64 -36.11
C HIS C 395 -2.13 4.05 -35.12
N LYS C 396 -1.73 3.13 -34.23
CA LYS C 396 -0.73 3.45 -33.22
C LYS C 396 0.64 3.72 -33.83
N HIS C 397 0.88 3.29 -35.05
CA HIS C 397 2.16 3.52 -35.70
C HIS C 397 2.37 5.01 -35.96
N ILE C 398 3.59 5.47 -35.74
CA ILE C 398 3.98 6.83 -36.07
C ILE C 398 4.99 6.76 -37.19
N LYS C 399 4.59 7.23 -38.38
CA LYS C 399 5.42 7.10 -39.56
C LYS C 399 6.60 8.07 -39.50
N ALA C 400 7.65 7.72 -40.22
CA ALA C 400 8.78 8.61 -40.45
C ALA C 400 8.64 9.29 -41.80
N ASN C 401 9.28 10.45 -41.93
CA ASN C 401 9.17 11.22 -43.15
C ASN C 401 9.78 10.45 -44.33
N LEU C 402 10.92 9.81 -44.13
CA LEU C 402 11.61 9.07 -45.18
C LEU C 402 11.35 7.57 -45.10
N CYS C 403 10.35 7.14 -44.34
CA CYS C 403 10.04 5.72 -44.25
C CYS C 403 9.69 5.17 -45.63
N GLY C 404 10.30 4.05 -45.98
CA GLY C 404 10.16 3.47 -47.31
C GLY C 404 11.14 3.98 -48.33
N LYS C 405 12.02 4.91 -47.96
CA LYS C 405 13.02 5.47 -48.86
C LYS C 405 14.41 4.97 -48.45
N ASP C 406 15.44 5.47 -49.12
CA ASP C 406 16.82 5.05 -48.87
C ASP C 406 17.40 5.93 -47.77
N ALA C 407 17.16 5.53 -46.53
CA ALA C 407 17.73 6.22 -45.37
C ALA C 407 17.76 5.24 -44.20
N ASP C 408 18.56 5.58 -43.21
CA ASP C 408 18.73 4.71 -42.04
C ASP C 408 17.59 4.89 -41.03
N THR C 409 16.36 4.93 -41.54
CA THR C 409 15.20 5.11 -40.70
C THR C 409 15.05 3.96 -39.71
N THR C 410 14.69 4.28 -38.48
CA THR C 410 14.56 3.30 -37.41
C THR C 410 13.11 3.25 -36.93
N LEU C 411 12.67 2.05 -36.56
CA LEU C 411 11.36 1.84 -35.96
C LEU C 411 11.56 1.40 -34.52
N PHE C 412 10.90 2.10 -33.59
CA PHE C 412 11.06 1.84 -32.17
C PHE C 412 9.86 1.08 -31.65
N LEU C 413 10.10 -0.09 -31.09
CA LEU C 413 9.03 -0.91 -30.51
C LEU C 413 8.96 -0.68 -29.00
N THR C 414 8.45 0.50 -28.65
CA THR C 414 8.30 0.86 -27.25
C THR C 414 7.34 -0.08 -26.55
N GLU C 415 7.65 -0.41 -25.30
CA GLU C 415 6.75 -1.21 -24.48
C GLU C 415 5.84 -0.26 -23.70
N GLY C 416 4.57 -0.29 -24.03
CA GLY C 416 3.61 0.60 -23.42
C GLY C 416 3.28 1.77 -24.34
N ASP C 417 2.07 2.29 -24.20
CA ASP C 417 1.61 3.42 -24.99
C ASP C 417 2.03 4.76 -24.40
N SER C 418 2.56 4.78 -23.18
CA SER C 418 2.99 6.04 -22.57
C SER C 418 4.30 6.55 -23.16
N ALA C 419 5.27 5.65 -23.37
CA ALA C 419 6.57 6.06 -23.87
C ALA C 419 6.51 6.59 -25.29
N ILE C 420 5.44 6.29 -26.03
CA ILE C 420 5.34 6.76 -27.40
C ILE C 420 5.14 8.26 -27.46
N GLY C 421 4.56 8.87 -26.42
CA GLY C 421 4.48 10.32 -26.38
C GLY C 421 5.84 10.97 -26.25
N TYR C 422 6.69 10.43 -25.36
CA TYR C 422 8.07 10.89 -25.29
C TYR C 422 8.78 10.68 -26.60
N LEU C 423 8.51 9.56 -27.27
CA LEU C 423 9.11 9.32 -28.58
C LEU C 423 8.70 10.39 -29.57
N ILE C 424 7.41 10.76 -29.57
CA ILE C 424 6.93 11.84 -30.45
C ILE C 424 7.67 13.12 -30.15
N ASP C 425 7.84 13.44 -28.87
CA ASP C 425 8.46 14.70 -28.49
C ASP C 425 9.95 14.75 -28.87
N VAL C 426 10.67 13.65 -28.70
CA VAL C 426 12.12 13.67 -28.84
C VAL C 426 12.65 13.18 -30.18
N ARG C 427 11.87 12.41 -30.92
CA ARG C 427 12.35 11.87 -32.19
C ARG C 427 12.53 12.98 -33.21
N ASP C 428 13.29 12.67 -34.26
CA ASP C 428 13.30 13.49 -35.46
C ASP C 428 12.35 12.90 -36.49
N LYS C 429 11.65 13.79 -37.21
CA LYS C 429 10.58 13.33 -38.09
C LYS C 429 11.13 12.57 -39.30
N GLU C 430 12.37 12.85 -39.69
CA GLU C 430 12.90 12.28 -40.93
C GLU C 430 13.15 10.79 -40.80
N LEU C 431 13.83 10.37 -39.73
CA LEU C 431 14.34 9.00 -39.63
C LEU C 431 13.55 8.14 -38.66
N HIS C 432 13.42 8.56 -37.41
CA HIS C 432 12.87 7.68 -36.39
C HIS C 432 11.36 7.52 -36.55
N GLY C 433 10.91 6.27 -36.53
CA GLY C 433 9.49 5.97 -36.56
C GLY C 433 8.97 5.70 -35.16
N GLY C 434 8.11 4.71 -35.01
CA GLY C 434 7.63 4.36 -33.69
C GLY C 434 6.37 3.53 -33.68
N TYR C 435 6.23 2.67 -32.67
CA TYR C 435 5.05 1.84 -32.47
C TYR C 435 5.04 1.34 -31.04
N PRO C 436 3.92 1.45 -30.33
CA PRO C 436 3.90 0.99 -28.93
C PRO C 436 3.39 -0.42 -28.76
N LEU C 437 4.01 -1.16 -27.86
CA LEU C 437 3.60 -2.52 -27.52
C LEU C 437 3.03 -2.51 -26.11
N ARG C 438 1.78 -2.93 -25.97
CA ARG C 438 1.08 -2.92 -24.69
C ARG C 438 1.00 -4.36 -24.18
N GLY C 439 1.94 -4.72 -23.33
CA GLY C 439 2.03 -6.07 -22.78
C GLY C 439 3.11 -6.88 -23.48
N LYS C 440 3.08 -8.18 -23.22
CA LYS C 440 4.01 -9.10 -23.84
C LYS C 440 3.42 -9.62 -25.14
N VAL C 441 4.19 -9.55 -26.22
CA VAL C 441 3.74 -10.11 -27.48
C VAL C 441 3.71 -11.63 -27.36
N LEU C 442 2.67 -12.24 -27.92
CA LEU C 442 2.50 -13.68 -27.80
C LEU C 442 3.65 -14.41 -28.48
N ASN C 443 3.94 -15.61 -27.99
CA ASN C 443 5.05 -16.40 -28.52
C ASN C 443 4.87 -16.60 -30.01
N SER C 444 6.00 -16.70 -30.72
CA SER C 444 6.01 -16.85 -32.17
C SER C 444 6.83 -18.06 -32.60
N TRP C 445 7.07 -19.01 -31.71
CA TRP C 445 7.91 -20.16 -31.99
C TRP C 445 7.04 -21.40 -32.19
N GLY C 446 7.25 -22.08 -33.31
CA GLY C 446 6.53 -23.31 -33.59
C GLY C 446 5.04 -23.13 -33.75
N MET C 447 4.61 -22.04 -34.39
CA MET C 447 3.20 -21.77 -34.62
C MET C 447 2.97 -21.45 -36.09
N SER C 448 1.75 -21.74 -36.55
CA SER C 448 1.38 -21.47 -37.93
C SER C 448 1.36 -19.97 -38.20
N TYR C 449 1.59 -19.60 -39.46
CA TYR C 449 1.62 -18.19 -39.83
C TYR C 449 0.29 -17.52 -39.57
N ALA C 450 -0.81 -18.25 -39.77
CA ALA C 450 -2.13 -17.70 -39.46
C ALA C 450 -2.26 -17.42 -37.97
N ASP C 451 -1.71 -18.30 -37.12
CA ASP C 451 -1.82 -18.12 -35.69
C ASP C 451 -1.13 -16.84 -35.23
N MET C 452 0.07 -16.58 -35.73
CA MET C 452 0.76 -15.32 -35.39
C MET C 452 0.04 -14.13 -36.02
N LEU C 453 -0.51 -14.31 -37.22
CA LEU C 453 -1.26 -13.23 -37.86
C LEU C 453 -2.55 -12.90 -37.12
N LYS C 454 -3.01 -13.77 -36.22
CA LYS C 454 -4.16 -13.43 -35.39
C LYS C 454 -3.82 -12.28 -34.43
N ASN C 455 -2.61 -12.28 -33.89
CA ASN C 455 -2.22 -11.27 -32.92
C ASN C 455 -2.20 -9.88 -33.57
N LYS C 456 -2.80 -8.91 -32.88
CA LYS C 456 -2.83 -7.56 -33.41
C LYS C 456 -1.43 -6.98 -33.52
N GLU C 457 -0.62 -7.13 -32.47
CA GLU C 457 0.70 -6.51 -32.45
C GLU C 457 1.60 -7.06 -33.54
N LEU C 458 1.59 -8.39 -33.72
CA LEU C 458 2.44 -8.99 -34.74
C LEU C 458 2.00 -8.57 -36.14
N PHE C 459 0.67 -8.52 -36.37
CA PHE C 459 0.17 -8.07 -37.66
C PHE C 459 0.59 -6.65 -37.96
N ASP C 460 0.48 -5.75 -36.96
CA ASP C 460 0.91 -4.39 -37.20
C ASP C 460 2.41 -4.29 -37.38
N ILE C 461 3.20 -5.11 -36.69
CA ILE C 461 4.64 -5.11 -36.90
C ILE C 461 4.95 -5.46 -38.34
N CYS C 462 4.29 -6.50 -38.86
CA CYS C 462 4.49 -6.90 -40.25
C CYS C 462 4.07 -5.80 -41.21
N ALA C 463 2.95 -5.12 -40.91
CA ALA C 463 2.47 -4.07 -41.79
C ALA C 463 3.43 -2.88 -41.83
N ILE C 464 3.88 -2.45 -40.65
CA ILE C 464 4.76 -1.27 -40.57
C ILE C 464 6.12 -1.56 -41.19
N THR C 465 6.73 -2.69 -40.81
CA THR C 465 8.09 -2.96 -41.27
C THR C 465 8.16 -3.33 -42.74
N GLY C 466 7.03 -3.59 -43.39
CA GLY C 466 7.07 -4.13 -44.72
C GLY C 466 7.46 -5.59 -44.77
N LEU C 467 7.49 -6.26 -43.62
CA LEU C 467 7.91 -7.64 -43.51
C LEU C 467 6.72 -8.58 -43.63
N VAL C 468 6.95 -9.72 -44.26
CA VAL C 468 5.94 -10.74 -44.43
C VAL C 468 6.55 -12.09 -44.06
N LEU C 469 5.76 -12.91 -43.36
CA LEU C 469 6.26 -14.19 -42.87
C LEU C 469 6.56 -15.15 -44.01
N GLY C 470 7.70 -15.84 -43.92
CA GLY C 470 8.07 -16.84 -44.89
C GLY C 470 8.78 -16.33 -46.12
N GLU C 471 8.88 -15.02 -46.30
CA GLU C 471 9.54 -14.43 -47.45
C GLU C 471 10.76 -13.65 -46.99
N LYS C 472 11.81 -13.71 -47.80
CA LYS C 472 13.06 -13.01 -47.47
C LYS C 472 12.80 -11.52 -47.31
N ALA C 473 13.42 -10.94 -46.28
CA ALA C 473 13.23 -9.52 -46.01
C ALA C 473 13.73 -8.66 -47.16
N PHE C 474 14.85 -9.04 -47.75
CA PHE C 474 15.43 -8.28 -48.86
C PHE C 474 16.31 -9.20 -49.68
N GLU C 475 16.64 -8.74 -50.89
CA GLU C 475 17.49 -9.48 -51.80
C GLU C 475 18.81 -8.74 -51.97
N GLU C 476 19.92 -9.45 -51.75
CA GLU C 476 21.23 -8.84 -51.79
C GLU C 476 21.70 -8.66 -53.23
N LYS C 477 22.70 -7.79 -53.39
CA LYS C 477 23.29 -7.57 -54.70
C LYS C 477 24.04 -8.81 -55.17
N GLU C 478 24.12 -8.98 -56.49
CA GLU C 478 24.82 -10.11 -57.07
C GLU C 478 26.31 -10.02 -56.75
N ASP C 479 26.91 -11.18 -56.45
CA ASP C 479 28.33 -11.23 -56.11
C ASP C 479 29.19 -10.84 -57.31
N GLY C 480 30.20 -10.02 -57.06
CA GLY C 480 31.09 -9.53 -58.09
C GLY C 480 32.55 -9.68 -57.66
N GLU C 481 33.35 -8.70 -58.07
CA GLU C 481 34.77 -8.73 -57.77
C GLU C 481 35.02 -8.59 -56.26
N TRP C 482 35.94 -9.40 -55.76
CA TRP C 482 36.29 -9.41 -54.35
C TRP C 482 37.54 -8.57 -54.12
N PHE C 483 37.49 -7.73 -53.08
CA PHE C 483 38.61 -6.85 -52.74
C PHE C 483 38.98 -7.03 -51.28
N THR C 484 40.28 -7.07 -51.01
CA THR C 484 40.81 -7.22 -49.67
C THR C 484 41.67 -6.01 -49.32
N PHE C 485 41.47 -5.49 -48.11
CA PHE C 485 42.28 -4.38 -47.61
C PHE C 485 42.60 -4.64 -46.14
N GLU C 486 43.46 -3.80 -45.58
CA GLU C 486 43.88 -3.90 -44.19
C GLU C 486 43.29 -2.73 -43.42
N LEU C 487 42.31 -3.01 -42.57
CA LEU C 487 41.64 -2.00 -41.76
C LEU C 487 42.05 -2.18 -40.30
N ASN C 488 42.64 -1.14 -39.73
CA ASN C 488 43.12 -1.17 -38.34
C ASN C 488 44.08 -2.34 -38.11
N GLY C 489 44.92 -2.61 -39.11
CA GLY C 489 45.86 -3.70 -39.03
C GLY C 489 45.28 -5.08 -39.21
N ASP C 490 44.02 -5.18 -39.59
CA ASP C 490 43.34 -6.46 -39.78
C ASP C 490 42.94 -6.61 -41.24
N THR C 491 43.27 -7.76 -41.82
CA THR C 491 42.87 -8.05 -43.19
C THR C 491 41.37 -8.25 -43.27
N ILE C 492 40.73 -7.57 -44.21
CA ILE C 492 39.28 -7.63 -44.39
C ILE C 492 38.99 -7.91 -45.87
N ILE C 493 38.17 -8.91 -46.13
CA ILE C 493 37.81 -9.31 -47.49
C ILE C 493 36.36 -8.90 -47.73
N VAL C 494 36.14 -8.09 -48.77
CA VAL C 494 34.82 -7.61 -49.14
C VAL C 494 34.67 -7.71 -50.65
N ASN C 495 33.46 -7.44 -51.13
CA ASN C 495 33.17 -7.33 -52.54
C ASN C 495 33.22 -5.85 -52.94
N GLU C 496 32.80 -5.56 -54.17
CA GLU C 496 32.68 -4.17 -54.61
C GLU C 496 31.35 -3.54 -54.22
N ASN C 497 30.47 -4.29 -53.56
CA ASN C 497 29.14 -3.82 -53.21
C ASN C 497 28.80 -4.20 -51.77
N ASP C 498 29.73 -3.93 -50.85
CA ASP C 498 29.56 -4.27 -49.45
C ASP C 498 29.57 -3.01 -48.58
N GLU C 499 29.11 -3.17 -47.35
CA GLU C 499 29.06 -2.11 -46.36
C GLU C 499 30.06 -2.40 -45.25
N VAL C 500 30.81 -1.38 -44.85
CA VAL C 500 31.84 -1.54 -43.82
C VAL C 500 31.47 -0.67 -42.63
N GLN C 501 31.45 -1.29 -41.44
CA GLN C 501 31.08 -0.61 -40.20
C GLN C 501 32.34 0.01 -39.60
N ILE C 502 32.48 1.33 -39.75
CA ILE C 502 33.63 2.07 -39.24
C ILE C 502 33.11 3.18 -38.33
N ASN C 503 33.54 3.16 -37.07
CA ASN C 503 33.19 4.19 -36.09
C ASN C 503 31.68 4.38 -36.00
N GLY C 504 30.94 3.28 -36.04
CA GLY C 504 29.50 3.33 -35.90
C GLY C 504 28.75 3.74 -37.15
N LYS C 505 29.44 3.92 -38.27
CA LYS C 505 28.82 4.31 -39.53
C LYS C 505 29.17 3.30 -40.61
N TRP C 506 28.19 2.98 -41.45
CA TRP C 506 28.38 2.03 -42.53
C TRP C 506 28.79 2.79 -43.79
N ILE C 507 29.94 2.43 -44.34
CA ILE C 507 30.54 3.13 -45.48
C ILE C 507 30.60 2.17 -46.65
N THR C 508 30.22 2.66 -47.83
CA THR C 508 30.21 1.82 -49.02
C THR C 508 31.63 1.49 -49.48
N VAL C 509 31.75 0.40 -50.22
CA VAL C 509 33.05 0.01 -50.77
C VAL C 509 33.52 1.06 -51.78
N GLY C 510 32.60 1.58 -52.59
CA GLY C 510 32.96 2.61 -53.54
C GLY C 510 33.48 3.87 -52.86
N GLU C 511 32.86 4.25 -51.75
CA GLU C 511 33.34 5.42 -51.00
C GLU C 511 34.74 5.19 -50.47
N LEU C 512 35.01 3.99 -49.94
CA LEU C 512 36.35 3.68 -49.43
C LEU C 512 37.37 3.70 -50.57
N ARG C 513 36.98 3.19 -51.74
CA ARG C 513 37.86 3.26 -52.90
C ARG C 513 38.15 4.72 -53.28
N LYS C 514 37.13 5.57 -53.23
CA LYS C 514 37.30 6.99 -53.51
C LYS C 514 38.08 7.70 -52.41
N ASN C 515 38.29 7.06 -51.26
CA ASN C 515 39.01 7.67 -50.14
C ASN C 515 40.49 7.35 -50.16
N LEU C 516 41.06 7.05 -51.33
CA LEU C 516 42.49 6.77 -51.48
C LEU C 516 42.95 5.65 -50.55
N MET C 517 42.15 4.58 -50.47
CA MET C 517 42.49 3.41 -49.68
C MET C 517 42.86 2.27 -50.63
N LYS C 518 43.98 1.60 -50.35
CA LYS C 518 44.47 0.56 -51.23
C LYS C 518 43.55 -0.64 -51.22
N PHE C 519 43.23 -1.15 -52.41
CA PHE C 519 42.37 -2.32 -52.57
C PHE C 519 43.11 -3.38 -53.36
N VAL C 520 43.00 -4.63 -52.92
CA VAL C 520 43.67 -5.75 -53.55
C VAL C 520 42.61 -6.63 -54.21
N LYS C 521 42.67 -6.72 -55.54
CA LYS C 521 41.73 -7.56 -56.27
C LYS C 521 42.13 -9.03 -56.12
N ILE C 522 41.16 -9.86 -55.72
CA ILE C 522 41.39 -11.28 -55.48
C ILE C 522 40.34 -12.07 -56.21
N ASP C 523 40.77 -13.16 -56.87
CA ASP C 523 39.85 -14.02 -57.60
C ASP C 523 38.82 -14.62 -56.64
N SER C 524 37.59 -14.80 -57.15
CA SER C 524 36.51 -15.27 -56.29
C SER C 524 36.79 -16.67 -55.77
N SER C 525 37.37 -17.54 -56.60
CA SER C 525 37.67 -18.89 -56.17
C SER C 525 38.73 -18.94 -55.08
N SER C 526 39.54 -17.89 -54.94
CA SER C 526 40.60 -17.82 -53.94
C SER C 526 40.22 -16.90 -52.78
N VAL C 527 38.95 -16.91 -52.39
CA VAL C 527 38.43 -16.08 -51.31
C VAL C 527 37.89 -17.00 -50.22
N ASP C 528 38.31 -16.75 -48.98
CA ASP C 528 37.84 -17.52 -47.83
C ASP C 528 36.45 -17.02 -47.46
N MET C 529 35.43 -17.82 -47.79
CA MET C 529 34.06 -17.44 -47.44
C MET C 529 33.81 -17.54 -45.94
N LYS C 530 34.43 -18.51 -45.28
CA LYS C 530 34.24 -18.66 -43.83
C LYS C 530 34.75 -17.44 -43.08
N LYS C 531 35.93 -16.94 -43.44
CA LYS C 531 36.44 -15.73 -42.82
C LYS C 531 35.63 -14.51 -43.24
N TYR C 532 35.15 -14.50 -44.48
CA TYR C 532 34.33 -13.38 -44.96
C TYR C 532 33.04 -13.23 -44.16
N LYS C 533 32.39 -14.36 -43.85
CA LYS C 533 31.14 -14.32 -43.12
C LYS C 533 31.32 -14.16 -41.61
N LEU C 534 32.55 -14.24 -41.11
CA LEU C 534 32.82 -14.09 -39.68
C LEU C 534 33.06 -12.64 -39.28
N GLN C 535 33.11 -11.71 -40.23
CA GLN C 535 33.39 -10.32 -39.93
C GLN C 535 32.08 -9.59 -39.63
N ASN C 536 31.93 -9.12 -38.40
CA ASN C 536 30.70 -8.43 -38.00
C ASN C 536 30.60 -7.02 -38.57
N ASN C 537 31.70 -6.45 -39.04
CA ASN C 537 31.72 -5.10 -39.58
C ASN C 537 31.55 -5.06 -41.09
N VAL C 538 31.29 -6.21 -41.71
CA VAL C 538 31.12 -6.31 -43.17
C VAL C 538 29.74 -6.87 -43.44
N ARG C 539 28.98 -6.18 -44.29
CA ARG C 539 27.65 -6.64 -44.69
C ARG C 539 27.42 -6.24 -46.14
N ARG C 540 26.62 -7.03 -46.84
CA ARG C 540 26.35 -6.79 -48.25
C ARG C 540 25.32 -5.68 -48.41
N SER C 541 25.49 -4.85 -49.44
CA SER C 541 24.54 -3.80 -49.74
C SER C 541 23.31 -4.39 -50.42
N ILE C 542 22.14 -3.90 -50.03
CA ILE C 542 20.88 -4.41 -50.55
C ILE C 542 20.60 -3.78 -51.91
N LYS C 543 20.32 -4.62 -52.90
CA LYS C 543 19.91 -4.12 -54.21
C LYS C 543 18.48 -3.63 -54.18
N SER C 544 17.53 -4.52 -53.86
CA SER C 544 16.13 -4.19 -53.74
C SER C 544 15.63 -4.69 -52.39
N SER C 545 14.90 -3.84 -51.67
CA SER C 545 14.37 -4.18 -50.36
C SER C 545 12.91 -3.78 -50.26
N SER C 546 12.10 -4.66 -49.67
CA SER C 546 10.72 -4.35 -49.35
C SER C 546 10.53 -3.79 -47.95
N MET C 547 11.62 -3.68 -47.19
CA MET C 547 11.53 -3.18 -45.82
C MET C 547 11.28 -1.67 -45.80
N ASN C 548 10.24 -1.26 -45.08
CA ASN C 548 9.97 0.17 -44.94
C ASN C 548 11.07 0.87 -44.14
N TYR C 549 11.51 0.26 -43.05
CA TYR C 549 12.55 0.82 -42.20
C TYR C 549 13.85 0.07 -42.38
N ALA C 550 14.96 0.80 -42.38
CA ALA C 550 16.26 0.16 -42.47
C ALA C 550 16.53 -0.73 -41.26
N ASN C 551 16.35 -0.18 -40.06
CA ASN C 551 16.60 -0.90 -38.83
C ASN C 551 15.32 -0.99 -38.00
N VAL C 552 15.38 -1.83 -36.96
CA VAL C 552 14.31 -1.94 -35.97
C VAL C 552 14.96 -1.93 -34.59
N ALA C 553 14.52 -1.04 -33.72
CA ALA C 553 15.06 -0.90 -32.38
C ALA C 553 14.02 -1.31 -31.36
N ILE C 554 14.43 -2.11 -30.38
CA ILE C 554 13.55 -2.55 -29.30
C ILE C 554 13.85 -1.69 -28.08
N MET C 555 12.80 -1.35 -27.32
CA MET C 555 12.93 -0.41 -26.21
C MET C 555 11.90 -0.82 -25.16
N THR C 556 12.36 -1.56 -24.14
CA THR C 556 11.48 -2.15 -23.15
C THR C 556 11.95 -1.78 -21.75
N ASP C 557 11.11 -2.08 -20.76
CA ASP C 557 11.43 -1.80 -19.37
C ASP C 557 12.51 -2.73 -18.85
N ALA C 558 13.28 -2.24 -17.89
CA ALA C 558 14.40 -2.97 -17.33
C ALA C 558 14.01 -3.91 -16.19
N ASP C 559 12.77 -3.83 -15.70
CA ASP C 559 12.29 -4.74 -14.67
C ASP C 559 11.40 -5.84 -15.23
N HIS C 560 11.45 -6.06 -16.55
CA HIS C 560 10.65 -7.08 -17.21
C HIS C 560 11.53 -8.12 -17.88
N ASP C 561 12.81 -8.18 -17.52
CA ASP C 561 13.77 -9.08 -18.16
C ASP C 561 13.93 -10.36 -17.34
N GLY C 562 12.89 -11.19 -17.40
CA GLY C 562 12.87 -12.45 -16.69
C GLY C 562 11.59 -12.62 -15.89
N LEU C 563 11.10 -11.53 -15.30
CA LEU C 563 9.77 -11.49 -14.70
C LEU C 563 8.77 -11.30 -15.84
N GLY C 564 8.57 -12.36 -16.60
CA GLY C 564 7.95 -12.23 -17.90
C GLY C 564 9.00 -11.87 -18.94
N SER C 565 8.54 -11.66 -20.17
CA SER C 565 9.45 -11.35 -21.25
C SER C 565 8.70 -10.63 -22.37
N ILE C 566 9.30 -9.57 -22.88
CA ILE C 566 8.76 -8.86 -24.04
C ILE C 566 9.86 -8.76 -25.10
N TYR C 567 11.11 -8.77 -24.66
CA TYR C 567 12.27 -8.63 -25.53
C TYR C 567 12.59 -9.92 -26.27
N PRO C 568 12.84 -11.05 -25.59
CA PRO C 568 13.16 -12.27 -26.34
C PRO C 568 12.01 -12.80 -27.16
N SER C 569 10.75 -12.49 -26.80
CA SER C 569 9.64 -12.85 -27.68
C SER C 569 9.71 -12.09 -28.99
N LEU C 570 10.04 -10.80 -28.93
CA LEU C 570 10.25 -10.03 -30.15
C LEU C 570 11.41 -10.59 -30.96
N LEU C 571 12.48 -11.00 -30.28
CA LEU C 571 13.59 -11.63 -30.99
C LEU C 571 13.17 -12.93 -31.66
N GLY C 572 12.36 -13.74 -30.98
CA GLY C 572 11.88 -14.97 -31.58
C GLY C 572 11.01 -14.72 -32.80
N PHE C 573 10.20 -13.66 -32.75
CA PHE C 573 9.41 -13.29 -33.93
C PHE C 573 10.32 -12.81 -35.06
N PHE C 574 11.29 -11.95 -34.75
CA PHE C 574 12.18 -11.42 -35.78
C PHE C 574 13.12 -12.47 -36.35
N SER C 575 13.32 -13.59 -35.63
CA SER C 575 14.21 -14.64 -36.11
C SER C 575 13.74 -15.27 -37.40
N ASN C 576 12.46 -15.07 -37.77
CA ASN C 576 11.93 -15.61 -39.01
C ASN C 576 12.55 -14.97 -40.25
N TRP C 577 13.30 -13.88 -40.07
CA TRP C 577 14.06 -13.25 -41.15
C TRP C 577 15.50 -13.09 -40.67
N PRO C 578 16.30 -14.16 -40.76
CA PRO C 578 17.68 -14.10 -40.24
C PRO C 578 18.53 -13.01 -40.87
N GLU C 579 18.26 -12.64 -42.12
CA GLU C 579 19.06 -11.63 -42.80
C GLU C 579 19.08 -10.31 -42.05
N LEU C 580 18.05 -10.03 -41.24
CA LEU C 580 18.08 -8.84 -40.40
C LEU C 580 19.21 -8.91 -39.39
N PHE C 581 19.42 -10.09 -38.80
CA PHE C 581 20.49 -10.25 -37.81
C PHE C 581 21.86 -10.36 -38.47
N GLU C 582 21.93 -11.03 -39.63
CA GLU C 582 23.22 -11.17 -40.31
C GLU C 582 23.83 -9.83 -40.67
N GLN C 583 23.00 -8.82 -40.97
CA GLN C 583 23.48 -7.45 -41.11
C GLN C 583 23.20 -6.60 -39.89
N GLY C 584 22.68 -7.20 -38.82
CA GLY C 584 22.40 -6.47 -37.60
C GLY C 584 21.36 -5.39 -37.73
N ARG C 585 20.27 -5.67 -38.45
CA ARG C 585 19.18 -4.72 -38.53
C ARG C 585 18.40 -4.65 -37.22
N ILE C 586 18.08 -5.81 -36.64
CA ILE C 586 17.37 -5.83 -35.37
C ILE C 586 18.33 -5.43 -34.26
N ARG C 587 17.95 -4.41 -33.49
CA ARG C 587 18.80 -3.86 -32.44
C ARG C 587 17.99 -3.77 -31.15
N PHE C 588 18.65 -3.29 -30.10
CA PHE C 588 18.01 -3.12 -28.79
C PHE C 588 18.76 -2.02 -28.06
N VAL C 589 18.14 -0.84 -27.94
CA VAL C 589 18.77 0.26 -27.23
C VAL C 589 18.93 -0.12 -25.76
N LYS C 590 19.97 0.41 -25.13
CA LYS C 590 20.24 0.13 -23.72
C LYS C 590 19.72 1.28 -22.88
N THR C 591 18.59 1.05 -22.22
CA THR C 591 18.14 1.99 -21.21
C THR C 591 19.06 1.88 -20.00
N PRO C 592 19.64 2.98 -19.53
CA PRO C 592 20.53 2.90 -18.36
C PRO C 592 19.78 2.37 -17.15
N VAL C 593 20.46 1.55 -16.36
CA VAL C 593 19.88 1.00 -15.15
C VAL C 593 19.97 2.01 -14.01
N ILE C 594 21.07 2.74 -13.92
CA ILE C 594 21.26 3.77 -12.92
C ILE C 594 21.68 5.06 -13.62
N ILE C 595 20.99 6.15 -13.32
CA ILE C 595 21.35 7.48 -13.81
C ILE C 595 21.83 8.29 -12.63
N ALA C 596 23.09 8.69 -12.67
CA ALA C 596 23.72 9.42 -11.58
C ALA C 596 23.91 10.87 -11.99
N GLN C 597 23.33 11.78 -11.20
CA GLN C 597 23.43 13.21 -11.48
C GLN C 597 24.64 13.75 -10.72
N VAL C 598 25.78 13.82 -11.41
CA VAL C 598 26.99 14.38 -10.82
C VAL C 598 26.95 15.91 -10.96
N GLY C 599 26.40 16.56 -9.95
CA GLY C 599 26.20 18.00 -10.02
C GLY C 599 25.14 18.37 -11.03
N LYS C 600 25.54 18.99 -12.14
CA LYS C 600 24.62 19.31 -13.22
C LYS C 600 24.74 18.37 -14.41
N LYS C 601 25.87 17.68 -14.57
CA LYS C 601 26.02 16.71 -15.63
C LYS C 601 25.37 15.38 -15.22
N GLN C 602 25.36 14.43 -16.14
CA GLN C 602 24.76 13.12 -15.90
C GLN C 602 25.69 12.04 -16.41
N GLU C 603 25.78 10.95 -15.64
CA GLU C 603 26.53 9.77 -16.03
C GLU C 603 25.60 8.56 -15.97
N TRP C 604 25.60 7.78 -17.03
CA TRP C 604 24.66 6.67 -17.19
C TRP C 604 25.38 5.35 -17.00
N PHE C 605 24.86 4.51 -16.12
CA PHE C 605 25.41 3.19 -15.85
C PHE C 605 24.39 2.16 -16.32
N TYR C 606 24.81 1.27 -17.21
CA TYR C 606 23.89 0.33 -17.83
C TYR C 606 23.76 -0.98 -17.07
N THR C 607 24.57 -1.18 -16.03
CA THR C 607 24.41 -2.30 -15.12
C THR C 607 24.77 -1.83 -13.71
N VAL C 608 24.24 -2.55 -12.72
CA VAL C 608 24.50 -2.17 -11.33
C VAL C 608 25.97 -2.37 -10.99
N ALA C 609 26.61 -3.39 -11.56
CA ALA C 609 28.01 -3.67 -11.26
C ALA C 609 28.90 -2.50 -11.67
N GLU C 610 28.63 -1.90 -12.84
CA GLU C 610 29.43 -0.76 -13.28
C GLU C 610 29.30 0.40 -12.30
N TYR C 611 28.09 0.67 -11.82
CA TYR C 611 27.93 1.75 -10.86
C TYR C 611 28.65 1.45 -9.55
N GLU C 612 28.54 0.21 -9.06
CA GLU C 612 29.20 -0.14 -7.81
C GLU C 612 30.71 -0.01 -7.95
N SER C 613 31.25 -0.39 -9.11
CA SER C 613 32.69 -0.23 -9.35
C SER C 613 33.07 1.24 -9.42
N ALA C 614 32.24 2.06 -10.05
CA ALA C 614 32.54 3.47 -10.25
C ALA C 614 31.89 4.39 -9.22
N LYS C 615 31.26 3.83 -8.19
CA LYS C 615 30.55 4.67 -7.21
C LYS C 615 31.52 5.56 -6.44
N ASP C 616 32.64 4.99 -5.98
CA ASP C 616 33.55 5.73 -5.13
C ASP C 616 34.36 6.77 -5.92
N ALA C 617 34.74 6.44 -7.15
CA ALA C 617 35.50 7.39 -7.98
C ALA C 617 34.65 8.59 -8.38
N LEU C 618 33.32 8.47 -8.32
CA LEU C 618 32.47 9.57 -8.71
C LEU C 618 32.48 10.66 -7.62
N PRO C 619 32.22 11.91 -8.00
CA PRO C 619 32.10 12.98 -7.00
C PRO C 619 30.77 12.92 -6.28
N LYS C 620 30.48 13.94 -5.45
CA LYS C 620 29.19 14.02 -4.77
C LYS C 620 28.06 13.99 -5.79
N HIS C 621 27.21 12.98 -5.69
CA HIS C 621 26.21 12.72 -6.72
C HIS C 621 24.99 12.07 -6.10
N SER C 622 23.89 12.10 -6.87
CA SER C 622 22.65 11.43 -6.51
C SER C 622 22.25 10.52 -7.66
N ILE C 623 21.68 9.37 -7.33
CA ILE C 623 21.33 8.37 -8.33
C ILE C 623 19.84 8.06 -8.25
N ARG C 624 19.32 7.53 -9.35
CA ARG C 624 17.94 7.10 -9.44
C ARG C 624 17.88 5.84 -10.29
N TYR C 625 17.30 4.79 -9.73
CA TYR C 625 17.19 3.52 -10.44
C TYR C 625 16.14 3.64 -11.54
N ILE C 626 16.58 3.50 -12.79
CA ILE C 626 15.68 3.59 -13.94
C ILE C 626 15.11 2.18 -14.14
N LYS C 627 14.00 1.92 -13.46
CA LYS C 627 13.35 0.61 -13.53
C LYS C 627 12.49 0.44 -14.77
N GLY C 628 12.35 1.48 -15.60
CA GLY C 628 11.56 1.37 -16.80
C GLY C 628 11.71 2.62 -17.64
N LEU C 629 11.10 2.57 -18.83
CA LEU C 629 11.13 3.72 -19.71
C LEU C 629 10.39 4.90 -19.11
N GLY C 630 9.26 4.64 -18.43
CA GLY C 630 8.49 5.70 -17.81
C GLY C 630 9.24 6.42 -16.70
N SER C 631 10.32 5.83 -16.20
CA SER C 631 11.10 6.48 -15.16
C SER C 631 12.08 7.51 -15.71
N LEU C 632 12.19 7.63 -17.03
CA LEU C 632 13.08 8.59 -17.66
C LEU C 632 12.35 9.89 -17.92
N GLU C 633 13.06 11.00 -17.72
CA GLU C 633 12.53 12.29 -18.11
C GLU C 633 12.71 12.49 -19.62
N LYS C 634 12.09 13.56 -20.13
CA LYS C 634 12.13 13.81 -21.56
C LYS C 634 13.54 14.13 -22.03
N SER C 635 14.30 14.89 -21.24
CA SER C 635 15.67 15.22 -21.64
C SER C 635 16.54 13.98 -21.72
N GLU C 636 16.43 13.07 -20.76
CA GLU C 636 17.20 11.84 -20.80
C GLU C 636 16.73 10.93 -21.92
N TYR C 637 15.41 10.92 -22.19
CA TYR C 637 14.89 10.17 -23.32
C TYR C 637 15.47 10.67 -24.62
N ARG C 638 15.57 12.00 -24.77
CA ARG C 638 16.19 12.57 -25.96
C ARG C 638 17.67 12.21 -26.04
N GLU C 639 18.38 12.32 -24.92
CA GLU C 639 19.80 11.96 -24.90
C GLU C 639 20.03 10.50 -25.23
N MET C 640 19.04 9.65 -24.96
CA MET C 640 19.13 8.23 -25.23
C MET C 640 18.67 7.85 -26.63
N ILE C 641 17.81 8.65 -27.25
CA ILE C 641 17.36 8.38 -28.61
C ILE C 641 18.29 9.01 -29.65
N GLN C 642 18.69 10.27 -29.44
CA GLN C 642 19.55 10.94 -30.41
C GLN C 642 20.98 10.44 -30.34
N ASN C 643 21.40 9.95 -29.17
CA ASN C 643 22.73 9.37 -28.97
C ASN C 643 22.56 7.97 -28.41
N PRO C 644 22.12 7.02 -29.24
CA PRO C 644 21.78 5.70 -28.74
C PRO C 644 22.98 4.75 -28.73
N VAL C 645 22.89 3.75 -27.86
CA VAL C 645 23.82 2.63 -27.83
C VAL C 645 23.01 1.37 -28.11
N TYR C 646 23.47 0.59 -29.09
CA TYR C 646 22.68 -0.51 -29.63
C TYR C 646 23.33 -1.84 -29.30
N ASP C 647 22.54 -2.73 -28.69
CA ASP C 647 22.93 -4.12 -28.52
C ASP C 647 22.49 -4.86 -29.78
N VAL C 648 23.31 -4.73 -30.82
CA VAL C 648 23.00 -5.34 -32.11
C VAL C 648 23.13 -6.84 -31.97
N VAL C 649 21.99 -7.53 -31.90
CA VAL C 649 22.00 -8.95 -31.58
C VAL C 649 22.50 -9.75 -32.77
N LYS C 650 23.19 -10.85 -32.48
CA LYS C 650 23.74 -11.74 -33.50
C LYS C 650 23.19 -13.14 -33.28
N LEU C 651 22.75 -13.76 -34.35
CA LEU C 651 22.24 -15.13 -34.26
C LEU C 651 23.41 -16.11 -34.22
N PRO C 652 23.48 -16.99 -33.22
CA PRO C 652 24.57 -17.98 -33.17
C PRO C 652 24.38 -19.06 -34.22
N GLU C 653 25.28 -20.05 -34.23
CA GLU C 653 25.22 -21.11 -35.23
C GLU C 653 24.04 -22.05 -35.03
N ASN C 654 23.40 -22.01 -33.85
CA ASN C 654 22.31 -22.93 -33.54
C ASN C 654 21.13 -22.21 -32.90
N TRP C 655 20.83 -20.99 -33.35
CA TRP C 655 19.80 -20.16 -32.74
C TRP C 655 18.44 -20.85 -32.71
N LYS C 656 18.19 -21.73 -33.69
CA LYS C 656 16.93 -22.47 -33.70
C LYS C 656 16.82 -23.37 -32.47
N GLU C 657 17.91 -24.04 -32.11
CA GLU C 657 17.90 -24.88 -30.92
C GLU C 657 17.85 -24.04 -29.64
N LEU C 658 18.52 -22.89 -29.64
CA LEU C 658 18.57 -22.05 -28.45
C LEU C 658 17.22 -21.40 -28.14
N PHE C 659 16.35 -21.26 -29.14
CA PHE C 659 15.05 -20.63 -28.90
C PHE C 659 14.05 -21.57 -28.24
N GLU C 660 14.26 -22.88 -28.33
CA GLU C 660 13.41 -23.81 -27.59
C GLU C 660 13.98 -24.05 -26.20
N MET C 661 14.32 -22.97 -25.51
CA MET C 661 14.81 -23.03 -24.13
C MET C 661 13.95 -22.20 -23.18
N LEU C 662 13.64 -20.96 -23.55
CA LEU C 662 12.82 -20.10 -22.71
C LEU C 662 11.37 -20.09 -23.15
N MET C 663 11.10 -20.35 -24.44
CA MET C 663 9.73 -20.52 -24.90
C MET C 663 9.06 -21.68 -24.19
N GLY C 664 9.78 -22.80 -24.05
CA GLY C 664 9.24 -23.97 -23.40
C GLY C 664 8.87 -25.07 -24.38
N MET D 1 26.61 7.43 -31.49
CA MET D 1 25.94 6.15 -31.71
C MET D 1 26.92 4.99 -31.59
N GLN D 2 26.67 4.12 -30.61
CA GLN D 2 27.51 2.96 -30.37
C GLN D 2 26.81 1.71 -30.89
N LEU D 3 27.58 0.82 -31.52
CA LEU D 3 27.04 -0.40 -32.13
C LEU D 3 27.77 -1.60 -31.51
N ASN D 4 27.25 -2.08 -30.39
CA ASN D 4 27.79 -3.26 -29.74
C ASN D 4 27.14 -4.52 -30.33
N ASN D 5 27.85 -5.64 -30.20
CA ASN D 5 27.46 -6.85 -30.91
C ASN D 5 27.14 -8.00 -29.97
N ARG D 6 26.33 -7.74 -28.94
CA ARG D 6 25.93 -8.77 -28.01
C ARG D 6 25.24 -9.92 -28.74
N ASP D 7 25.66 -11.14 -28.41
CA ASP D 7 25.12 -12.34 -29.05
C ASP D 7 23.86 -12.81 -28.32
N LEU D 8 23.16 -13.75 -28.97
CA LEU D 8 21.93 -14.27 -28.38
C LEU D 8 22.21 -15.11 -27.14
N LYS D 9 23.37 -15.79 -27.10
CA LYS D 9 23.72 -16.56 -25.92
C LYS D 9 23.84 -15.66 -24.69
N SER D 10 24.46 -14.50 -24.84
CA SER D 10 24.54 -13.55 -23.74
C SER D 10 23.16 -13.05 -23.34
N ILE D 11 22.27 -12.86 -24.33
CA ILE D 11 20.89 -12.45 -24.03
C ILE D 11 20.21 -13.47 -23.14
N ILE D 12 20.32 -14.75 -23.52
CA ILE D 12 19.64 -15.81 -22.77
C ILE D 12 20.26 -15.95 -21.38
N ASP D 13 21.60 -15.87 -21.31
CA ASP D 13 22.27 -15.97 -20.02
C ASP D 13 21.87 -14.84 -19.08
N ASN D 14 21.77 -13.61 -19.59
CA ASN D 14 21.40 -12.48 -18.74
C ASN D 14 19.93 -12.51 -18.37
N GLU D 15 19.06 -12.96 -19.28
CA GLU D 15 17.64 -13.08 -18.92
C GLU D 15 17.42 -14.17 -17.89
N ALA D 16 18.11 -15.30 -18.06
CA ALA D 16 18.05 -16.36 -17.05
C ALA D 16 18.67 -15.92 -15.73
N LEU D 17 19.71 -15.09 -15.78
CA LEU D 17 20.28 -14.52 -14.56
C LEU D 17 19.54 -13.27 -14.12
N ALA D 18 18.21 -13.33 -14.20
CA ALA D 18 17.32 -12.46 -13.43
C ALA D 18 16.11 -13.19 -12.88
N TYR D 19 15.78 -14.37 -13.41
CA TYR D 19 14.89 -15.32 -12.77
C TYR D 19 15.61 -16.14 -11.71
N ALA D 20 16.96 -16.11 -11.72
CA ALA D 20 17.77 -16.72 -10.68
C ALA D 20 18.12 -15.72 -9.59
N MET D 21 17.69 -14.46 -9.73
CA MET D 21 17.71 -13.49 -8.64
C MET D 21 16.31 -13.09 -8.21
N TYR D 22 15.28 -13.39 -8.99
CA TYR D 22 13.90 -13.14 -8.59
C TYR D 22 13.30 -14.29 -7.80
N THR D 23 13.88 -15.49 -7.89
CA THR D 23 13.43 -16.65 -7.14
C THR D 23 14.37 -17.03 -6.00
N VAL D 24 15.41 -16.24 -5.76
CA VAL D 24 16.27 -16.44 -4.60
C VAL D 24 15.93 -15.49 -3.46
N GLU D 25 15.48 -14.28 -3.75
CA GLU D 25 14.90 -13.43 -2.72
C GLU D 25 13.52 -13.92 -2.29
N ASN D 26 12.95 -14.91 -2.98
CA ASN D 26 11.69 -15.53 -2.60
C ASN D 26 11.86 -17.02 -2.36
N ARG D 27 13.07 -17.45 -2.01
CA ARG D 27 13.31 -18.85 -1.69
C ARG D 27 12.70 -19.14 -0.33
N ALA D 28 11.82 -20.15 -0.27
CA ALA D 28 11.16 -20.50 0.98
C ALA D 28 12.05 -21.35 1.86
N ILE D 29 13.28 -20.90 2.07
CA ILE D 29 14.25 -21.58 2.93
C ILE D 29 14.62 -20.60 4.04
N PRO D 30 14.33 -20.92 5.30
CA PRO D 30 14.64 -19.99 6.39
C PRO D 30 16.14 -19.78 6.51
N ASN D 31 16.52 -18.54 6.81
CA ASN D 31 17.91 -18.24 7.09
C ASN D 31 18.34 -18.96 8.37
N MET D 32 19.62 -19.32 8.43
CA MET D 32 20.16 -20.00 9.59
C MET D 32 20.04 -19.16 10.85
N ILE D 33 20.25 -17.85 10.74
CA ILE D 33 20.47 -17.02 11.92
C ILE D 33 19.15 -16.54 12.50
N ASP D 34 18.42 -15.72 11.75
CA ASP D 34 17.17 -15.15 12.25
C ASP D 34 15.97 -16.05 12.03
N GLY D 35 16.12 -17.13 11.27
CA GLY D 35 15.00 -18.02 11.03
C GLY D 35 13.93 -17.37 10.18
N PHE D 36 14.28 -16.27 9.52
CA PHE D 36 13.34 -15.51 8.73
C PHE D 36 13.43 -15.92 7.27
N LYS D 37 12.28 -16.25 6.68
CA LYS D 37 12.18 -16.20 5.25
C LYS D 37 12.16 -14.74 4.82
N PRO D 38 12.57 -14.44 3.58
CA PRO D 38 12.70 -13.03 3.20
C PRO D 38 11.40 -12.23 3.35
N VAL D 39 10.25 -12.83 3.07
CA VAL D 39 8.98 -12.11 3.26
C VAL D 39 8.77 -11.78 4.72
N GLN D 40 9.07 -12.73 5.62
CA GLN D 40 8.98 -12.45 7.05
C GLN D 40 9.98 -11.40 7.49
N ARG D 41 11.18 -11.39 6.89
CA ARG D 41 12.15 -10.36 7.19
C ARG D 41 11.63 -8.98 6.81
N PHE D 42 11.00 -8.87 5.63
CA PHE D 42 10.45 -7.60 5.20
C PHE D 42 9.29 -7.18 6.10
N VAL D 43 8.43 -8.13 6.49
CA VAL D 43 7.32 -7.81 7.39
C VAL D 43 7.84 -7.32 8.73
N ILE D 44 8.87 -7.98 9.26
CA ILE D 44 9.43 -7.57 10.54
C ILE D 44 10.08 -6.20 10.44
N ALA D 45 10.78 -5.93 9.34
CA ALA D 45 11.39 -4.62 9.15
C ALA D 45 10.33 -3.53 9.04
N ARG D 46 9.23 -3.82 8.33
CA ARG D 46 8.15 -2.84 8.23
C ARG D 46 7.48 -2.59 9.57
N ALA D 47 7.22 -3.66 10.33
CA ALA D 47 6.63 -3.50 11.65
C ALA D 47 7.58 -2.81 12.63
N LEU D 48 8.88 -2.90 12.41
CA LEU D 48 9.84 -2.13 13.19
C LEU D 48 9.86 -0.67 12.77
N ASP D 49 9.68 -0.39 11.47
CA ASP D 49 9.56 0.99 11.01
C ASP D 49 8.31 1.64 11.60
N LEU D 50 7.18 0.92 11.61
CA LEU D 50 5.95 1.46 12.16
C LEU D 50 6.01 1.61 13.67
N ALA D 51 6.82 0.79 14.34
CA ALA D 51 6.93 0.83 15.79
C ALA D 51 7.85 1.94 16.27
N ARG D 52 8.08 2.95 15.48
CA ARG D 52 8.98 4.00 15.87
C ARG D 52 8.12 5.06 16.42
N GLY D 53 8.25 5.33 17.67
CA GLY D 53 7.43 6.31 18.35
C GLY D 53 6.54 5.70 19.42
N ASN D 54 5.97 4.54 19.11
CA ASN D 54 5.12 3.81 20.05
C ASN D 54 5.29 2.32 19.74
N LYS D 55 6.13 1.65 20.50
CA LYS D 55 6.32 0.21 20.31
C LYS D 55 5.07 -0.59 20.61
N ASP D 56 4.16 -0.03 21.41
CA ASP D 56 2.97 -0.74 21.87
C ASP D 56 1.76 -0.52 20.98
N LYS D 57 1.86 0.31 19.94
CA LYS D 57 0.71 0.58 19.09
C LYS D 57 0.50 -0.55 18.09
N PHE D 58 -0.75 -0.95 17.93
CA PHE D 58 -1.11 -2.01 17.01
C PHE D 58 -1.43 -1.41 15.65
N HIS D 59 -0.61 -1.75 14.65
CA HIS D 59 -0.79 -1.25 13.30
C HIS D 59 -1.58 -2.25 12.48
N LYS D 60 -2.37 -1.72 11.55
CA LYS D 60 -3.18 -2.59 10.71
C LYS D 60 -2.28 -3.51 9.89
N LEU D 61 -2.73 -4.77 9.73
CA LEU D 61 -1.96 -5.70 8.92
C LEU D 61 -1.92 -5.28 7.47
N ALA D 62 -2.97 -4.61 6.98
CA ALA D 62 -2.95 -4.09 5.62
C ALA D 62 -1.87 -3.05 5.45
N SER D 63 -1.68 -2.18 6.45
CA SER D 63 -0.61 -1.19 6.39
C SER D 63 0.77 -1.84 6.43
N ILE D 64 0.94 -2.83 7.31
CA ILE D 64 2.22 -3.52 7.43
C ILE D 64 2.57 -4.22 6.12
N ALA D 65 1.60 -4.88 5.50
CA ALA D 65 1.85 -5.57 4.25
C ALA D 65 1.97 -4.63 3.06
N GLY D 66 1.35 -3.46 3.11
CA GLY D 66 1.49 -2.50 2.04
C GLY D 66 2.77 -1.72 2.08
N GLY D 67 3.38 -1.61 3.25
CA GLY D 67 4.66 -0.92 3.33
C GLY D 67 5.89 -1.75 2.99
N VAL D 68 5.73 -3.04 2.68
CA VAL D 68 6.91 -3.87 2.41
C VAL D 68 7.44 -3.68 1.00
N ALA D 69 6.62 -3.20 0.06
CA ALA D 69 7.08 -3.02 -1.30
C ALA D 69 8.09 -1.89 -1.41
N ASP D 70 8.03 -0.92 -0.49
CA ASP D 70 8.98 0.18 -0.46
C ASP D 70 10.30 -0.20 0.20
N LEU D 71 10.36 -1.33 0.89
CA LEU D 71 11.57 -1.80 1.52
C LEU D 71 12.40 -2.73 0.65
N GLY D 72 11.91 -3.05 -0.55
CA GLY D 72 12.62 -3.93 -1.44
C GLY D 72 11.98 -5.29 -1.66
N TYR D 73 10.75 -5.50 -1.20
CA TYR D 73 10.06 -6.77 -1.42
C TYR D 73 9.32 -6.68 -2.75
N HIS D 74 9.79 -7.43 -3.74
CA HIS D 74 9.30 -7.31 -5.11
C HIS D 74 8.15 -8.24 -5.41
N HIS D 75 7.54 -8.84 -4.39
CA HIS D 75 6.41 -9.73 -4.57
C HIS D 75 5.14 -9.08 -4.03
N GLY D 76 4.03 -9.80 -4.15
CA GLY D 76 2.74 -9.22 -3.83
C GLY D 76 2.59 -8.89 -2.35
N GLU D 77 1.66 -7.99 -2.08
CA GLU D 77 1.32 -7.62 -0.72
C GLU D 77 0.50 -8.70 -0.01
N ASN D 78 -0.12 -9.60 -0.76
CA ASN D 78 -0.83 -10.72 -0.14
C ASN D 78 0.15 -11.66 0.55
N SER D 79 1.35 -11.82 -0.01
CA SER D 79 2.37 -12.63 0.63
C SER D 79 2.77 -12.05 1.98
N ALA D 80 2.96 -10.73 2.05
CA ALA D 80 3.28 -10.09 3.32
C ALA D 80 2.10 -10.18 4.28
N GLN D 81 0.88 -10.04 3.78
CA GLN D 81 -0.30 -10.19 4.63
C GLN D 81 -0.32 -11.56 5.28
N ASP D 82 -0.13 -12.62 4.48
CA ASP D 82 -0.19 -13.98 5.00
C ASP D 82 0.97 -14.26 5.94
N ALA D 83 2.16 -13.75 5.63
CA ALA D 83 3.30 -13.93 6.52
C ALA D 83 3.05 -13.29 7.88
N GLY D 84 2.53 -12.06 7.89
CA GLY D 84 2.20 -11.42 9.15
C GLY D 84 1.11 -12.15 9.91
N ALA D 85 0.08 -12.61 9.19
CA ALA D 85 -1.02 -13.32 9.84
C ALA D 85 -0.56 -14.61 10.49
N LEU D 86 0.31 -15.36 9.80
CA LEU D 86 0.84 -16.59 10.38
C LEU D 86 1.90 -16.33 11.44
N MET D 87 2.50 -15.15 11.43
CA MET D 87 3.58 -14.84 12.36
C MET D 87 3.10 -14.19 13.64
N ALA D 88 1.88 -13.62 13.65
CA ALA D 88 1.42 -12.82 14.77
C ALA D 88 0.54 -13.58 15.75
N ASN D 89 0.44 -14.90 15.63
CA ASN D 89 -0.40 -15.69 16.51
C ASN D 89 0.45 -16.48 17.49
N THR D 90 -0.23 -17.13 18.43
CA THR D 90 0.43 -17.92 19.47
C THR D 90 0.24 -19.41 19.30
N TRP D 91 -0.79 -19.84 18.57
CA TRP D 91 -0.99 -21.27 18.35
C TRP D 91 0.07 -21.84 17.42
N ASN D 92 0.57 -21.04 16.48
CA ASN D 92 1.51 -21.52 15.49
C ASN D 92 2.96 -21.29 15.88
N ASN D 93 3.22 -20.57 16.96
CA ASN D 93 4.58 -20.19 17.31
C ASN D 93 4.85 -20.42 18.78
N ASN D 94 5.98 -21.09 19.08
CA ASN D 94 6.48 -21.11 20.45
C ASN D 94 6.93 -19.73 20.88
N PHE D 95 7.59 -19.01 19.98
CA PHE D 95 8.18 -17.70 20.25
C PHE D 95 7.77 -16.75 19.14
N PRO D 96 6.52 -16.32 19.13
CA PRO D 96 6.05 -15.44 18.03
C PRO D 96 6.75 -14.11 18.08
N LEU D 97 7.09 -13.60 16.89
CA LEU D 97 7.82 -12.34 16.78
C LEU D 97 6.91 -11.14 16.61
N LEU D 98 5.66 -11.36 16.17
CA LEU D 98 4.67 -10.30 16.03
C LEU D 98 3.56 -10.52 17.05
N ASP D 99 3.12 -9.44 17.69
CA ASP D 99 1.95 -9.50 18.54
C ASP D 99 0.68 -9.44 17.71
N GLY D 100 -0.45 -9.69 18.35
CA GLY D 100 -1.70 -9.71 17.62
C GLY D 100 -2.88 -9.16 18.38
N GLN D 101 -3.69 -8.35 17.72
CA GLN D 101 -4.93 -7.82 18.29
C GLN D 101 -6.02 -8.01 17.25
N GLY D 102 -6.91 -8.95 17.49
CA GLY D 102 -7.92 -9.35 16.54
C GLY D 102 -8.00 -10.85 16.47
N ASN D 103 -8.67 -11.34 15.44
CA ASN D 103 -8.86 -12.78 15.25
C ASN D 103 -7.79 -13.28 14.29
N PHE D 104 -6.70 -13.79 14.86
CA PHE D 104 -5.59 -14.32 14.08
C PHE D 104 -5.67 -15.82 13.88
N GLY D 105 -6.72 -16.47 14.38
CA GLY D 105 -6.90 -17.90 14.21
C GLY D 105 -6.59 -18.66 15.49
N SER D 106 -6.65 -19.98 15.36
CA SER D 106 -6.35 -20.89 16.45
C SER D 106 -6.06 -22.26 15.85
N ARG D 107 -5.75 -23.23 16.71
CA ARG D 107 -5.55 -24.59 16.22
C ARG D 107 -6.84 -25.18 15.70
N THR D 108 -7.98 -24.76 16.24
CA THR D 108 -9.28 -25.25 15.77
C THR D 108 -9.55 -24.78 14.35
N VAL D 109 -9.61 -23.47 14.15
CA VAL D 109 -9.74 -22.87 12.83
C VAL D 109 -8.49 -22.05 12.59
N GLN D 110 -7.74 -22.39 11.54
CA GLN D 110 -6.39 -21.87 11.34
C GLN D 110 -6.34 -20.77 10.28
N LYS D 111 -7.36 -19.93 10.20
CA LYS D 111 -7.37 -18.81 9.26
C LYS D 111 -7.63 -17.52 10.03
N ALA D 112 -6.85 -16.49 9.74
CA ALA D 112 -7.04 -15.21 10.36
C ALA D 112 -8.15 -14.43 9.66
N ALA D 113 -8.59 -13.35 10.29
CA ALA D 113 -9.57 -12.47 9.70
C ALA D 113 -8.95 -11.70 8.54
N ALA D 114 -9.75 -10.82 7.93
CA ALA D 114 -9.23 -9.97 6.88
C ALA D 114 -8.13 -9.07 7.43
N SER D 115 -7.13 -8.80 6.60
CA SER D 115 -5.97 -8.03 7.05
C SER D 115 -6.34 -6.62 7.46
N ARG D 116 -7.48 -6.11 6.99
CA ARG D 116 -7.93 -4.77 7.40
C ARG D 116 -8.45 -4.75 8.82
N TYR D 117 -8.92 -5.89 9.34
CA TYR D 117 -9.50 -5.94 10.67
C TYR D 117 -8.47 -6.26 11.74
N ILE D 118 -7.54 -7.16 11.45
CA ILE D 118 -6.56 -7.60 12.44
C ILE D 118 -5.39 -6.63 12.45
N PHE D 119 -4.92 -6.31 13.66
CA PHE D 119 -3.79 -5.43 13.88
C PHE D 119 -2.64 -6.24 14.43
N ALA D 120 -1.41 -5.76 14.20
CA ALA D 120 -0.23 -6.49 14.64
C ALA D 120 0.88 -5.50 14.97
N ARG D 121 1.79 -5.97 15.82
CA ARG D 121 2.97 -5.20 16.21
C ARG D 121 4.07 -6.19 16.60
N VAL D 122 5.30 -5.71 16.60
CA VAL D 122 6.42 -6.55 17.01
C VAL D 122 6.34 -6.81 18.51
N SER D 123 6.39 -8.07 18.90
CA SER D 123 6.13 -8.47 20.27
C SER D 123 7.34 -8.20 21.16
N LYS D 124 7.17 -8.42 22.46
CA LYS D 124 8.29 -8.33 23.39
C LYS D 124 9.28 -9.46 23.20
N ASN D 125 8.87 -10.56 22.58
CA ASN D 125 9.80 -11.64 22.26
C ASN D 125 10.87 -11.15 21.30
N PHE D 126 10.47 -10.40 20.27
CA PHE D 126 11.43 -9.91 19.29
C PHE D 126 12.47 -9.02 19.96
N TYR D 127 12.02 -7.98 20.67
CA TYR D 127 12.96 -7.09 21.33
C TYR D 127 13.76 -7.80 22.41
N ASN D 128 13.21 -8.89 22.95
CA ASN D 128 13.89 -9.62 24.01
C ASN D 128 15.06 -10.44 23.45
N VAL D 129 14.86 -11.06 22.28
CA VAL D 129 15.85 -11.99 21.76
C VAL D 129 16.62 -11.45 20.56
N TYR D 130 16.07 -10.49 19.82
CA TYR D 130 16.73 -9.93 18.64
C TYR D 130 17.51 -8.70 19.05
N LYS D 131 18.81 -8.89 19.29
CA LYS D 131 19.72 -7.81 19.66
C LYS D 131 20.70 -7.54 18.54
N ASP D 132 21.55 -6.52 18.75
CA ASP D 132 22.62 -6.18 17.83
C ASP D 132 22.11 -5.99 16.40
N THR D 133 20.88 -5.49 16.25
CA THR D 133 20.32 -5.28 14.93
C THR D 133 20.98 -4.13 14.19
N GLU D 134 21.78 -3.31 14.87
CA GLU D 134 22.56 -2.27 14.21
C GLU D 134 23.86 -2.80 13.61
N TYR D 135 24.27 -4.02 13.97
CA TYR D 135 25.43 -4.66 13.38
C TYR D 135 25.05 -5.77 12.42
N ALA D 136 23.77 -5.88 12.07
CA ALA D 136 23.34 -6.87 11.11
C ALA D 136 23.96 -6.56 9.75
N PRO D 137 24.31 -7.57 8.97
CA PRO D 137 25.01 -7.32 7.70
C PRO D 137 24.14 -6.57 6.71
N VAL D 138 24.74 -5.62 6.01
CA VAL D 138 24.04 -4.88 4.97
C VAL D 138 23.92 -5.75 3.73
N HIS D 139 22.72 -5.79 3.15
CA HIS D 139 22.48 -6.62 1.99
C HIS D 139 23.27 -6.11 0.79
N GLN D 140 23.64 -7.04 -0.10
CA GLN D 140 24.37 -6.66 -1.30
C GLN D 140 23.51 -5.83 -2.24
N ASP D 141 22.23 -6.17 -2.35
CA ASP D 141 21.29 -5.37 -3.12
C ASP D 141 20.92 -4.14 -2.31
N LYS D 142 21.26 -2.96 -2.83
CA LYS D 142 21.04 -1.72 -2.10
C LYS D 142 19.57 -1.32 -2.06
N GLU D 143 18.70 -1.98 -2.81
CA GLU D 143 17.27 -1.82 -2.68
C GLU D 143 16.68 -2.68 -1.57
N HIS D 144 17.48 -3.55 -0.96
CA HIS D 144 17.04 -4.40 0.14
C HIS D 144 17.31 -3.64 1.44
N ILE D 145 16.35 -2.82 1.85
CA ILE D 145 16.53 -2.01 3.06
C ILE D 145 16.73 -2.86 4.30
N PRO D 146 15.98 -3.95 4.53
CA PRO D 146 16.30 -4.81 5.66
C PRO D 146 17.67 -5.43 5.49
N PRO D 147 18.35 -5.78 6.58
CA PRO D 147 19.70 -6.33 6.48
C PRO D 147 19.74 -7.70 5.83
N ALA D 148 20.93 -8.27 5.68
CA ALA D 148 21.03 -9.62 5.12
C ALA D 148 20.30 -10.62 6.01
N PHE D 149 20.47 -10.50 7.32
CA PHE D 149 19.69 -11.26 8.29
C PHE D 149 19.75 -10.50 9.62
N TYR D 150 18.76 -10.78 10.47
CA TYR D 150 18.77 -10.19 11.81
C TYR D 150 19.66 -11.04 12.72
N LEU D 151 19.75 -10.66 13.98
CA LEU D 151 20.71 -11.25 14.92
C LEU D 151 20.03 -11.63 16.22
N PRO D 152 19.26 -12.71 16.23
CA PRO D 152 18.77 -13.24 17.51
C PRO D 152 19.89 -13.92 18.27
N ILE D 153 19.75 -13.97 19.60
CA ILE D 153 20.77 -14.60 20.42
C ILE D 153 20.58 -16.11 20.48
N ILE D 154 19.42 -16.63 20.08
CA ILE D 154 19.19 -18.06 20.01
C ILE D 154 18.66 -18.40 18.63
N PRO D 155 18.85 -19.65 18.17
CA PRO D 155 18.43 -20.01 16.81
C PRO D 155 16.92 -20.08 16.68
N THR D 156 16.30 -18.92 16.44
CA THR D 156 14.85 -18.82 16.31
C THR D 156 14.33 -19.67 15.16
N VAL D 157 15.21 -20.19 14.31
CA VAL D 157 14.77 -21.04 13.20
C VAL D 157 14.10 -22.32 13.70
N LEU D 158 14.38 -22.72 14.93
CA LEU D 158 13.79 -23.94 15.50
C LEU D 158 12.56 -23.67 16.35
N LEU D 159 12.47 -22.51 17.00
CA LEU D 159 11.43 -22.28 17.99
C LEU D 159 10.03 -22.39 17.40
N ASN D 160 9.78 -21.66 16.32
CA ASN D 160 8.42 -21.55 15.81
C ASN D 160 8.04 -22.67 14.84
N GLY D 161 9.00 -23.28 14.18
CA GLY D 161 8.70 -24.39 13.29
C GLY D 161 8.48 -23.95 11.86
N VAL D 162 9.35 -24.35 10.95
CA VAL D 162 9.30 -23.91 9.57
C VAL D 162 8.95 -25.09 8.68
N SER D 163 8.41 -24.77 7.50
CA SER D 163 8.11 -25.79 6.50
C SER D 163 8.11 -25.10 5.13
N GLY D 164 9.20 -25.27 4.38
CA GLY D 164 9.32 -24.64 3.08
C GLY D 164 9.57 -25.63 1.97
N ILE D 165 8.72 -25.63 0.95
CA ILE D 165 8.86 -26.51 -0.20
C ILE D 165 9.20 -25.63 -1.40
N ALA D 166 10.41 -25.79 -1.92
CA ALA D 166 10.90 -25.01 -3.04
C ALA D 166 11.20 -25.93 -4.23
N THR D 167 11.72 -25.33 -5.29
CA THR D 167 12.07 -26.07 -6.50
C THR D 167 13.47 -26.65 -6.35
N GLY D 168 13.55 -27.97 -6.17
CA GLY D 168 14.82 -28.65 -6.02
C GLY D 168 15.31 -28.77 -4.60
N TYR D 169 14.67 -28.12 -3.64
CA TYR D 169 15.06 -28.21 -2.24
C TYR D 169 13.81 -28.05 -1.38
N ALA D 170 13.86 -28.65 -0.19
CA ALA D 170 12.76 -28.56 0.75
C ALA D 170 13.30 -28.61 2.16
N THR D 171 12.78 -27.75 3.02
CA THR D 171 13.18 -27.68 4.41
C THR D 171 12.00 -28.06 5.31
N TYR D 172 12.31 -28.61 6.47
CA TYR D 172 11.28 -28.99 7.44
C TYR D 172 11.93 -29.09 8.82
N ILE D 173 11.57 -28.17 9.70
CA ILE D 173 12.09 -28.14 11.06
C ILE D 173 10.90 -28.18 12.03
N LEU D 174 11.08 -28.86 13.15
CA LEU D 174 10.02 -29.00 14.13
C LEU D 174 10.21 -28.01 15.27
N PRO D 175 9.12 -27.45 15.80
CA PRO D 175 9.24 -26.41 16.83
C PRO D 175 9.83 -26.97 18.12
N HIS D 176 10.95 -26.39 18.54
CA HIS D 176 11.63 -26.78 19.76
C HIS D 176 11.26 -25.83 20.89
N SER D 177 11.24 -26.35 22.11
CA SER D 177 10.95 -25.52 23.26
C SER D 177 12.03 -24.46 23.42
N VAL D 178 11.61 -23.27 23.88
CA VAL D 178 12.57 -22.17 24.01
C VAL D 178 13.59 -22.47 25.09
N SER D 179 13.16 -23.10 26.18
CA SER D 179 14.09 -23.41 27.27
C SER D 179 15.17 -24.40 26.84
N SER D 180 14.78 -25.45 26.10
CA SER D 180 15.76 -26.43 25.65
C SER D 180 16.74 -25.80 24.67
N VAL D 181 16.25 -24.95 23.77
CA VAL D 181 17.14 -24.29 22.81
C VAL D 181 18.10 -23.36 23.55
N LYS D 182 17.60 -22.64 24.56
CA LYS D 182 18.47 -21.77 25.35
C LYS D 182 19.54 -22.57 26.08
N LYS D 183 19.17 -23.71 26.66
CA LYS D 183 20.13 -24.55 27.36
C LYS D 183 21.17 -25.11 26.40
N ALA D 184 20.74 -25.54 25.21
CA ALA D 184 21.68 -26.04 24.21
C ALA D 184 22.64 -24.95 23.78
N VAL D 185 22.14 -23.73 23.60
CA VAL D 185 23.00 -22.61 23.21
C VAL D 185 24.00 -22.30 24.31
N LEU D 186 23.57 -22.33 25.57
CA LEU D 186 24.50 -22.09 26.67
C LEU D 186 25.57 -23.17 26.73
N GLN D 187 25.19 -24.43 26.53
CA GLN D 187 26.17 -25.51 26.53
C GLN D 187 27.16 -25.33 25.40
N ALA D 188 26.69 -24.96 24.21
CA ALA D 188 27.61 -24.72 23.10
C ALA D 188 28.52 -23.54 23.38
N LEU D 189 28.00 -22.51 24.04
CA LEU D 189 28.80 -21.33 24.36
C LEU D 189 29.93 -21.69 25.31
N GLN D 190 29.61 -22.35 26.44
CA GLN D 190 30.64 -22.66 27.42
C GLN D 190 31.60 -23.72 26.89
N GLY D 191 31.12 -24.63 26.06
CA GLY D 191 31.97 -25.66 25.49
C GLY D 191 31.61 -27.06 25.93
N LYS D 192 30.49 -27.20 26.64
CA LYS D 192 30.05 -28.49 27.10
C LYS D 192 29.37 -29.26 25.97
N LYS D 193 29.17 -30.56 26.20
CA LYS D 193 28.43 -31.37 25.24
C LYS D 193 26.99 -30.88 25.15
N VAL D 194 26.51 -30.72 23.93
CA VAL D 194 25.18 -30.17 23.69
C VAL D 194 24.17 -31.31 23.70
N THR D 195 23.22 -31.26 24.63
CA THR D 195 22.12 -32.21 24.63
C THR D 195 21.12 -31.84 23.54
N LYS D 196 20.46 -32.85 22.99
CA LYS D 196 19.52 -32.62 21.92
C LYS D 196 18.34 -31.80 22.45
N PRO D 197 18.06 -30.63 21.88
CA PRO D 197 16.89 -29.86 22.33
C PRO D 197 15.60 -30.61 22.03
N LYS D 198 14.70 -30.64 23.00
CA LYS D 198 13.47 -31.40 22.86
C LYS D 198 12.45 -30.61 22.05
N VAL D 199 11.65 -31.34 21.29
CA VAL D 199 10.63 -30.73 20.45
C VAL D 199 9.37 -30.50 21.27
N GLU D 200 8.88 -29.26 21.27
CA GLU D 200 7.69 -28.90 22.02
C GLU D 200 6.83 -28.01 21.13
N PHE D 201 5.71 -28.55 20.67
CA PHE D 201 4.80 -27.79 19.84
C PHE D 201 4.02 -26.80 20.68
N PRO D 202 3.73 -25.61 20.14
CA PRO D 202 3.02 -24.59 20.92
C PRO D 202 1.56 -24.92 21.10
N GLU D 203 1.08 -24.75 22.33
CA GLU D 203 -0.31 -25.02 22.70
C GLU D 203 -0.72 -26.43 22.31
N PHE D 204 0.11 -27.39 22.70
CA PHE D 204 -0.10 -28.80 22.38
C PHE D 204 0.07 -29.60 23.66
N ARG D 205 -1.02 -30.22 24.12
CA ARG D 205 -1.02 -30.96 25.37
C ARG D 205 -0.71 -32.44 25.19
N GLY D 206 -0.48 -32.90 23.97
CA GLY D 206 -0.16 -34.29 23.74
C GLY D 206 1.27 -34.62 24.10
N GLU D 207 1.82 -35.68 23.48
CA GLU D 207 3.16 -36.13 23.78
C GLU D 207 3.92 -36.38 22.47
N VAL D 208 5.22 -36.12 22.51
CA VAL D 208 6.12 -36.35 21.39
C VAL D 208 7.27 -37.23 21.85
N VAL D 209 7.54 -38.30 21.11
CA VAL D 209 8.59 -39.25 21.44
C VAL D 209 9.47 -39.45 20.21
N GLU D 210 10.77 -39.57 20.43
CA GLU D 210 11.74 -39.72 19.37
C GLU D 210 12.08 -41.19 19.18
N ILE D 211 11.84 -41.71 17.99
CA ILE D 211 12.18 -43.09 17.65
C ILE D 211 12.85 -43.09 16.28
N ASP D 212 14.02 -43.74 16.20
CA ASP D 212 14.83 -43.83 14.97
C ASP D 212 14.96 -42.49 14.26
N GLY D 213 15.02 -41.42 15.05
CA GLY D 213 15.13 -40.08 14.49
C GLY D 213 13.78 -39.46 14.18
N GLN D 214 12.87 -40.26 13.64
CA GLN D 214 11.52 -39.77 13.37
C GLN D 214 10.78 -39.50 14.68
N TYR D 215 9.83 -38.59 14.61
CA TYR D 215 9.08 -38.14 15.78
C TYR D 215 7.67 -38.68 15.70
N GLU D 216 7.25 -39.42 16.72
CA GLU D 216 5.87 -39.86 16.86
C GLU D 216 5.10 -38.81 17.65
N ILE D 217 4.30 -38.02 16.96
CA ILE D 217 3.48 -36.98 17.57
C ILE D 217 2.11 -37.60 17.79
N ARG D 218 1.81 -37.96 19.03
CA ARG D 218 0.62 -38.73 19.36
C ARG D 218 -0.36 -37.86 20.14
N GLY D 219 -1.64 -37.96 19.77
CA GLY D 219 -2.68 -37.40 20.57
C GLY D 219 -2.98 -38.26 21.77
N THR D 220 -3.74 -37.69 22.70
CA THR D 220 -4.09 -38.38 23.94
C THR D 220 -5.60 -38.50 24.05
N TYR D 221 -6.03 -39.49 24.83
CA TYR D 221 -7.45 -39.75 25.04
C TYR D 221 -7.65 -40.39 26.40
N LYS D 222 -8.90 -40.39 26.86
CA LYS D 222 -9.27 -40.99 28.12
C LYS D 222 -10.61 -41.68 27.97
N PHE D 223 -10.74 -42.86 28.56
CA PHE D 223 -11.96 -43.65 28.50
C PHE D 223 -12.81 -43.38 29.73
N THR D 224 -14.12 -43.20 29.52
CA THR D 224 -15.05 -42.94 30.60
C THR D 224 -16.01 -44.09 30.86
N SER D 225 -16.14 -45.03 29.93
CA SER D 225 -17.01 -46.18 30.10
C SER D 225 -16.50 -47.29 29.19
N ARG D 226 -17.30 -48.34 29.02
CA ARG D 226 -16.93 -49.41 28.11
C ARG D 226 -17.10 -49.04 26.65
N THR D 227 -17.94 -48.03 26.36
CA THR D 227 -18.18 -47.61 24.98
C THR D 227 -18.12 -46.09 24.82
N GLN D 228 -17.68 -45.37 25.85
CA GLN D 228 -17.59 -43.91 25.80
C GLN D 228 -16.14 -43.50 26.00
N MET D 229 -15.60 -42.76 25.04
CA MET D 229 -14.22 -42.28 25.12
C MET D 229 -14.21 -40.78 24.84
N HIS D 230 -13.19 -40.11 25.39
CA HIS D 230 -13.06 -38.67 25.30
C HIS D 230 -11.70 -38.33 24.71
N ILE D 231 -11.70 -37.80 23.49
CA ILE D 231 -10.48 -37.37 22.82
C ILE D 231 -10.11 -36.00 23.36
N THR D 232 -9.07 -35.93 24.18
CA THR D 232 -8.69 -34.67 24.83
C THR D 232 -7.51 -33.99 24.15
N GLU D 233 -6.98 -34.55 23.07
CA GLU D 233 -5.93 -33.91 22.30
C GLU D 233 -5.73 -34.68 21.00
N ILE D 234 -5.29 -33.96 19.98
CA ILE D 234 -5.00 -34.55 18.67
C ILE D 234 -3.67 -34.00 18.18
N PRO D 235 -3.02 -34.72 17.24
CA PRO D 235 -1.71 -34.27 16.78
C PRO D 235 -1.76 -32.88 16.18
N TYR D 236 -0.64 -32.16 16.30
CA TYR D 236 -0.56 -30.76 15.93
C TYR D 236 -0.85 -30.53 14.45
N LYS D 237 -0.73 -31.55 13.60
CA LYS D 237 -0.95 -31.38 12.17
C LYS D 237 -2.42 -31.20 11.82
N TYR D 238 -3.33 -31.39 12.77
CA TYR D 238 -4.76 -31.37 12.51
C TYR D 238 -5.37 -30.02 12.87
N ASP D 239 -6.50 -29.74 12.24
CA ASP D 239 -7.43 -28.71 12.69
C ASP D 239 -8.83 -29.29 12.60
N ARG D 240 -9.77 -28.67 13.31
CA ARG D 240 -11.12 -29.22 13.40
C ARG D 240 -11.76 -29.37 12.02
N GLU D 241 -11.39 -28.52 11.06
CA GLU D 241 -11.93 -28.67 9.71
C GLU D 241 -11.47 -29.98 9.08
N THR D 242 -10.19 -30.34 9.24
CA THR D 242 -9.65 -31.53 8.59
C THR D 242 -9.71 -32.77 9.47
N TYR D 243 -9.72 -32.62 10.80
CA TYR D 243 -9.89 -33.80 11.65
C TYR D 243 -11.26 -34.42 11.46
N VAL D 244 -12.30 -33.59 11.40
CA VAL D 244 -13.65 -34.11 11.20
C VAL D 244 -13.82 -34.66 9.80
N SER D 245 -13.23 -34.02 8.80
CA SER D 245 -13.46 -34.38 7.41
C SER D 245 -12.48 -35.44 6.89
N LYS D 246 -11.60 -35.97 7.72
CA LYS D 246 -10.66 -36.99 7.27
C LYS D 246 -10.74 -38.24 8.12
N ILE D 247 -11.00 -38.08 9.41
CA ILE D 247 -10.98 -39.18 10.37
C ILE D 247 -12.36 -39.49 10.91
N LEU D 248 -13.04 -38.49 11.48
CA LEU D 248 -14.32 -38.73 12.12
C LEU D 248 -15.44 -38.93 11.11
N ASP D 249 -15.38 -38.26 9.96
CA ASP D 249 -16.41 -38.45 8.95
C ASP D 249 -16.47 -39.87 8.41
N PRO D 250 -15.37 -40.49 7.98
CA PRO D 250 -15.47 -41.91 7.57
C PRO D 250 -15.92 -42.82 8.71
N LEU D 251 -15.48 -42.53 9.93
CA LEU D 251 -15.83 -43.38 11.06
C LEU D 251 -17.33 -43.34 11.33
N GLU D 252 -17.95 -42.17 11.28
CA GLU D 252 -19.40 -42.08 11.43
C GLU D 252 -20.14 -42.48 10.16
N ASN D 253 -19.46 -42.51 9.01
CA ASN D 253 -20.08 -42.98 7.78
C ASN D 253 -20.21 -44.49 7.74
N LYS D 254 -19.24 -45.21 8.30
CA LYS D 254 -19.29 -46.66 8.37
C LYS D 254 -20.09 -47.16 9.56
N GLY D 255 -20.70 -46.26 10.34
CA GLY D 255 -21.50 -46.66 11.47
C GLY D 255 -20.71 -47.09 12.69
N PHE D 256 -19.40 -46.88 12.70
CA PHE D 256 -18.58 -47.33 13.81
C PHE D 256 -18.88 -46.54 15.08
N ILE D 257 -18.93 -45.21 14.97
CA ILE D 257 -19.04 -44.35 16.14
C ILE D 257 -20.08 -43.26 15.91
N THR D 258 -20.52 -42.67 17.02
CA THR D 258 -21.28 -41.43 17.01
C THR D 258 -20.56 -40.46 17.94
N TRP D 259 -20.32 -39.23 17.46
CA TRP D 259 -19.51 -38.28 18.19
C TRP D 259 -20.20 -36.93 18.24
N ASP D 260 -19.83 -36.15 19.26
CA ASP D 260 -20.26 -34.76 19.37
C ASP D 260 -19.06 -33.88 19.68
N ASP D 261 -19.14 -32.63 19.26
CA ASP D 261 -18.03 -31.70 19.45
C ASP D 261 -17.85 -31.36 20.92
N ALA D 262 -16.59 -31.20 21.32
CA ALA D 262 -16.27 -30.82 22.70
C ALA D 262 -15.16 -29.77 22.76
N CYS D 263 -14.91 -29.06 21.67
CA CYS D 263 -13.86 -28.04 21.63
C CYS D 263 -14.20 -26.87 22.55
N GLY D 264 -13.30 -25.91 22.66
CA GLY D 264 -13.54 -24.78 23.53
C GLY D 264 -12.25 -24.02 23.80
N GLU D 265 -12.24 -23.35 24.96
CA GLU D 265 -11.08 -22.56 25.35
C GLU D 265 -9.87 -23.42 25.68
N HIS D 266 -10.04 -24.74 25.74
CA HIS D 266 -8.96 -25.66 26.10
C HIS D 266 -8.60 -26.57 24.94
N GLY D 267 -8.52 -26.01 23.74
CA GLY D 267 -8.02 -26.77 22.61
C GLY D 267 -9.10 -27.64 21.99
N PHE D 268 -8.74 -28.88 21.69
CA PHE D 268 -9.63 -29.79 21.00
C PHE D 268 -10.42 -30.65 21.97
N GLY D 269 -11.39 -31.37 21.43
CA GLY D 269 -12.18 -32.30 22.22
C GLY D 269 -13.27 -32.94 21.38
N PHE D 270 -13.41 -34.27 21.49
CA PHE D 270 -14.41 -34.99 20.71
C PHE D 270 -14.84 -36.20 21.54
N LYS D 271 -15.96 -36.06 22.24
CA LYS D 271 -16.52 -37.20 22.97
C LYS D 271 -17.10 -38.18 21.97
N VAL D 272 -16.73 -39.46 22.12
CA VAL D 272 -17.06 -40.50 21.15
C VAL D 272 -17.78 -41.64 21.85
N LYS D 273 -18.85 -42.13 21.24
CA LYS D 273 -19.53 -43.34 21.67
C LYS D 273 -19.49 -44.35 20.55
N PHE D 274 -19.08 -45.58 20.87
CA PHE D 274 -18.95 -46.64 19.87
C PHE D 274 -20.28 -47.35 19.66
N ARG D 275 -20.29 -48.29 18.72
CA ARG D 275 -21.47 -49.08 18.40
C ARG D 275 -21.11 -50.55 18.41
N LYS D 276 -22.15 -51.39 18.36
CA LYS D 276 -21.94 -52.83 18.34
C LYS D 276 -21.19 -53.27 17.08
N GLU D 277 -21.49 -52.65 15.94
CA GLU D 277 -20.84 -53.00 14.70
C GLU D 277 -19.35 -52.68 14.70
N TYR D 278 -18.89 -51.81 15.61
CA TYR D 278 -17.48 -51.50 15.77
C TYR D 278 -16.92 -52.40 16.85
N SER D 279 -16.25 -53.48 16.45
CA SER D 279 -15.72 -54.44 17.41
C SER D 279 -14.60 -53.82 18.22
N LEU D 280 -14.64 -54.05 19.52
CA LEU D 280 -13.62 -53.56 20.45
C LEU D 280 -12.78 -54.75 20.90
N SER D 281 -11.47 -54.68 20.67
CA SER D 281 -10.59 -55.76 21.06
C SER D 281 -10.49 -55.84 22.58
N ASP D 282 -10.54 -57.07 23.10
CA ASP D 282 -10.48 -57.26 24.55
C ASP D 282 -9.09 -56.91 25.09
N ASN D 283 -8.04 -57.21 24.34
CA ASN D 283 -6.69 -56.91 24.78
C ASN D 283 -6.49 -55.40 24.86
N GLU D 284 -5.88 -54.95 25.95
CA GLU D 284 -5.68 -53.51 26.14
C GLU D 284 -4.71 -52.93 25.12
N GLU D 285 -3.61 -53.65 24.83
CA GLU D 285 -2.63 -53.12 23.89
C GLU D 285 -3.18 -53.11 22.47
N GLU D 286 -3.91 -54.17 22.08
CA GLU D 286 -4.51 -54.20 20.75
C GLU D 286 -5.56 -53.12 20.60
N ARG D 287 -6.40 -52.92 21.63
CA ARG D 287 -7.40 -51.87 21.59
C ARG D 287 -6.75 -50.50 21.47
N HIS D 288 -5.70 -50.25 22.26
CA HIS D 288 -5.03 -48.96 22.20
C HIS D 288 -4.39 -48.73 20.83
N ALA D 289 -3.74 -49.76 20.28
CA ALA D 289 -3.11 -49.61 18.96
C ALA D 289 -4.14 -49.35 17.87
N LYS D 290 -5.26 -50.08 17.92
CA LYS D 290 -6.27 -49.89 16.88
C LYS D 290 -7.01 -48.57 17.03
N ILE D 291 -7.12 -48.06 18.26
CA ILE D 291 -7.68 -46.72 18.46
C ILE D 291 -6.72 -45.67 17.93
N MET D 292 -5.42 -45.82 18.21
CA MET D 292 -4.44 -44.85 17.76
C MET D 292 -4.35 -44.81 16.24
N LYS D 293 -4.44 -45.98 15.60
CA LYS D 293 -4.38 -46.02 14.14
C LYS D 293 -5.71 -45.58 13.51
N ASP D 294 -6.84 -45.92 14.15
CA ASP D 294 -8.14 -45.64 13.56
C ASP D 294 -8.50 -44.16 13.69
N PHE D 295 -8.14 -43.54 14.81
CA PHE D 295 -8.56 -42.17 15.09
C PHE D 295 -7.53 -41.15 14.66
N GLY D 296 -6.53 -41.56 13.86
CA GLY D 296 -5.54 -40.62 13.38
C GLY D 296 -4.76 -39.93 14.46
N LEU D 297 -4.67 -40.53 15.65
CA LEU D 297 -4.07 -39.87 16.80
C LEU D 297 -2.54 -39.92 16.78
N ILE D 298 -1.94 -40.62 15.83
CA ILE D 298 -0.49 -40.72 15.72
C ILE D 298 -0.07 -40.19 14.36
N GLU D 299 0.89 -39.27 14.34
CA GLU D 299 1.51 -38.80 13.11
C GLU D 299 3.02 -38.86 13.25
N ARG D 300 3.69 -39.19 12.15
CA ARG D 300 5.14 -39.28 12.11
C ARG D 300 5.68 -38.12 11.30
N ARG D 301 6.65 -37.40 11.88
CA ARG D 301 7.24 -36.24 11.22
C ARG D 301 8.75 -36.43 11.15
N SER D 302 9.32 -36.19 9.96
CA SER D 302 10.75 -36.31 9.73
C SER D 302 11.33 -34.92 9.55
N GLN D 303 12.44 -34.66 10.25
CA GLN D 303 13.06 -33.35 10.25
C GLN D 303 14.10 -33.27 9.13
N ASN D 304 14.03 -32.18 8.36
CA ASN D 304 14.94 -31.94 7.24
C ASN D 304 15.44 -30.50 7.37
N ILE D 305 16.57 -30.34 8.06
CA ILE D 305 17.10 -29.01 8.36
C ILE D 305 17.87 -28.48 7.16
N THR D 306 17.19 -27.73 6.30
CA THR D 306 17.80 -27.05 5.17
C THR D 306 17.70 -25.55 5.44
N VAL D 307 18.84 -24.92 5.70
CA VAL D 307 18.89 -23.52 6.09
C VAL D 307 19.97 -22.81 5.29
N ILE D 308 19.94 -21.49 5.32
CA ILE D 308 20.86 -20.64 4.56
C ILE D 308 21.84 -20.02 5.55
N ASN D 309 23.13 -20.26 5.33
CA ASN D 309 24.15 -19.83 6.28
C ASN D 309 24.33 -18.31 6.24
N GLU D 310 25.30 -17.85 7.04
CA GLU D 310 25.69 -16.46 6.98
C GLU D 310 26.42 -16.12 5.68
N LYS D 311 26.88 -17.13 4.95
CA LYS D 311 27.50 -16.92 3.64
C LYS D 311 26.49 -16.83 2.51
N GLY D 312 25.21 -17.05 2.79
CA GLY D 312 24.19 -17.04 1.77
C GLY D 312 24.00 -18.34 1.03
N LYS D 313 24.74 -19.39 1.39
CA LYS D 313 24.64 -20.68 0.74
C LYS D 313 23.61 -21.56 1.43
N LEU D 314 23.19 -22.61 0.74
CA LEU D 314 22.22 -23.56 1.27
C LEU D 314 22.96 -24.69 1.98
N GLN D 315 22.67 -24.85 3.27
CA GLN D 315 23.31 -25.86 4.10
C GLN D 315 22.26 -26.82 4.63
N VAL D 316 22.59 -28.10 4.65
CA VAL D 316 21.70 -29.15 5.14
C VAL D 316 22.37 -29.82 6.33
N TYR D 317 21.65 -29.91 7.44
CA TYR D 317 22.16 -30.50 8.67
C TYR D 317 21.41 -31.79 8.98
N ASP D 318 22.16 -32.80 9.44
CA ASP D 318 21.54 -34.05 9.85
C ASP D 318 20.80 -33.91 11.18
N ASN D 319 21.41 -33.23 12.15
CA ASN D 319 20.80 -33.02 13.45
C ASN D 319 20.97 -31.56 13.85
N VAL D 320 20.04 -31.07 14.68
CA VAL D 320 20.05 -29.67 15.07
C VAL D 320 21.23 -29.30 15.95
N VAL D 321 21.99 -30.28 16.44
CA VAL D 321 23.11 -29.98 17.32
C VAL D 321 24.16 -29.16 16.58
N ASP D 322 24.53 -29.59 15.38
CA ASP D 322 25.52 -28.84 14.60
C ASP D 322 24.98 -27.51 14.14
N LEU D 323 23.67 -27.42 13.90
CA LEU D 323 23.04 -26.12 13.67
C LEU D 323 23.29 -25.19 14.85
N ILE D 324 23.08 -25.69 16.07
CA ILE D 324 23.35 -24.90 17.26
C ILE D 324 24.81 -24.47 17.30
N LYS D 325 25.73 -25.39 17.00
CA LYS D 325 27.15 -25.09 17.12
C LYS D 325 27.57 -24.00 16.14
N ASP D 326 27.18 -24.14 14.86
CA ASP D 326 27.58 -23.15 13.86
C ASP D 326 26.91 -21.81 14.12
N PHE D 327 25.63 -21.82 14.50
CA PHE D 327 24.96 -20.57 14.85
C PHE D 327 25.67 -19.89 16.01
N VAL D 328 26.06 -20.66 17.02
CA VAL D 328 26.75 -20.10 18.17
C VAL D 328 28.07 -19.48 17.74
N GLU D 329 28.77 -20.13 16.80
CA GLU D 329 30.03 -19.57 16.31
C GLU D 329 29.82 -18.22 15.64
N VAL D 330 28.87 -18.14 14.70
CA VAL D 330 28.71 -16.90 13.94
C VAL D 330 28.14 -15.79 14.83
N ARG D 331 27.17 -16.12 15.69
CA ARG D 331 26.66 -15.13 16.62
C ARG D 331 27.73 -14.71 17.63
N LYS D 332 28.66 -15.62 17.93
CA LYS D 332 29.80 -15.28 18.78
C LYS D 332 30.67 -14.23 18.11
N THR D 333 30.91 -14.38 16.80
CA THR D 333 31.65 -13.35 16.07
C THR D 333 30.93 -12.02 16.10
N TYR D 334 29.60 -12.04 15.93
CA TYR D 334 28.86 -10.77 15.94
C TYR D 334 28.83 -10.12 17.31
N VAL D 335 28.78 -10.92 18.38
CA VAL D 335 28.89 -10.38 19.72
C VAL D 335 30.28 -9.79 19.95
N GLN D 336 31.32 -10.39 19.37
CA GLN D 336 32.64 -9.78 19.43
C GLN D 336 32.66 -8.42 18.73
N LYS D 337 32.01 -8.34 17.56
CA LYS D 337 31.92 -7.06 16.86
C LYS D 337 31.24 -6.01 17.72
N ARG D 338 30.14 -6.40 18.37
CA ARG D 338 29.46 -5.48 19.29
C ARG D 338 30.36 -5.10 20.46
N ILE D 339 31.14 -6.05 20.98
CA ILE D 339 32.08 -5.76 22.06
C ILE D 339 33.06 -4.67 21.64
N ASP D 340 33.65 -4.81 20.46
CA ASP D 340 34.67 -3.85 20.03
C ASP D 340 34.05 -2.47 19.81
N ASN D 341 32.92 -2.40 19.11
CA ASN D 341 32.32 -1.10 18.84
C ASN D 341 31.88 -0.45 20.14
N LYS D 342 31.31 -1.23 21.05
CA LYS D 342 30.89 -0.68 22.33
C LYS D 342 32.09 -0.21 23.15
N ILE D 343 33.21 -0.92 23.05
CA ILE D 343 34.42 -0.48 23.75
C ILE D 343 34.81 0.91 23.28
N LYS D 344 34.91 1.09 21.95
CA LYS D 344 35.33 2.39 21.43
C LYS D 344 34.30 3.48 21.73
N GLU D 345 33.01 3.14 21.67
CA GLU D 345 31.96 4.13 21.88
C GLU D 345 31.92 4.58 23.33
N THR D 346 31.99 3.64 24.28
CA THR D 346 32.03 4.01 25.68
C THR D 346 33.32 4.73 26.04
N GLU D 347 34.42 4.43 25.36
CA GLU D 347 35.65 5.18 25.61
C GLU D 347 35.48 6.64 25.19
N SER D 348 34.93 6.87 24.00
CA SER D 348 34.68 8.25 23.55
C SER D 348 33.71 8.97 24.47
N ALA D 349 32.63 8.28 24.88
CA ALA D 349 31.65 8.89 25.76
C ALA D 349 32.27 9.23 27.11
N PHE D 350 33.12 8.35 27.64
CA PHE D 350 33.78 8.63 28.92
C PHE D 350 34.70 9.83 28.80
N ARG D 351 35.44 9.93 27.70
CA ARG D 351 36.30 11.11 27.52
C ARG D 351 35.47 12.38 27.44
N LEU D 352 34.36 12.34 26.71
CA LEU D 352 33.49 13.51 26.60
C LEU D 352 32.93 13.91 27.97
N ALA D 353 32.48 12.92 28.74
CA ALA D 353 31.92 13.21 30.06
C ALA D 353 32.97 13.75 31.00
N PHE D 354 34.19 13.21 30.93
CA PHE D 354 35.28 13.73 31.76
C PHE D 354 35.60 15.17 31.40
N ALA D 355 35.62 15.50 30.10
CA ALA D 355 35.85 16.88 29.69
C ALA D 355 34.73 17.78 30.19
N LYS D 356 33.49 17.33 30.09
CA LYS D 356 32.36 18.13 30.57
C LYS D 356 32.47 18.39 32.07
N ALA D 357 32.80 17.37 32.85
CA ALA D 357 32.94 17.53 34.29
C ALA D 357 34.08 18.49 34.62
N HIS D 358 35.21 18.37 33.91
CA HIS D 358 36.32 19.29 34.15
C HIS D 358 35.94 20.73 33.84
N PHE D 359 35.24 20.94 32.71
CA PHE D 359 34.84 22.30 32.35
C PHE D 359 33.89 22.87 33.39
N ILE D 360 32.91 22.08 33.84
CA ILE D 360 31.97 22.56 34.84
C ILE D 360 32.70 22.90 36.13
N LYS D 361 33.64 22.05 36.55
CA LYS D 361 34.39 22.32 37.77
C LYS D 361 35.18 23.62 37.64
N LYS D 362 35.81 23.83 36.48
CA LYS D 362 36.63 25.03 36.32
C LYS D 362 35.80 26.30 36.19
N VAL D 363 34.62 26.22 35.58
CA VAL D 363 33.79 27.41 35.46
C VAL D 363 33.06 27.72 36.77
N ILE D 364 32.76 26.71 37.58
CA ILE D 364 32.25 26.98 38.91
C ILE D 364 33.33 27.62 39.78
N SER D 365 34.55 27.07 39.73
CA SER D 365 35.64 27.69 40.47
C SER D 365 35.97 29.06 39.91
N GLY D 366 35.92 29.21 38.59
CA GLY D 366 36.17 30.49 37.96
C GLY D 366 37.41 30.52 37.10
N GLU D 367 38.03 29.36 36.90
CA GLU D 367 39.24 29.28 36.08
C GLU D 367 38.95 29.69 34.64
N ILE D 368 37.84 29.21 34.09
CA ILE D 368 37.42 29.55 32.73
C ILE D 368 36.26 30.54 32.85
N VAL D 369 36.50 31.77 32.43
CA VAL D 369 35.50 32.83 32.52
C VAL D 369 34.78 32.95 31.19
N VAL D 370 33.46 32.78 31.21
CA VAL D 370 32.64 32.85 30.00
C VAL D 370 31.98 34.22 29.87
N GLN D 371 32.25 35.15 30.78
CA GLN D 371 31.66 36.48 30.77
C GLN D 371 32.43 37.39 29.82
N GLY D 372 31.73 38.03 28.91
CA GLY D 372 32.34 39.02 28.04
C GLY D 372 33.42 38.48 27.14
N LYS D 373 33.19 37.32 26.52
CA LYS D 373 34.18 36.67 25.66
C LYS D 373 33.65 36.43 24.25
N THR D 374 32.55 37.06 23.89
CA THR D 374 31.88 36.88 22.60
C THR D 374 31.64 35.38 22.39
N ARG D 375 31.54 34.94 21.14
CA ARG D 375 31.36 33.53 20.83
C ARG D 375 32.58 32.90 20.18
N LYS D 376 33.08 33.47 19.08
CA LYS D 376 34.30 32.97 18.47
C LYS D 376 35.53 33.65 19.05
N GLU D 377 35.61 33.70 20.38
CA GLU D 377 36.80 34.08 21.11
C GLU D 377 37.04 33.23 22.34
N LEU D 378 35.98 32.67 22.93
CA LEU D 378 36.09 31.64 23.95
C LEU D 378 36.19 30.25 23.36
N THR D 379 35.61 30.04 22.18
CA THR D 379 35.66 28.72 21.55
C THR D 379 37.09 28.32 21.24
N GLU D 380 37.85 29.22 20.61
CA GLU D 380 39.25 28.90 20.32
C GLU D 380 40.10 28.86 21.57
N GLU D 381 39.71 29.61 22.61
CA GLU D 381 40.40 29.49 23.89
C GLU D 381 40.20 28.10 24.48
N LEU D 382 38.99 27.56 24.37
CA LEU D 382 38.75 26.19 24.81
C LEU D 382 39.46 25.19 23.92
N SER D 383 39.62 25.49 22.63
CA SER D 383 40.32 24.58 21.73
C SER D 383 41.80 24.44 22.08
N LYS D 384 42.36 25.37 22.84
CA LYS D 384 43.78 25.28 23.19
C LYS D 384 44.04 24.16 24.19
N ILE D 385 43.14 23.98 25.16
CA ILE D 385 43.32 22.93 26.16
C ILE D 385 43.18 21.57 25.51
N ASP D 386 44.02 20.62 25.94
CA ASP D 386 44.07 19.31 25.30
C ASP D 386 42.76 18.55 25.50
N MET D 387 42.16 18.64 26.69
CA MET D 387 40.95 17.88 26.96
C MET D 387 39.77 18.33 26.11
N TYR D 388 39.82 19.54 25.57
CA TYR D 388 38.72 20.11 24.78
C TYR D 388 39.11 20.19 23.30
N SER D 389 39.78 19.15 22.80
CA SER D 389 40.24 19.16 21.42
C SER D 389 39.08 19.28 20.44
N SER D 390 38.17 18.30 20.47
CA SER D 390 37.03 18.27 19.56
C SER D 390 35.70 18.30 20.29
N TYR D 391 35.70 18.67 21.57
CA TYR D 391 34.49 18.66 22.37
C TYR D 391 33.90 20.04 22.61
N VAL D 392 34.53 21.10 22.10
CA VAL D 392 34.06 22.45 22.40
C VAL D 392 32.68 22.69 21.82
N ASP D 393 32.38 22.11 20.65
CA ASP D 393 31.04 22.23 20.08
C ASP D 393 29.97 21.68 21.02
N LYS D 394 30.32 20.68 21.83
CA LYS D 394 29.40 20.12 22.80
C LYS D 394 29.68 20.56 24.23
N LEU D 395 30.80 21.26 24.46
CA LEU D 395 31.19 21.58 25.83
C LEU D 395 30.65 22.93 26.26
N VAL D 396 30.76 23.95 25.40
CA VAL D 396 30.04 25.20 25.58
C VAL D 396 28.85 25.17 24.63
N GLY D 397 27.67 25.05 25.21
CA GLY D 397 26.48 24.72 24.44
C GLY D 397 25.61 23.77 25.22
N MET D 398 26.08 23.38 26.40
CA MET D 398 25.27 22.63 27.34
C MET D 398 24.66 23.57 28.37
N ASN D 399 23.49 23.20 28.88
CA ASN D 399 22.60 24.13 29.54
C ASN D 399 23.21 24.72 30.80
N ILE D 400 22.59 25.80 31.27
CA ILE D 400 23.15 26.60 32.37
C ILE D 400 23.10 25.83 33.69
N PHE D 401 22.03 25.06 33.92
CA PHE D 401 21.89 24.39 35.21
C PHE D 401 23.03 23.42 35.48
N HIS D 402 23.77 23.02 34.45
CA HIS D 402 24.98 22.23 34.66
C HIS D 402 26.01 22.99 35.49
N MET D 403 25.90 24.31 35.58
CA MET D 403 26.87 25.15 36.27
C MET D 403 26.47 25.40 37.72
N THR D 404 25.36 24.81 38.18
CA THR D 404 24.98 24.87 39.59
C THR D 404 25.75 23.82 40.39
N SER D 405 25.51 23.80 41.70
CA SER D 405 26.24 22.90 42.58
C SER D 405 25.76 21.46 42.49
N ASP D 406 24.46 21.22 42.30
CA ASP D 406 23.94 19.87 42.29
C ASP D 406 24.40 19.12 41.04
N GLU D 407 24.25 19.73 39.87
CA GLU D 407 24.60 19.05 38.62
C GLU D 407 26.10 19.01 38.38
N ALA D 408 26.88 19.81 39.10
CA ALA D 408 28.34 19.70 38.99
C ALA D 408 28.82 18.34 39.49
N LYS D 409 28.27 17.87 40.60
CA LYS D 409 28.61 16.54 41.10
C LYS D 409 28.01 15.45 40.23
N LYS D 410 26.81 15.69 39.70
CA LYS D 410 26.15 14.69 38.87
C LYS D 410 26.94 14.40 37.60
N LEU D 411 27.69 15.39 37.10
CA LEU D 411 28.47 15.16 35.89
C LEU D 411 29.70 14.30 36.17
N ALA D 412 30.36 14.51 37.31
CA ALA D 412 31.48 13.65 37.67
C ALA D 412 31.03 12.23 37.93
N GLU D 413 29.84 12.05 38.51
CA GLU D 413 29.31 10.71 38.72
C GLU D 413 29.11 9.98 37.41
N GLU D 414 28.58 10.68 36.39
CA GLU D 414 28.43 10.05 35.09
C GLU D 414 29.78 9.80 34.43
N ALA D 415 30.77 10.65 34.69
CA ALA D 415 32.12 10.38 34.18
C ALA D 415 32.67 9.08 34.75
N LYS D 416 32.55 8.90 36.07
CA LYS D 416 33.02 7.67 36.69
C LYS D 416 32.21 6.47 36.22
N ALA D 417 30.89 6.65 36.03
CA ALA D 417 30.06 5.56 35.54
C ALA D 417 30.47 5.14 34.14
N LYS D 418 30.77 6.11 33.26
CA LYS D 418 31.22 5.77 31.91
C LYS D 418 32.60 5.13 31.93
N LYS D 419 33.48 5.56 32.82
CA LYS D 419 34.78 4.88 32.95
C LYS D 419 34.59 3.43 33.39
N GLU D 420 33.70 3.20 34.36
CA GLU D 420 33.42 1.84 34.80
C GLU D 420 32.81 1.02 33.67
N GLU D 421 31.93 1.61 32.87
CA GLU D 421 31.35 0.90 31.73
C GLU D 421 32.41 0.54 30.71
N ASN D 422 33.35 1.46 30.46
CA ASN D 422 34.44 1.16 29.53
C ASN D 422 35.30 0.03 30.05
N GLU D 423 35.62 0.04 31.35
CA GLU D 423 36.39 -1.04 31.94
C GLU D 423 35.64 -2.37 31.82
N TYR D 424 34.34 -2.35 32.09
CA TYR D 424 33.54 -3.56 31.96
C TYR D 424 33.57 -4.09 30.53
N TRP D 425 33.33 -3.22 29.55
CA TRP D 425 33.30 -3.68 28.18
C TRP D 425 34.66 -4.10 27.66
N LYS D 426 35.74 -3.62 28.28
CA LYS D 426 37.09 -4.03 27.88
C LYS D 426 37.64 -5.16 28.73
N THR D 427 36.88 -5.65 29.71
CA THR D 427 37.31 -6.82 30.48
C THR D 427 36.60 -8.11 30.09
N THR D 428 35.34 -8.05 29.67
CA THR D 428 34.59 -9.26 29.35
C THR D 428 34.81 -9.68 27.90
N ASP D 429 34.50 -10.95 27.64
CA ASP D 429 34.62 -11.57 26.34
C ASP D 429 33.24 -11.85 25.76
N VAL D 430 33.21 -12.57 24.64
CA VAL D 430 31.94 -12.98 24.07
C VAL D 430 31.25 -13.97 24.98
N VAL D 431 32.01 -14.81 25.69
CA VAL D 431 31.39 -15.79 26.58
C VAL D 431 30.52 -15.09 27.61
N THR D 432 31.08 -14.10 28.30
CA THR D 432 30.36 -13.43 29.38
C THR D 432 29.13 -12.69 28.85
N GLU D 433 29.28 -11.95 27.75
CA GLU D 433 28.17 -11.14 27.25
C GLU D 433 27.08 -12.01 26.62
N TYR D 434 27.46 -12.98 25.80
CA TYR D 434 26.48 -13.88 25.23
C TYR D 434 25.78 -14.70 26.31
N THR D 435 26.46 -14.98 27.42
CA THR D 435 25.78 -15.59 28.56
C THR D 435 24.79 -14.61 29.19
N LYS D 436 25.24 -13.39 29.48
CA LYS D 436 24.39 -12.44 30.19
C LYS D 436 23.13 -12.10 29.39
N ASP D 437 23.25 -12.00 28.07
CA ASP D 437 22.08 -11.80 27.24
C ASP D 437 21.16 -13.02 27.22
N LEU D 438 21.65 -14.18 27.68
CA LEU D 438 20.86 -15.40 27.63
C LEU D 438 19.93 -15.58 28.82
N GLU D 439 20.25 -14.99 29.98
CA GLU D 439 19.36 -15.07 31.13
C GLU D 439 18.25 -14.04 31.10
N GLU D 440 18.18 -13.20 30.07
CA GLU D 440 17.10 -12.22 29.95
C GLU D 440 16.12 -12.61 28.87
N ILE D 441 15.95 -13.91 28.63
CA ILE D 441 14.96 -14.36 27.66
C ILE D 441 13.62 -14.67 28.33
N LYS D 442 13.63 -15.32 29.49
CA LYS D 442 12.39 -15.63 30.19
C LYS D 442 11.87 -14.40 30.93
#